data_5EZG
# 
_entry.id   5EZG 
# 
_audit_conform.dict_name       mmcif_pdbx.dic 
_audit_conform.dict_version    5.383 
_audit_conform.dict_location   http://mmcif.pdb.org/dictionaries/ascii/mmcif_pdbx.dic 
# 
loop_
_database_2.database_id 
_database_2.database_code 
_database_2.pdbx_database_accession 
_database_2.pdbx_DOI 
PDB   5EZG         pdb_00005ezg 10.2210/pdb5ezg/pdb 
WWPDB D_1000215725 ?            ?                   
# 
loop_
_pdbx_audit_revision_history.ordinal 
_pdbx_audit_revision_history.data_content_type 
_pdbx_audit_revision_history.major_revision 
_pdbx_audit_revision_history.minor_revision 
_pdbx_audit_revision_history.revision_date 
1 'Structure model' 1 0 2016-02-03 
2 'Structure model' 1 1 2016-02-17 
3 'Structure model' 1 2 2017-09-13 
4 'Structure model' 1 3 2024-01-10 
# 
_pdbx_audit_revision_details.ordinal             1 
_pdbx_audit_revision_details.revision_ordinal    1 
_pdbx_audit_revision_details.data_content_type   'Structure model' 
_pdbx_audit_revision_details.provider            repository 
_pdbx_audit_revision_details.type                'Initial release' 
_pdbx_audit_revision_details.description         ? 
_pdbx_audit_revision_details.details             ? 
# 
loop_
_pdbx_audit_revision_group.ordinal 
_pdbx_audit_revision_group.revision_ordinal 
_pdbx_audit_revision_group.data_content_type 
_pdbx_audit_revision_group.group 
1 2 'Structure model' 'Database references'        
2 3 'Structure model' 'Author supporting evidence' 
3 4 'Structure model' 'Data collection'            
4 4 'Structure model' 'Database references'        
5 4 'Structure model' 'Refinement description'     
# 
loop_
_pdbx_audit_revision_category.ordinal 
_pdbx_audit_revision_category.revision_ordinal 
_pdbx_audit_revision_category.data_content_type 
_pdbx_audit_revision_category.category 
1 3 'Structure model' pdbx_audit_support            
2 4 'Structure model' chem_comp_atom                
3 4 'Structure model' chem_comp_bond                
4 4 'Structure model' database_2                    
5 4 'Structure model' pdbx_initial_refinement_model 
# 
loop_
_pdbx_audit_revision_item.ordinal 
_pdbx_audit_revision_item.revision_ordinal 
_pdbx_audit_revision_item.data_content_type 
_pdbx_audit_revision_item.item 
1 3 'Structure model' '_pdbx_audit_support.funding_organization' 
2 4 'Structure model' '_database_2.pdbx_DOI'                     
3 4 'Structure model' '_database_2.pdbx_database_accession'      
# 
_pdbx_database_status.status_code                     REL 
_pdbx_database_status.status_code_sf                  REL 
_pdbx_database_status.status_code_mr                  ? 
_pdbx_database_status.entry_id                        5EZG 
_pdbx_database_status.recvd_initial_deposition_date   2015-11-26 
_pdbx_database_status.SG_entry                        N 
_pdbx_database_status.deposit_site                    RCSB 
_pdbx_database_status.process_site                    PDBE 
_pdbx_database_status.status_code_cs                  ? 
_pdbx_database_status.methods_development_category    ? 
_pdbx_database_status.pdb_format_compatible           Y 
_pdbx_database_status.status_code_nmr_data            ? 
# 
loop_
_audit_author.name 
_audit_author.pdbx_ordinal 
'Surade, S.'      1 
'Blaszczyk, M.'   2 
'Nikiforov, P.O.' 3 
'Abell, C.'       4 
'Blundell, T.L.'  5 
# 
_citation.abstract                  ? 
_citation.abstract_id_CAS           ? 
_citation.book_id_ISBN              ? 
_citation.book_publisher            ? 
_citation.book_publisher_city       ? 
_citation.book_title                ? 
_citation.coordinate_linkage        ? 
_citation.country                   UK 
_citation.database_id_Medline       ? 
_citation.details                   ? 
_citation.id                        primary 
_citation.journal_abbrev            Org.Biomol.Chem. 
_citation.journal_id_ASTM           ? 
_citation.journal_id_CSD            ? 
_citation.journal_id_ISSN           1477-0539 
_citation.journal_full              ? 
_citation.journal_issue             ? 
_citation.journal_volume            14 
_citation.language                  ? 
_citation.page_first                2318 
_citation.page_last                 2326 
_citation.title                     
;A fragment merging approach towards the development of small molecule inhibitors of Mycobacterium tuberculosis EthR for use as ethionamide boosters.
;
_citation.year                      2016 
_citation.database_id_CSD           ? 
_citation.pdbx_database_id_DOI      10.1039/c5ob02630j 
_citation.pdbx_database_id_PubMed   26806381 
_citation.unpublished_flag          ? 
# 
loop_
_citation_author.citation_id 
_citation_author.name 
_citation_author.ordinal 
_citation_author.identifier_ORCID 
primary 'Nikiforov, P.O.' 1 ? 
primary 'Surade, S.'      2 ? 
primary 'Blaszczyk, M.'   3 ? 
primary 'Delorme, V.'     4 ? 
primary 'Brodin, P.'      5 ? 
primary 'Baulard, A.R.'   6 ? 
primary 'Blundell, T.L.'  7 ? 
primary 'Abell, C.'       8 ? 
# 
loop_
_entity.id 
_entity.type 
_entity.src_method 
_entity.pdbx_description 
_entity.formula_weight 
_entity.pdbx_number_of_molecules 
_entity.pdbx_ec 
_entity.pdbx_mutation 
_entity.pdbx_fragment 
_entity.details 
1 polymer     man 'HTH-type transcriptional regulator EthR'                                25259.254 1  ? ? ? ? 
2 non-polymer syn '~{N}-[(1-pyrimidin-2-ylpiperidin-4-yl)methyl]pyrrolidine-1-carboxamide' 289.376   2  ? ? ? ? 
3 non-polymer syn 'SULFATE ION'                                                            96.063    1  ? ? ? ? 
4 water       nat water                                                                    18.015    90 ? ? ? ? 
# 
_entity_poly.entity_id                      1 
_entity_poly.type                           'polypeptide(L)' 
_entity_poly.nstd_linkage                   no 
_entity_poly.nstd_monomer                   no 
_entity_poly.pdbx_seq_one_letter_code       
;MDIEFTTSAASQASLPRGRRTARPSGDDRELAILATAENLLEDRPLADISVDDLAKGAGISRPTFYFYFPSKEAVLLTLL
DRVVNQADMALQTLAENPADTDRENMWRTGINVFFETFGSHKAVTRAGQAARATSVEVAELWSTFMQKWIAYTAAVIDAE
RDRGAAPRTLPAHELATALNLMNERTLFASFAGEQPSVPEARVLDTLVHIWVTSIYGENRGSHHHHHH
;
_entity_poly.pdbx_seq_one_letter_code_can   
;MDIEFTTSAASQASLPRGRRTARPSGDDRELAILATAENLLEDRPLADISVDDLAKGAGISRPTFYFYFPSKEAVLLTLL
DRVVNQADMALQTLAENPADTDRENMWRTGINVFFETFGSHKAVTRAGQAARATSVEVAELWSTFMQKWIAYTAAVIDAE
RDRGAAPRTLPAHELATALNLMNERTLFASFAGEQPSVPEARVLDTLVHIWVTSIYGENRGSHHHHHH
;
_entity_poly.pdbx_strand_id                 A 
_entity_poly.pdbx_target_identifier         ? 
# 
loop_
_pdbx_entity_nonpoly.entity_id 
_pdbx_entity_nonpoly.name 
_pdbx_entity_nonpoly.comp_id 
2 '~{N}-[(1-pyrimidin-2-ylpiperidin-4-yl)methyl]pyrrolidine-1-carboxamide' 5T4 
3 'SULFATE ION'                                                            SO4 
4 water                                                                    HOH 
# 
loop_
_entity_poly_seq.entity_id 
_entity_poly_seq.num 
_entity_poly_seq.mon_id 
_entity_poly_seq.hetero 
1 1   MET n 
1 2   ASP n 
1 3   ILE n 
1 4   GLU n 
1 5   PHE n 
1 6   THR n 
1 7   THR n 
1 8   SER n 
1 9   ALA n 
1 10  ALA n 
1 11  SER n 
1 12  GLN n 
1 13  ALA n 
1 14  SER n 
1 15  LEU n 
1 16  PRO n 
1 17  ARG n 
1 18  GLY n 
1 19  ARG n 
1 20  ARG n 
1 21  THR n 
1 22  ALA n 
1 23  ARG n 
1 24  PRO n 
1 25  SER n 
1 26  GLY n 
1 27  ASP n 
1 28  ASP n 
1 29  ARG n 
1 30  GLU n 
1 31  LEU n 
1 32  ALA n 
1 33  ILE n 
1 34  LEU n 
1 35  ALA n 
1 36  THR n 
1 37  ALA n 
1 38  GLU n 
1 39  ASN n 
1 40  LEU n 
1 41  LEU n 
1 42  GLU n 
1 43  ASP n 
1 44  ARG n 
1 45  PRO n 
1 46  LEU n 
1 47  ALA n 
1 48  ASP n 
1 49  ILE n 
1 50  SER n 
1 51  VAL n 
1 52  ASP n 
1 53  ASP n 
1 54  LEU n 
1 55  ALA n 
1 56  LYS n 
1 57  GLY n 
1 58  ALA n 
1 59  GLY n 
1 60  ILE n 
1 61  SER n 
1 62  ARG n 
1 63  PRO n 
1 64  THR n 
1 65  PHE n 
1 66  TYR n 
1 67  PHE n 
1 68  TYR n 
1 69  PHE n 
1 70  PRO n 
1 71  SER n 
1 72  LYS n 
1 73  GLU n 
1 74  ALA n 
1 75  VAL n 
1 76  LEU n 
1 77  LEU n 
1 78  THR n 
1 79  LEU n 
1 80  LEU n 
1 81  ASP n 
1 82  ARG n 
1 83  VAL n 
1 84  VAL n 
1 85  ASN n 
1 86  GLN n 
1 87  ALA n 
1 88  ASP n 
1 89  MET n 
1 90  ALA n 
1 91  LEU n 
1 92  GLN n 
1 93  THR n 
1 94  LEU n 
1 95  ALA n 
1 96  GLU n 
1 97  ASN n 
1 98  PRO n 
1 99  ALA n 
1 100 ASP n 
1 101 THR n 
1 102 ASP n 
1 103 ARG n 
1 104 GLU n 
1 105 ASN n 
1 106 MET n 
1 107 TRP n 
1 108 ARG n 
1 109 THR n 
1 110 GLY n 
1 111 ILE n 
1 112 ASN n 
1 113 VAL n 
1 114 PHE n 
1 115 PHE n 
1 116 GLU n 
1 117 THR n 
1 118 PHE n 
1 119 GLY n 
1 120 SER n 
1 121 HIS n 
1 122 LYS n 
1 123 ALA n 
1 124 VAL n 
1 125 THR n 
1 126 ARG n 
1 127 ALA n 
1 128 GLY n 
1 129 GLN n 
1 130 ALA n 
1 131 ALA n 
1 132 ARG n 
1 133 ALA n 
1 134 THR n 
1 135 SER n 
1 136 VAL n 
1 137 GLU n 
1 138 VAL n 
1 139 ALA n 
1 140 GLU n 
1 141 LEU n 
1 142 TRP n 
1 143 SER n 
1 144 THR n 
1 145 PHE n 
1 146 MET n 
1 147 GLN n 
1 148 LYS n 
1 149 TRP n 
1 150 ILE n 
1 151 ALA n 
1 152 TYR n 
1 153 THR n 
1 154 ALA n 
1 155 ALA n 
1 156 VAL n 
1 157 ILE n 
1 158 ASP n 
1 159 ALA n 
1 160 GLU n 
1 161 ARG n 
1 162 ASP n 
1 163 ARG n 
1 164 GLY n 
1 165 ALA n 
1 166 ALA n 
1 167 PRO n 
1 168 ARG n 
1 169 THR n 
1 170 LEU n 
1 171 PRO n 
1 172 ALA n 
1 173 HIS n 
1 174 GLU n 
1 175 LEU n 
1 176 ALA n 
1 177 THR n 
1 178 ALA n 
1 179 LEU n 
1 180 ASN n 
1 181 LEU n 
1 182 MET n 
1 183 ASN n 
1 184 GLU n 
1 185 ARG n 
1 186 THR n 
1 187 LEU n 
1 188 PHE n 
1 189 ALA n 
1 190 SER n 
1 191 PHE n 
1 192 ALA n 
1 193 GLY n 
1 194 GLU n 
1 195 GLN n 
1 196 PRO n 
1 197 SER n 
1 198 VAL n 
1 199 PRO n 
1 200 GLU n 
1 201 ALA n 
1 202 ARG n 
1 203 VAL n 
1 204 LEU n 
1 205 ASP n 
1 206 THR n 
1 207 LEU n 
1 208 VAL n 
1 209 HIS n 
1 210 ILE n 
1 211 TRP n 
1 212 VAL n 
1 213 THR n 
1 214 SER n 
1 215 ILE n 
1 216 TYR n 
1 217 GLY n 
1 218 GLU n 
1 219 ASN n 
1 220 ARG n 
1 221 GLY n 
1 222 SER n 
1 223 HIS n 
1 224 HIS n 
1 225 HIS n 
1 226 HIS n 
1 227 HIS n 
1 228 HIS n 
# 
_entity_src_gen.entity_id                          1 
_entity_src_gen.pdbx_src_id                        1 
_entity_src_gen.pdbx_alt_source_flag               sample 
_entity_src_gen.pdbx_seq_type                      'Biological sequence' 
_entity_src_gen.pdbx_beg_seq_num                   1 
_entity_src_gen.pdbx_end_seq_num                   228 
_entity_src_gen.gene_src_common_name               ? 
_entity_src_gen.gene_src_genus                     ? 
_entity_src_gen.pdbx_gene_src_gene                 'ethR, etaR, MT3970' 
_entity_src_gen.gene_src_species                   ? 
_entity_src_gen.gene_src_strain                    'CDC 1551 / Oshkosh' 
_entity_src_gen.gene_src_tissue                    ? 
_entity_src_gen.gene_src_tissue_fraction           ? 
_entity_src_gen.gene_src_details                   ? 
_entity_src_gen.pdbx_gene_src_fragment             ? 
_entity_src_gen.pdbx_gene_src_scientific_name      'Mycobacterium tuberculosis' 
_entity_src_gen.pdbx_gene_src_ncbi_taxonomy_id     83331 
_entity_src_gen.pdbx_gene_src_variant              ? 
_entity_src_gen.pdbx_gene_src_cell_line            ? 
_entity_src_gen.pdbx_gene_src_atcc                 ? 
_entity_src_gen.pdbx_gene_src_organ                ? 
_entity_src_gen.pdbx_gene_src_organelle            ? 
_entity_src_gen.pdbx_gene_src_cell                 ? 
_entity_src_gen.pdbx_gene_src_cellular_location    ? 
_entity_src_gen.host_org_common_name               ? 
_entity_src_gen.pdbx_host_org_scientific_name      'Escherichia coli' 
_entity_src_gen.pdbx_host_org_ncbi_taxonomy_id     562 
_entity_src_gen.host_org_genus                     ? 
_entity_src_gen.pdbx_host_org_gene                 ? 
_entity_src_gen.pdbx_host_org_organ                ? 
_entity_src_gen.host_org_species                   ? 
_entity_src_gen.pdbx_host_org_tissue               ? 
_entity_src_gen.pdbx_host_org_tissue_fraction      ? 
_entity_src_gen.pdbx_host_org_strain               ? 
_entity_src_gen.pdbx_host_org_variant              ? 
_entity_src_gen.pdbx_host_org_cell_line            ? 
_entity_src_gen.pdbx_host_org_atcc                 ? 
_entity_src_gen.pdbx_host_org_culture_collection   ? 
_entity_src_gen.pdbx_host_org_cell                 ? 
_entity_src_gen.pdbx_host_org_organelle            ? 
_entity_src_gen.pdbx_host_org_cellular_location    ? 
_entity_src_gen.pdbx_host_org_vector_type          ? 
_entity_src_gen.pdbx_host_org_vector               ? 
_entity_src_gen.host_org_details                   ? 
_entity_src_gen.expression_system_id               ? 
_entity_src_gen.plasmid_name                       ? 
_entity_src_gen.plasmid_details                    ? 
_entity_src_gen.pdbx_description                   ? 
# 
loop_
_chem_comp.id 
_chem_comp.type 
_chem_comp.mon_nstd_flag 
_chem_comp.name 
_chem_comp.pdbx_synonyms 
_chem_comp.formula 
_chem_comp.formula_weight 
5T4 non-polymer         . '~{N}-[(1-pyrimidin-2-ylpiperidin-4-yl)methyl]pyrrolidine-1-carboxamide' ? 'C15 H23 N5 O'   289.376 
ALA 'L-peptide linking' y ALANINE                                                                  ? 'C3 H7 N O2'     89.093  
ARG 'L-peptide linking' y ARGININE                                                                 ? 'C6 H15 N4 O2 1' 175.209 
ASN 'L-peptide linking' y ASPARAGINE                                                               ? 'C4 H8 N2 O3'    132.118 
ASP 'L-peptide linking' y 'ASPARTIC ACID'                                                          ? 'C4 H7 N O4'     133.103 
GLN 'L-peptide linking' y GLUTAMINE                                                                ? 'C5 H10 N2 O3'   146.144 
GLU 'L-peptide linking' y 'GLUTAMIC ACID'                                                          ? 'C5 H9 N O4'     147.129 
GLY 'peptide linking'   y GLYCINE                                                                  ? 'C2 H5 N O2'     75.067  
HIS 'L-peptide linking' y HISTIDINE                                                                ? 'C6 H10 N3 O2 1' 156.162 
HOH non-polymer         . WATER                                                                    ? 'H2 O'           18.015  
ILE 'L-peptide linking' y ISOLEUCINE                                                               ? 'C6 H13 N O2'    131.173 
LEU 'L-peptide linking' y LEUCINE                                                                  ? 'C6 H13 N O2'    131.173 
LYS 'L-peptide linking' y LYSINE                                                                   ? 'C6 H15 N2 O2 1' 147.195 
MET 'L-peptide linking' y METHIONINE                                                               ? 'C5 H11 N O2 S'  149.211 
PHE 'L-peptide linking' y PHENYLALANINE                                                            ? 'C9 H11 N O2'    165.189 
PRO 'L-peptide linking' y PROLINE                                                                  ? 'C5 H9 N O2'     115.130 
SER 'L-peptide linking' y SERINE                                                                   ? 'C3 H7 N O3'     105.093 
SO4 non-polymer         . 'SULFATE ION'                                                            ? 'O4 S -2'        96.063  
THR 'L-peptide linking' y THREONINE                                                                ? 'C4 H9 N O3'     119.119 
TRP 'L-peptide linking' y TRYPTOPHAN                                                               ? 'C11 H12 N2 O2'  204.225 
TYR 'L-peptide linking' y TYROSINE                                                                 ? 'C9 H11 N O3'    181.189 
VAL 'L-peptide linking' y VALINE                                                                   ? 'C5 H11 N O2'    117.146 
# 
loop_
_pdbx_poly_seq_scheme.asym_id 
_pdbx_poly_seq_scheme.entity_id 
_pdbx_poly_seq_scheme.seq_id 
_pdbx_poly_seq_scheme.mon_id 
_pdbx_poly_seq_scheme.ndb_seq_num 
_pdbx_poly_seq_scheme.pdb_seq_num 
_pdbx_poly_seq_scheme.auth_seq_num 
_pdbx_poly_seq_scheme.pdb_mon_id 
_pdbx_poly_seq_scheme.auth_mon_id 
_pdbx_poly_seq_scheme.pdb_strand_id 
_pdbx_poly_seq_scheme.pdb_ins_code 
_pdbx_poly_seq_scheme.hetero 
A 1 1   MET 1   -3  ?   ?   ?   A . n 
A 1 2   ASP 2   -2  ?   ?   ?   A . n 
A 1 3   ILE 3   -1  ?   ?   ?   A . n 
A 1 4   GLU 4   0   ?   ?   ?   A . n 
A 1 5   PHE 5   1   ?   ?   ?   A . n 
A 1 6   THR 6   2   ?   ?   ?   A . n 
A 1 7   THR 7   3   ?   ?   ?   A . n 
A 1 8   SER 8   4   ?   ?   ?   A . n 
A 1 9   ALA 9   5   ?   ?   ?   A . n 
A 1 10  ALA 10  6   ?   ?   ?   A . n 
A 1 11  SER 11  7   ?   ?   ?   A . n 
A 1 12  GLN 12  8   ?   ?   ?   A . n 
A 1 13  ALA 13  9   ?   ?   ?   A . n 
A 1 14  SER 14  10  ?   ?   ?   A . n 
A 1 15  LEU 15  11  ?   ?   ?   A . n 
A 1 16  PRO 16  12  ?   ?   ?   A . n 
A 1 17  ARG 17  13  ?   ?   ?   A . n 
A 1 18  GLY 18  14  ?   ?   ?   A . n 
A 1 19  ARG 19  15  ?   ?   ?   A . n 
A 1 20  ARG 20  16  ?   ?   ?   A . n 
A 1 21  THR 21  17  ?   ?   ?   A . n 
A 1 22  ALA 22  18  ?   ?   ?   A . n 
A 1 23  ARG 23  19  ?   ?   ?   A . n 
A 1 24  PRO 24  20  ?   ?   ?   A . n 
A 1 25  SER 25  21  ?   ?   ?   A . n 
A 1 26  GLY 26  22  22  GLY GLY A . n 
A 1 27  ASP 27  23  23  ASP ASP A . n 
A 1 28  ASP 28  24  24  ASP ASP A . n 
A 1 29  ARG 29  25  25  ARG ARG A . n 
A 1 30  GLU 30  26  26  GLU GLU A . n 
A 1 31  LEU 31  27  27  LEU LEU A . n 
A 1 32  ALA 32  28  28  ALA ALA A . n 
A 1 33  ILE 33  29  29  ILE ILE A . n 
A 1 34  LEU 34  30  30  LEU LEU A . n 
A 1 35  ALA 35  31  31  ALA ALA A . n 
A 1 36  THR 36  32  32  THR THR A . n 
A 1 37  ALA 37  33  33  ALA ALA A . n 
A 1 38  GLU 38  34  34  GLU GLU A . n 
A 1 39  ASN 39  35  35  ASN ASN A . n 
A 1 40  LEU 40  36  36  LEU LEU A . n 
A 1 41  LEU 41  37  37  LEU LEU A . n 
A 1 42  GLU 42  38  38  GLU GLU A . n 
A 1 43  ASP 43  39  39  ASP ASP A . n 
A 1 44  ARG 44  40  40  ARG ARG A . n 
A 1 45  PRO 45  41  41  PRO PRO A . n 
A 1 46  LEU 46  42  42  LEU LEU A . n 
A 1 47  ALA 47  43  43  ALA ALA A . n 
A 1 48  ASP 48  44  44  ASP ASP A . n 
A 1 49  ILE 49  45  45  ILE ILE A . n 
A 1 50  SER 50  46  46  SER SER A . n 
A 1 51  VAL 51  47  47  VAL VAL A . n 
A 1 52  ASP 52  48  48  ASP ASP A . n 
A 1 53  ASP 53  49  49  ASP ASP A . n 
A 1 54  LEU 54  50  50  LEU LEU A . n 
A 1 55  ALA 55  51  51  ALA ALA A . n 
A 1 56  LYS 56  52  52  LYS LYS A . n 
A 1 57  GLY 57  53  53  GLY GLY A . n 
A 1 58  ALA 58  54  54  ALA ALA A . n 
A 1 59  GLY 59  55  55  GLY GLY A . n 
A 1 60  ILE 60  56  56  ILE ILE A . n 
A 1 61  SER 61  57  57  SER SER A . n 
A 1 62  ARG 62  58  58  ARG ARG A . n 
A 1 63  PRO 63  59  59  PRO PRO A . n 
A 1 64  THR 64  60  60  THR THR A . n 
A 1 65  PHE 65  61  61  PHE PHE A . n 
A 1 66  TYR 66  62  62  TYR TYR A . n 
A 1 67  PHE 67  63  63  PHE PHE A . n 
A 1 68  TYR 68  64  64  TYR TYR A . n 
A 1 69  PHE 69  65  65  PHE PHE A . n 
A 1 70  PRO 70  66  66  PRO PRO A . n 
A 1 71  SER 71  67  67  SER SER A . n 
A 1 72  LYS 72  68  68  LYS LYS A . n 
A 1 73  GLU 73  69  69  GLU GLU A . n 
A 1 74  ALA 74  70  70  ALA ALA A . n 
A 1 75  VAL 75  71  71  VAL VAL A . n 
A 1 76  LEU 76  72  72  LEU LEU A . n 
A 1 77  LEU 77  73  73  LEU LEU A . n 
A 1 78  THR 78  74  74  THR THR A . n 
A 1 79  LEU 79  75  75  LEU LEU A . n 
A 1 80  LEU 80  76  76  LEU LEU A . n 
A 1 81  ASP 81  77  77  ASP ASP A . n 
A 1 82  ARG 82  78  78  ARG ARG A . n 
A 1 83  VAL 83  79  79  VAL VAL A . n 
A 1 84  VAL 84  80  80  VAL VAL A . n 
A 1 85  ASN 85  81  81  ASN ASN A . n 
A 1 86  GLN 86  82  82  GLN GLN A . n 
A 1 87  ALA 87  83  83  ALA ALA A . n 
A 1 88  ASP 88  84  84  ASP ASP A . n 
A 1 89  MET 89  85  85  MET MET A . n 
A 1 90  ALA 90  86  86  ALA ALA A . n 
A 1 91  LEU 91  87  87  LEU LEU A . n 
A 1 92  GLN 92  88  88  GLN GLN A . n 
A 1 93  THR 93  89  89  THR THR A . n 
A 1 94  LEU 94  90  90  LEU LEU A . n 
A 1 95  ALA 95  91  91  ALA ALA A . n 
A 1 96  GLU 96  92  92  GLU GLU A . n 
A 1 97  ASN 97  93  93  ASN ASN A . n 
A 1 98  PRO 98  94  94  PRO PRO A . n 
A 1 99  ALA 99  95  95  ALA ALA A . n 
A 1 100 ASP 100 96  96  ASP ASP A . n 
A 1 101 THR 101 97  97  THR THR A . n 
A 1 102 ASP 102 98  98  ASP ASP A . n 
A 1 103 ARG 103 99  99  ARG ARG A . n 
A 1 104 GLU 104 100 100 GLU GLU A . n 
A 1 105 ASN 105 101 101 ASN ASN A . n 
A 1 106 MET 106 102 102 MET MET A . n 
A 1 107 TRP 107 103 103 TRP TRP A . n 
A 1 108 ARG 108 104 104 ARG ARG A . n 
A 1 109 THR 109 105 105 THR THR A . n 
A 1 110 GLY 110 106 106 GLY GLY A . n 
A 1 111 ILE 111 107 107 ILE ILE A . n 
A 1 112 ASN 112 108 108 ASN ASN A . n 
A 1 113 VAL 113 109 109 VAL VAL A . n 
A 1 114 PHE 114 110 110 PHE PHE A . n 
A 1 115 PHE 115 111 111 PHE PHE A . n 
A 1 116 GLU 116 112 112 GLU GLU A . n 
A 1 117 THR 117 113 113 THR THR A . n 
A 1 118 PHE 118 114 114 PHE PHE A . n 
A 1 119 GLY 119 115 115 GLY GLY A . n 
A 1 120 SER 120 116 116 SER SER A . n 
A 1 121 HIS 121 117 117 HIS HIS A . n 
A 1 122 LYS 122 118 118 LYS LYS A . n 
A 1 123 ALA 123 119 119 ALA ALA A . n 
A 1 124 VAL 124 120 120 VAL VAL A . n 
A 1 125 THR 125 121 121 THR THR A . n 
A 1 126 ARG 126 122 122 ARG ARG A . n 
A 1 127 ALA 127 123 123 ALA ALA A . n 
A 1 128 GLY 128 124 124 GLY GLY A . n 
A 1 129 GLN 129 125 125 GLN GLN A . n 
A 1 130 ALA 130 126 126 ALA ALA A . n 
A 1 131 ALA 131 127 127 ALA ALA A . n 
A 1 132 ARG 132 128 128 ARG ARG A . n 
A 1 133 ALA 133 129 129 ALA ALA A . n 
A 1 134 THR 134 130 130 THR THR A . n 
A 1 135 SER 135 131 131 SER SER A . n 
A 1 136 VAL 136 132 132 VAL VAL A . n 
A 1 137 GLU 137 133 133 GLU GLU A . n 
A 1 138 VAL 138 134 134 VAL VAL A . n 
A 1 139 ALA 139 135 135 ALA ALA A . n 
A 1 140 GLU 140 136 136 GLU GLU A . n 
A 1 141 LEU 141 137 137 LEU LEU A . n 
A 1 142 TRP 142 138 138 TRP TRP A . n 
A 1 143 SER 143 139 139 SER SER A . n 
A 1 144 THR 144 140 140 THR THR A . n 
A 1 145 PHE 145 141 141 PHE PHE A . n 
A 1 146 MET 146 142 142 MET MET A . n 
A 1 147 GLN 147 143 143 GLN GLN A . n 
A 1 148 LYS 148 144 144 LYS LYS A . n 
A 1 149 TRP 149 145 145 TRP TRP A . n 
A 1 150 ILE 150 146 146 ILE ILE A . n 
A 1 151 ALA 151 147 147 ALA ALA A . n 
A 1 152 TYR 152 148 148 TYR TYR A . n 
A 1 153 THR 153 149 149 THR THR A . n 
A 1 154 ALA 154 150 150 ALA ALA A . n 
A 1 155 ALA 155 151 151 ALA ALA A . n 
A 1 156 VAL 156 152 152 VAL VAL A . n 
A 1 157 ILE 157 153 153 ILE ILE A . n 
A 1 158 ASP 158 154 154 ASP ASP A . n 
A 1 159 ALA 159 155 155 ALA ALA A . n 
A 1 160 GLU 160 156 156 GLU GLU A . n 
A 1 161 ARG 161 157 157 ARG ARG A . n 
A 1 162 ASP 162 158 158 ASP ASP A . n 
A 1 163 ARG 163 159 159 ARG ARG A . n 
A 1 164 GLY 164 160 160 GLY GLY A . n 
A 1 165 ALA 165 161 161 ALA ALA A . n 
A 1 166 ALA 166 162 162 ALA ALA A . n 
A 1 167 PRO 167 163 163 PRO PRO A . n 
A 1 168 ARG 168 164 164 ARG ARG A . n 
A 1 169 THR 169 165 165 THR THR A . n 
A 1 170 LEU 170 166 166 LEU LEU A . n 
A 1 171 PRO 171 167 167 PRO PRO A . n 
A 1 172 ALA 172 168 168 ALA ALA A . n 
A 1 173 HIS 173 169 169 HIS HIS A . n 
A 1 174 GLU 174 170 170 GLU GLU A . n 
A 1 175 LEU 175 171 171 LEU LEU A . n 
A 1 176 ALA 176 172 172 ALA ALA A . n 
A 1 177 THR 177 173 173 THR THR A . n 
A 1 178 ALA 178 174 174 ALA ALA A . n 
A 1 179 LEU 179 175 175 LEU LEU A . n 
A 1 180 ASN 180 176 176 ASN ASN A . n 
A 1 181 LEU 181 177 177 LEU LEU A . n 
A 1 182 MET 182 178 178 MET MET A . n 
A 1 183 ASN 183 179 179 ASN ASN A . n 
A 1 184 GLU 184 180 180 GLU GLU A . n 
A 1 185 ARG 185 181 181 ARG ARG A . n 
A 1 186 THR 186 182 182 THR THR A . n 
A 1 187 LEU 187 183 183 LEU LEU A . n 
A 1 188 PHE 188 184 184 PHE PHE A . n 
A 1 189 ALA 189 185 185 ALA ALA A . n 
A 1 190 SER 190 186 186 SER SER A . n 
A 1 191 PHE 191 187 187 PHE PHE A . n 
A 1 192 ALA 192 188 188 ALA ALA A . n 
A 1 193 GLY 193 189 189 GLY GLY A . n 
A 1 194 GLU 194 190 190 GLU GLU A . n 
A 1 195 GLN 195 191 191 GLN GLN A . n 
A 1 196 PRO 196 192 192 PRO PRO A . n 
A 1 197 SER 197 193 193 SER SER A . n 
A 1 198 VAL 198 194 194 VAL VAL A . n 
A 1 199 PRO 199 195 195 PRO PRO A . n 
A 1 200 GLU 200 196 196 GLU GLU A . n 
A 1 201 ALA 201 197 197 ALA ALA A . n 
A 1 202 ARG 202 198 198 ARG ARG A . n 
A 1 203 VAL 203 199 199 VAL VAL A . n 
A 1 204 LEU 204 200 200 LEU LEU A . n 
A 1 205 ASP 205 201 201 ASP ASP A . n 
A 1 206 THR 206 202 202 THR THR A . n 
A 1 207 LEU 207 203 203 LEU LEU A . n 
A 1 208 VAL 208 204 204 VAL VAL A . n 
A 1 209 HIS 209 205 205 HIS HIS A . n 
A 1 210 ILE 210 206 206 ILE ILE A . n 
A 1 211 TRP 211 207 207 TRP TRP A . n 
A 1 212 VAL 212 208 208 VAL VAL A . n 
A 1 213 THR 213 209 209 THR THR A . n 
A 1 214 SER 214 210 210 SER SER A . n 
A 1 215 ILE 215 211 211 ILE ILE A . n 
A 1 216 TYR 216 212 212 TYR TYR A . n 
A 1 217 GLY 217 213 213 GLY GLY A . n 
A 1 218 GLU 218 214 214 GLU GLU A . n 
A 1 219 ASN 219 215 ?   ?   ?   A . n 
A 1 220 ARG 220 216 ?   ?   ?   A . n 
A 1 221 GLY 221 217 ?   ?   ?   A . n 
A 1 222 SER 222 218 ?   ?   ?   A . n 
A 1 223 HIS 223 219 ?   ?   ?   A . n 
A 1 224 HIS 224 220 ?   ?   ?   A . n 
A 1 225 HIS 225 221 ?   ?   ?   A . n 
A 1 226 HIS 226 222 ?   ?   ?   A . n 
A 1 227 HIS 227 223 ?   ?   ?   A . n 
A 1 228 HIS 228 224 ?   ?   ?   A . n 
# 
loop_
_pdbx_nonpoly_scheme.asym_id 
_pdbx_nonpoly_scheme.entity_id 
_pdbx_nonpoly_scheme.mon_id 
_pdbx_nonpoly_scheme.ndb_seq_num 
_pdbx_nonpoly_scheme.pdb_seq_num 
_pdbx_nonpoly_scheme.auth_seq_num 
_pdbx_nonpoly_scheme.pdb_mon_id 
_pdbx_nonpoly_scheme.auth_mon_id 
_pdbx_nonpoly_scheme.pdb_strand_id 
_pdbx_nonpoly_scheme.pdb_ins_code 
B 2 5T4 1  301 1  5T4 741 A . 
C 2 5T4 1  302 1  5T4 741 A . 
D 3 SO4 1  303 1  SO4 SO4 A . 
E 4 HOH 1  401 48 HOH HOH A . 
E 4 HOH 2  402 59 HOH HOH A . 
E 4 HOH 3  403 30 HOH HOH A . 
E 4 HOH 4  404 25 HOH HOH A . 
E 4 HOH 5  405 14 HOH HOH A . 
E 4 HOH 6  406 78 HOH HOH A . 
E 4 HOH 7  407 8  HOH HOH A . 
E 4 HOH 8  408 46 HOH HOH A . 
E 4 HOH 9  409 44 HOH HOH A . 
E 4 HOH 10 410 21 HOH HOH A . 
E 4 HOH 11 411 62 HOH HOH A . 
E 4 HOH 12 412 58 HOH HOH A . 
E 4 HOH 13 413 57 HOH HOH A . 
E 4 HOH 14 414 64 HOH HOH A . 
E 4 HOH 15 415 19 HOH HOH A . 
E 4 HOH 16 416 6  HOH HOH A . 
E 4 HOH 17 417 23 HOH HOH A . 
E 4 HOH 18 418 18 HOH HOH A . 
E 4 HOH 19 419 4  HOH HOH A . 
E 4 HOH 20 420 3  HOH HOH A . 
E 4 HOH 21 421 41 HOH HOH A . 
E 4 HOH 22 422 42 HOH HOH A . 
E 4 HOH 23 423 31 HOH HOH A . 
E 4 HOH 24 424 28 HOH HOH A . 
E 4 HOH 25 425 20 HOH HOH A . 
E 4 HOH 26 426 11 HOH HOH A . 
E 4 HOH 27 427 32 HOH HOH A . 
E 4 HOH 28 428 38 HOH HOH A . 
E 4 HOH 29 429 17 HOH HOH A . 
E 4 HOH 30 430 51 HOH HOH A . 
E 4 HOH 31 431 10 HOH HOH A . 
E 4 HOH 32 432 63 HOH HOH A . 
E 4 HOH 33 433 13 HOH HOH A . 
E 4 HOH 34 434 55 HOH HOH A . 
E 4 HOH 35 435 9  HOH HOH A . 
E 4 HOH 36 436 7  HOH HOH A . 
E 4 HOH 37 437 56 HOH HOH A . 
E 4 HOH 38 438 72 HOH HOH A . 
E 4 HOH 39 439 76 HOH HOH A . 
E 4 HOH 40 440 69 HOH HOH A . 
E 4 HOH 41 441 26 HOH HOH A . 
E 4 HOH 42 442 35 HOH HOH A . 
E 4 HOH 43 443 39 HOH HOH A . 
E 4 HOH 44 444 5  HOH HOH A . 
E 4 HOH 45 445 70 HOH HOH A . 
E 4 HOH 46 446 1  HOH HOH A . 
E 4 HOH 47 447 43 HOH HOH A . 
E 4 HOH 48 448 47 HOH HOH A . 
E 4 HOH 49 449 15 HOH HOH A . 
E 4 HOH 50 450 2  HOH HOH A . 
E 4 HOH 51 451 24 HOH HOH A . 
E 4 HOH 52 452 52 HOH HOH A . 
E 4 HOH 53 453 74 HOH HOH A . 
E 4 HOH 54 454 45 HOH HOH A . 
E 4 HOH 55 455 22 HOH HOH A . 
E 4 HOH 56 456 27 HOH HOH A . 
E 4 HOH 57 457 60 HOH HOH A . 
E 4 HOH 58 458 16 HOH HOH A . 
E 4 HOH 59 459 68 HOH HOH A . 
E 4 HOH 60 460 53 HOH HOH A . 
E 4 HOH 61 461 12 HOH HOH A . 
E 4 HOH 62 462 49 HOH HOH A . 
E 4 HOH 63 463 86 HOH HOH A . 
E 4 HOH 64 464 65 HOH HOH A . 
E 4 HOH 65 465 50 HOH HOH A . 
E 4 HOH 66 466 61 HOH HOH A . 
E 4 HOH 67 467 83 HOH HOH A . 
E 4 HOH 68 468 77 HOH HOH A . 
E 4 HOH 69 469 67 HOH HOH A . 
E 4 HOH 70 470 71 HOH HOH A . 
E 4 HOH 71 471 84 HOH HOH A . 
E 4 HOH 72 472 40 HOH HOH A . 
E 4 HOH 73 473 87 HOH HOH A . 
E 4 HOH 74 474 80 HOH HOH A . 
E 4 HOH 75 475 34 HOH HOH A . 
E 4 HOH 76 476 82 HOH HOH A . 
E 4 HOH 77 477 85 HOH HOH A . 
E 4 HOH 78 478 54 HOH HOH A . 
E 4 HOH 79 479 79 HOH HOH A . 
E 4 HOH 80 480 81 HOH HOH A . 
E 4 HOH 81 481 33 HOH HOH A . 
E 4 HOH 82 482 37 HOH HOH A . 
E 4 HOH 83 483 36 HOH HOH A . 
E 4 HOH 84 484 75 HOH HOH A . 
E 4 HOH 85 485 73 HOH HOH A . 
E 4 HOH 86 486 29 HOH HOH A . 
E 4 HOH 87 487 90 HOH HOH A . 
E 4 HOH 88 488 88 HOH HOH A . 
E 4 HOH 89 489 66 HOH HOH A . 
E 4 HOH 90 490 89 HOH HOH A . 
# 
loop_
_pdbx_unobs_or_zero_occ_atoms.id 
_pdbx_unobs_or_zero_occ_atoms.PDB_model_num 
_pdbx_unobs_or_zero_occ_atoms.polymer_flag 
_pdbx_unobs_or_zero_occ_atoms.occupancy_flag 
_pdbx_unobs_or_zero_occ_atoms.auth_asym_id 
_pdbx_unobs_or_zero_occ_atoms.auth_comp_id 
_pdbx_unobs_or_zero_occ_atoms.auth_seq_id 
_pdbx_unobs_or_zero_occ_atoms.PDB_ins_code 
_pdbx_unobs_or_zero_occ_atoms.auth_atom_id 
_pdbx_unobs_or_zero_occ_atoms.label_alt_id 
_pdbx_unobs_or_zero_occ_atoms.label_asym_id 
_pdbx_unobs_or_zero_occ_atoms.label_comp_id 
_pdbx_unobs_or_zero_occ_atoms.label_seq_id 
_pdbx_unobs_or_zero_occ_atoms.label_atom_id 
1  1 Y 1 A ASP 23  ? CG  ? A ASP 27  CG  
2  1 Y 1 A ASP 23  ? OD1 ? A ASP 27  OD1 
3  1 Y 1 A ASP 23  ? OD2 ? A ASP 27  OD2 
4  1 Y 1 A ARG 25  ? CD  ? A ARG 29  CD  
5  1 Y 1 A ARG 25  ? NE  ? A ARG 29  NE  
6  1 Y 1 A ARG 25  ? CZ  ? A ARG 29  CZ  
7  1 Y 1 A ARG 25  ? NH1 ? A ARG 29  NH1 
8  1 Y 1 A ARG 25  ? NH2 ? A ARG 29  NH2 
9  1 Y 1 A LYS 52  ? CG  ? A LYS 56  CG  
10 1 Y 1 A LYS 52  ? CD  ? A LYS 56  CD  
11 1 Y 1 A LYS 52  ? CE  ? A LYS 56  CE  
12 1 Y 1 A LYS 52  ? NZ  ? A LYS 56  NZ  
13 1 Y 1 A GLU 214 ? CD  ? A GLU 218 CD  
14 1 Y 1 A GLU 214 ? OE1 ? A GLU 218 OE1 
15 1 Y 1 A GLU 214 ? OE2 ? A GLU 218 OE2 
# 
loop_
_software.citation_id 
_software.classification 
_software.compiler_name 
_software.compiler_version 
_software.contact_author 
_software.contact_author_email 
_software.date 
_software.description 
_software.dependencies 
_software.hardware 
_software.language 
_software.location 
_software.mods 
_software.name 
_software.os 
_software.os_version 
_software.type 
_software.version 
_software.pdbx_ordinal 
? 'data scaling'    ? ? ? ? ? ? ? ? ? ? ? Aimless     ? ? ? 0.1.29    1 
? phasing           ? ? ? ? ? ? ? ? ? ? ? PHASER      ? ? ? 2.3.0     2 
? refinement        ? ? ? ? ? ? ? ? ? ? ? REFMAC      ? ? ? 5.6.0.117 3 
? 'data extraction' ? ? ? ? ? ? ? ? ? ? ? PDB_EXTRACT ? ? ? 3.15      4 
? 'data reduction'  ? ? ? ? ? ? ? ? ? ? ? xia2        ? ? ? .         5 
? phasing           ? ? ? ? ? ? ? ? ? ? ? PHASER      ? ? ? .         6 
# 
_cell.angle_alpha                  90.000 
_cell.angle_alpha_esd              ? 
_cell.angle_beta                   90.000 
_cell.angle_beta_esd               ? 
_cell.angle_gamma                  90.000 
_cell.angle_gamma_esd              ? 
_cell.entry_id                     5EZG 
_cell.details                      ? 
_cell.formula_units_Z              ? 
_cell.length_a                     121.490 
_cell.length_a_esd                 ? 
_cell.length_b                     121.490 
_cell.length_b_esd                 ? 
_cell.length_c                     33.840 
_cell.length_c_esd                 ? 
_cell.volume                       ? 
_cell.volume_esd                   ? 
_cell.Z_PDB                        8 
_cell.reciprocal_angle_alpha       ? 
_cell.reciprocal_angle_beta        ? 
_cell.reciprocal_angle_gamma       ? 
_cell.reciprocal_angle_alpha_esd   ? 
_cell.reciprocal_angle_beta_esd    ? 
_cell.reciprocal_angle_gamma_esd   ? 
_cell.reciprocal_length_a          ? 
_cell.reciprocal_length_b          ? 
_cell.reciprocal_length_c          ? 
_cell.reciprocal_length_a_esd      ? 
_cell.reciprocal_length_b_esd      ? 
_cell.reciprocal_length_c_esd      ? 
_cell.pdbx_unique_axis             ? 
# 
_symmetry.entry_id                         5EZG 
_symmetry.cell_setting                     ? 
_symmetry.Int_Tables_number                92 
_symmetry.space_group_name_Hall            ? 
_symmetry.space_group_name_H-M             'P 41 21 2' 
_symmetry.pdbx_full_space_group_name_H-M   ? 
# 
_exptl.absorpt_coefficient_mu     ? 
_exptl.absorpt_correction_T_max   ? 
_exptl.absorpt_correction_T_min   ? 
_exptl.absorpt_correction_type    ? 
_exptl.absorpt_process_details    ? 
_exptl.entry_id                   5EZG 
_exptl.crystals_number            1 
_exptl.details                    ? 
_exptl.method                     'X-RAY DIFFRACTION' 
_exptl.method_details             ? 
# 
_exptl_crystal.colour                      ? 
_exptl_crystal.density_diffrn              ? 
_exptl_crystal.density_Matthews            2.47 
_exptl_crystal.density_method              ? 
_exptl_crystal.density_percent_sol         50.24 
_exptl_crystal.description                 ? 
_exptl_crystal.F_000                       ? 
_exptl_crystal.id                          1 
_exptl_crystal.preparation                 ? 
_exptl_crystal.size_max                    ? 
_exptl_crystal.size_mid                    ? 
_exptl_crystal.size_min                    ? 
_exptl_crystal.size_rad                    ? 
_exptl_crystal.colour_lustre               ? 
_exptl_crystal.colour_modifier             ? 
_exptl_crystal.colour_primary              ? 
_exptl_crystal.density_meas                ? 
_exptl_crystal.density_meas_esd            ? 
_exptl_crystal.density_meas_gt             ? 
_exptl_crystal.density_meas_lt             ? 
_exptl_crystal.density_meas_temp           ? 
_exptl_crystal.density_meas_temp_esd       ? 
_exptl_crystal.density_meas_temp_gt        ? 
_exptl_crystal.density_meas_temp_lt        ? 
_exptl_crystal.pdbx_crystal_image_url      ? 
_exptl_crystal.pdbx_crystal_image_format   ? 
_exptl_crystal.pdbx_mosaicity              ? 
_exptl_crystal.pdbx_mosaicity_esd          ? 
# 
_exptl_crystal_grow.apparatus       ? 
_exptl_crystal_grow.atmosphere      ? 
_exptl_crystal_grow.crystal_id      1 
_exptl_crystal_grow.details         ? 
_exptl_crystal_grow.method          'VAPOR DIFFUSION, SITTING DROP' 
_exptl_crystal_grow.method_ref      ? 
_exptl_crystal_grow.pH              6.5 
_exptl_crystal_grow.pressure        ? 
_exptl_crystal_grow.pressure_esd    ? 
_exptl_crystal_grow.seeding         ? 
_exptl_crystal_grow.seeding_ref     ? 
_exptl_crystal_grow.temp            295 
_exptl_crystal_grow.temp_details    ? 
_exptl_crystal_grow.temp_esd        ? 
_exptl_crystal_grow.time            ? 
_exptl_crystal_grow.pdbx_details    'Ammonium sulphate, Glycerol, MES' 
_exptl_crystal_grow.pdbx_pH_range   '6.3 - 6.5' 
# 
_diffrn.ambient_environment    ? 
_diffrn.ambient_temp           100 
_diffrn.ambient_temp_details   ? 
_diffrn.ambient_temp_esd       ? 
_diffrn.crystal_id             1 
_diffrn.crystal_support        ? 
_diffrn.crystal_treatment      ? 
_diffrn.details                ? 
_diffrn.id                     1 
_diffrn.ambient_pressure       ? 
_diffrn.ambient_pressure_esd   ? 
_diffrn.ambient_pressure_gt    ? 
_diffrn.ambient_pressure_lt    ? 
_diffrn.ambient_temp_gt        ? 
_diffrn.ambient_temp_lt        ? 
# 
_diffrn_detector.details                      ? 
_diffrn_detector.detector                     PIXEL 
_diffrn_detector.diffrn_id                    1 
_diffrn_detector.type                         'DECTRIS PILATUS 6M' 
_diffrn_detector.area_resol_mean              ? 
_diffrn_detector.dtime                        ? 
_diffrn_detector.pdbx_frames_total            ? 
_diffrn_detector.pdbx_collection_time_total   ? 
_diffrn_detector.pdbx_collection_date         2013-12-11 
# 
_diffrn_radiation.collimation                      ? 
_diffrn_radiation.diffrn_id                        1 
_diffrn_radiation.filter_edge                      ? 
_diffrn_radiation.inhomogeneity                    ? 
_diffrn_radiation.monochromator                    ? 
_diffrn_radiation.polarisn_norm                    ? 
_diffrn_radiation.polarisn_ratio                   ? 
_diffrn_radiation.probe                            ? 
_diffrn_radiation.type                             ? 
_diffrn_radiation.xray_symbol                      ? 
_diffrn_radiation.wavelength_id                    1 
_diffrn_radiation.pdbx_monochromatic_or_laue_m_l   M 
_diffrn_radiation.pdbx_wavelength_list             ? 
_diffrn_radiation.pdbx_wavelength                  ? 
_diffrn_radiation.pdbx_diffrn_protocol             'SINGLE WAVELENGTH' 
_diffrn_radiation.pdbx_analyzer                    ? 
_diffrn_radiation.pdbx_scattering_type             x-ray 
# 
_diffrn_radiation_wavelength.id           1 
_diffrn_radiation_wavelength.wavelength   0.97943 
_diffrn_radiation_wavelength.wt           1.0 
# 
_diffrn_source.current                     ? 
_diffrn_source.details                     ? 
_diffrn_source.diffrn_id                   1 
_diffrn_source.power                       ? 
_diffrn_source.size                        ? 
_diffrn_source.source                      SYNCHROTRON 
_diffrn_source.target                      ? 
_diffrn_source.type                        'DIAMOND BEAMLINE I04' 
_diffrn_source.voltage                     ? 
_diffrn_source.take-off_angle              ? 
_diffrn_source.pdbx_wavelength_list        0.97943 
_diffrn_source.pdbx_wavelength             ? 
_diffrn_source.pdbx_synchrotron_beamline   I04 
_diffrn_source.pdbx_synchrotron_site       Diamond 
# 
_reflns.B_iso_Wilson_estimate            ? 
_reflns.entry_id                         5EZG 
_reflns.data_reduction_details           ? 
_reflns.data_reduction_method            ? 
_reflns.d_resolution_high                1.840 
_reflns.d_resolution_low                 85.910 
_reflns.details                          ? 
_reflns.limit_h_max                      ? 
_reflns.limit_h_min                      ? 
_reflns.limit_k_max                      ? 
_reflns.limit_k_min                      ? 
_reflns.limit_l_max                      ? 
_reflns.limit_l_min                      ? 
_reflns.number_all                       ? 
_reflns.number_obs                       22588 
_reflns.observed_criterion               ? 
_reflns.observed_criterion_F_max         ? 
_reflns.observed_criterion_F_min         ? 
_reflns.observed_criterion_I_max         ? 
_reflns.observed_criterion_I_min         ? 
_reflns.observed_criterion_sigma_F       ? 
_reflns.observed_criterion_sigma_I       ? 
_reflns.percent_possible_obs             99.700 
_reflns.R_free_details                   ? 
_reflns.Rmerge_F_all                     ? 
_reflns.Rmerge_F_obs                     ? 
_reflns.Friedel_coverage                 ? 
_reflns.number_gt                        ? 
_reflns.threshold_expression             ? 
_reflns.pdbx_redundancy                  12.800 
_reflns.pdbx_Rmerge_I_obs                0.092 
_reflns.pdbx_Rmerge_I_all                ? 
_reflns.pdbx_Rsym_value                  ? 
_reflns.pdbx_netI_over_av_sigmaI         ? 
_reflns.pdbx_netI_over_sigmaI            21.100 
_reflns.pdbx_res_netI_over_av_sigmaI_2   ? 
_reflns.pdbx_res_netI_over_sigmaI_2      ? 
_reflns.pdbx_chi_squared                 ? 
_reflns.pdbx_scaling_rejects             ? 
_reflns.pdbx_d_res_high_opt              ? 
_reflns.pdbx_d_res_low_opt               ? 
_reflns.pdbx_d_res_opt_method            ? 
_reflns.phase_calculation_details        ? 
_reflns.pdbx_Rrim_I_all                  ? 
_reflns.pdbx_Rpim_I_all                  0.027 
_reflns.pdbx_d_opt                       ? 
_reflns.pdbx_number_measured_all         289734 
_reflns.pdbx_diffrn_id                   1 
_reflns.pdbx_ordinal                     1 
_reflns.pdbx_CC_half                     0.999 
_reflns.pdbx_R_split                     ? 
# 
loop_
_reflns_shell.d_res_high 
_reflns_shell.d_res_low 
_reflns_shell.meanI_over_sigI_all 
_reflns_shell.meanI_over_sigI_obs 
_reflns_shell.number_measured_all 
_reflns_shell.number_measured_obs 
_reflns_shell.number_possible 
_reflns_shell.number_unique_all 
_reflns_shell.number_unique_obs 
_reflns_shell.percent_possible_all 
_reflns_shell.percent_possible_obs 
_reflns_shell.Rmerge_F_all 
_reflns_shell.Rmerge_F_obs 
_reflns_shell.Rmerge_I_all 
_reflns_shell.Rmerge_I_obs 
_reflns_shell.meanI_over_sigI_gt 
_reflns_shell.meanI_over_uI_all 
_reflns_shell.meanI_over_uI_gt 
_reflns_shell.number_measured_gt 
_reflns_shell.number_unique_gt 
_reflns_shell.percent_possible_gt 
_reflns_shell.Rmerge_F_gt 
_reflns_shell.Rmerge_I_gt 
_reflns_shell.pdbx_redundancy 
_reflns_shell.pdbx_Rsym_value 
_reflns_shell.pdbx_chi_squared 
_reflns_shell.pdbx_netI_over_sigmaI_all 
_reflns_shell.pdbx_netI_over_sigmaI_obs 
_reflns_shell.pdbx_Rrim_I_all 
_reflns_shell.pdbx_Rpim_I_all 
_reflns_shell.pdbx_rejects 
_reflns_shell.pdbx_ordinal 
_reflns_shell.pdbx_diffrn_id 
_reflns_shell.pdbx_CC_half 
_reflns_shell.pdbx_R_split 
1.840 1.890  ? 4.600  22022 ? ? 1632 ? 98.500 ? ? ? ? 0.809 ? ? ? ? ? ? ? ? 13.500 ? ? ? ? ? 0.225 0 1 1 0.934 ? 
8.230 85.910 ? 40.800 3069  ? ? 313  ? 98.400 ? ? ? ? 0.045 ? ? ? ? ? ? ? ? 9.800  ? ? ? ? ? 0.015 0 2 1 0.997 ? 
# 
_refine.aniso_B[1][1]                            0.0000 
_refine.aniso_B[1][2]                            0.0000 
_refine.aniso_B[1][3]                            0.0000 
_refine.aniso_B[2][2]                            0.0000 
_refine.aniso_B[2][3]                            0.0000 
_refine.aniso_B[3][3]                            -0.0100 
_refine.B_iso_max                                85.380 
_refine.B_iso_mean                               28.1860 
_refine.B_iso_min                                10.260 
_refine.correlation_coeff_Fo_to_Fc               0.9580 
_refine.correlation_coeff_Fo_to_Fc_free          0.9420 
_refine.details                                  
'HYDROGENS HAVE BEEN USED IF PRESENT IN THE INPUT U VALUES      : REFINED INDIVIDUALLY' 
_refine.diff_density_max                         ? 
_refine.diff_density_max_esd                     ? 
_refine.diff_density_min                         ? 
_refine.diff_density_min_esd                     ? 
_refine.diff_density_rms                         ? 
_refine.diff_density_rms_esd                     ? 
_refine.entry_id                                 5EZG 
_refine.pdbx_refine_id                           'X-RAY DIFFRACTION' 
_refine.ls_abs_structure_details                 ? 
_refine.ls_abs_structure_Flack                   ? 
_refine.ls_abs_structure_Flack_esd               ? 
_refine.ls_abs_structure_Rogers                  ? 
_refine.ls_abs_structure_Rogers_esd              ? 
_refine.ls_d_res_high                            1.84 
_refine.ls_d_res_low                             85.91 
_refine.ls_extinction_coef                       ? 
_refine.ls_extinction_coef_esd                   ? 
_refine.ls_extinction_expression                 ? 
_refine.ls_extinction_method                     ? 
_refine.ls_goodness_of_fit_all                   ? 
_refine.ls_goodness_of_fit_all_esd               ? 
_refine.ls_goodness_of_fit_obs                   ? 
_refine.ls_goodness_of_fit_obs_esd               ? 
_refine.ls_hydrogen_treatment                    ? 
_refine.ls_matrix_type                           ? 
_refine.ls_number_constraints                    ? 
_refine.ls_number_parameters                     ? 
_refine.ls_number_reflns_all                     ? 
_refine.ls_number_reflns_obs                     21402 
_refine.ls_number_reflns_R_free                  1152 
_refine.ls_number_reflns_R_work                  ? 
_refine.ls_number_restraints                     ? 
_refine.ls_percent_reflns_obs                    99.55 
_refine.ls_percent_reflns_R_free                 5.1000 
_refine.ls_R_factor_all                          ? 
_refine.ls_R_factor_obs                          0.1841 
_refine.ls_R_factor_R_free                       0.2078 
_refine.ls_R_factor_R_free_error                 ? 
_refine.ls_R_factor_R_free_error_details         ? 
_refine.ls_R_factor_R_work                       0.1828 
_refine.ls_R_Fsqd_factor_obs                     ? 
_refine.ls_R_I_factor_obs                        ? 
_refine.ls_redundancy_reflns_all                 ? 
_refine.ls_redundancy_reflns_obs                 ? 
_refine.ls_restrained_S_all                      ? 
_refine.ls_restrained_S_obs                      ? 
_refine.ls_shift_over_esd_max                    ? 
_refine.ls_shift_over_esd_mean                   ? 
_refine.ls_structure_factor_coef                 ? 
_refine.ls_weighting_details                     ? 
_refine.ls_weighting_scheme                      ? 
_refine.ls_wR_factor_all                         ? 
_refine.ls_wR_factor_obs                         ? 
_refine.ls_wR_factor_R_free                      0.2102 
_refine.ls_wR_factor_R_work                      0.1829 
_refine.occupancy_max                            ? 
_refine.occupancy_min                            ? 
_refine.solvent_model_details                    MASK 
_refine.solvent_model_param_bsol                 ? 
_refine.solvent_model_param_ksol                 ? 
_refine.ls_R_factor_gt                           ? 
_refine.ls_goodness_of_fit_gt                    ? 
_refine.ls_goodness_of_fit_ref                   ? 
_refine.ls_shift_over_su_max                     ? 
_refine.ls_shift_over_su_max_lt                  ? 
_refine.ls_shift_over_su_mean                    ? 
_refine.ls_shift_over_su_mean_lt                 ? 
_refine.pdbx_ls_sigma_I                          ? 
_refine.pdbx_ls_sigma_F                          0.000 
_refine.pdbx_ls_sigma_Fsqd                       ? 
_refine.pdbx_data_cutoff_high_absF               ? 
_refine.pdbx_data_cutoff_high_rms_absF           ? 
_refine.pdbx_data_cutoff_low_absF                ? 
_refine.pdbx_isotropic_thermal_model             ? 
_refine.pdbx_ls_cross_valid_method               THROUGHOUT 
_refine.pdbx_method_to_determine_struct          'MOLECULAR REPLACEMENT' 
_refine.pdbx_starting_model                      1T56 
_refine.pdbx_stereochemistry_target_values       'MAXIMUM LIKELIHOOD' 
_refine.pdbx_R_Free_selection_details            RANDOM 
_refine.pdbx_stereochem_target_val_spec_case     ? 
_refine.pdbx_overall_ESU_R                       0.1130 
_refine.pdbx_overall_ESU_R_Free                  0.1080 
_refine.pdbx_solvent_vdw_probe_radii             1.2000 
_refine.pdbx_solvent_ion_probe_radii             0.8000 
_refine.pdbx_solvent_shrinkage_radii             0.8000 
_refine.pdbx_real_space_R                        ? 
_refine.pdbx_density_correlation                 ? 
_refine.pdbx_pd_number_of_powder_patterns        ? 
_refine.pdbx_pd_number_of_points                 ? 
_refine.pdbx_pd_meas_number_of_points            ? 
_refine.pdbx_pd_proc_ls_prof_R_factor            ? 
_refine.pdbx_pd_proc_ls_prof_wR_factor           ? 
_refine.pdbx_pd_Marquardt_correlation_coeff      ? 
_refine.pdbx_pd_Fsqrd_R_factor                   ? 
_refine.pdbx_pd_ls_matrix_band_width             ? 
_refine.pdbx_overall_phase_error                 ? 
_refine.pdbx_overall_SU_R_free_Cruickshank_DPI   ? 
_refine.pdbx_overall_SU_R_free_Blow_DPI          ? 
_refine.pdbx_overall_SU_R_Blow_DPI               ? 
_refine.pdbx_TLS_residual_ADP_flag               ? 
_refine.pdbx_diffrn_id                           1 
_refine.overall_SU_B                             2.1580 
_refine.overall_SU_ML                            0.0680 
_refine.overall_SU_R_Cruickshank_DPI             0.1134 
_refine.overall_SU_R_free                        0.1075 
_refine.overall_FOM_free_R_set                   ? 
_refine.overall_FOM_work_R_set                   0.8706 
_refine.pdbx_average_fsc_overall                 ? 
_refine.pdbx_average_fsc_work                    ? 
_refine.pdbx_average_fsc_free                    ? 
# 
_refine_hist.cycle_id                         final 
_refine_hist.pdbx_refine_id                   'X-RAY DIFFRACTION' 
_refine_hist.d_res_high                       1.84 
_refine_hist.d_res_low                        85.91 
_refine_hist.pdbx_number_atoms_ligand         47 
_refine_hist.number_atoms_solvent             90 
_refine_hist.number_atoms_total               1624 
_refine_hist.pdbx_number_residues_total       193 
_refine_hist.pdbx_B_iso_mean_ligand           27.58 
_refine_hist.pdbx_B_iso_mean_solvent          40.67 
_refine_hist.pdbx_number_atoms_protein        1487 
_refine_hist.pdbx_number_atoms_nucleic_acid   0 
# 
loop_
_refine_ls_restr.pdbx_refine_id 
_refine_ls_restr.criterion 
_refine_ls_restr.dev_ideal 
_refine_ls_restr.dev_ideal_target 
_refine_ls_restr.number 
_refine_ls_restr.rejects 
_refine_ls_restr.type 
_refine_ls_restr.weight 
_refine_ls_restr.pdbx_restraint_function 
'X-RAY DIFFRACTION' ? 0.025  0.020  1573 ? r_bond_refined_d       ? ? 
'X-RAY DIFFRACTION' ? 2.289  1.978  2147 ? r_angle_refined_deg    ? ? 
'X-RAY DIFFRACTION' ? 4.977  5.000  194  ? r_dihedral_angle_1_deg ? ? 
'X-RAY DIFFRACTION' ? 38.615 23.714 70   ? r_dihedral_angle_2_deg ? ? 
'X-RAY DIFFRACTION' ? 12.977 15.000 234  ? r_dihedral_angle_3_deg ? ? 
'X-RAY DIFFRACTION' ? 17.163 15.000 12   ? r_dihedral_angle_4_deg ? ? 
'X-RAY DIFFRACTION' ? 0.184  0.200  246  ? r_chiral_restr         ? ? 
'X-RAY DIFFRACTION' ? 0.013  0.021  1207 ? r_gen_planes_refined   ? ? 
# 
_refine_ls_shell.pdbx_refine_id                   'X-RAY DIFFRACTION' 
_refine_ls_shell.d_res_high                       1.8400 
_refine_ls_shell.d_res_low                        1.8880 
_refine_ls_shell.number_reflns_all                1466 
_refine_ls_shell.number_reflns_obs                ? 
_refine_ls_shell.number_reflns_R_free             56 
_refine_ls_shell.number_reflns_R_work             1410 
_refine_ls_shell.percent_reflns_obs               98.0600 
_refine_ls_shell.percent_reflns_R_free            ? 
_refine_ls_shell.R_factor_all                     ? 
_refine_ls_shell.R_factor_obs                     ? 
_refine_ls_shell.R_factor_R_free                  0.2540 
_refine_ls_shell.R_factor_R_free_error            ? 
_refine_ls_shell.R_factor_R_work                  0.2200 
_refine_ls_shell.redundancy_reflns_all            ? 
_refine_ls_shell.redundancy_reflns_obs            ? 
_refine_ls_shell.wR_factor_all                    ? 
_refine_ls_shell.wR_factor_obs                    ? 
_refine_ls_shell.wR_factor_R_free                 ? 
_refine_ls_shell.wR_factor_R_work                 ? 
_refine_ls_shell.pdbx_total_number_of_bins_used   20 
_refine_ls_shell.pdbx_phase_error                 ? 
_refine_ls_shell.pdbx_fsc_work                    ? 
_refine_ls_shell.pdbx_fsc_free                    ? 
# 
_struct.entry_id                     5EZG 
_struct.title                        
;Structure of Transcriptional Regulatory Repressor Protein - EthR from Mycobacterium Tuberculosis in complex with compound 22 at 1.84A resolution
;
_struct.pdbx_model_details           ? 
_struct.pdbx_formula_weight          ? 
_struct.pdbx_formula_weight_method   ? 
_struct.pdbx_model_type_details      ? 
_struct.pdbx_CASP_flag               ? 
# 
_struct_keywords.entry_id        5EZG 
_struct_keywords.text            'EthR, transcription, repressor, Mycobacterium tuberculosis' 
_struct_keywords.pdbx_keywords   TRANSCRIPTION 
# 
loop_
_struct_asym.id 
_struct_asym.pdbx_blank_PDB_chainid_flag 
_struct_asym.pdbx_modified 
_struct_asym.entity_id 
_struct_asym.details 
A N N 1 ? 
B N N 2 ? 
C N N 2 ? 
D N N 3 ? 
E N N 4 ? 
# 
_struct_ref.id                         1 
_struct_ref.db_name                    UNP 
_struct_ref.db_code                    ETHR_MYCTO 
_struct_ref.pdbx_db_accession          P9WMC0 
_struct_ref.pdbx_db_isoform            ? 
_struct_ref.entity_id                  1 
_struct_ref.pdbx_seq_one_letter_code   
;TTSAASQASLPRGRRTARPSGDDRELAILATAENLLEDRPLADISVDDLAKGAGISRPTFYFYFPSKEAVLLTLLDRVVN
QADMALQTLAENPADTDRENMWRTGINVFFETFGSHKAVTRAGQAARATSVEVAELWSTFMQKWIAYTAAVIDAERDRGA
APRTLPAHELATALNLMNERTLFASFAGEQPSVPEARVLDTLVHIWVTSIYGENR
;
_struct_ref.pdbx_align_begin           2 
# 
_struct_ref_seq.align_id                      1 
_struct_ref_seq.ref_id                        1 
_struct_ref_seq.pdbx_PDB_id_code              5EZG 
_struct_ref_seq.pdbx_strand_id                A 
_struct_ref_seq.seq_align_beg                 6 
_struct_ref_seq.pdbx_seq_align_beg_ins_code   ? 
_struct_ref_seq.seq_align_end                 220 
_struct_ref_seq.pdbx_seq_align_end_ins_code   ? 
_struct_ref_seq.pdbx_db_accession             P9WMC0 
_struct_ref_seq.db_align_beg                  2 
_struct_ref_seq.pdbx_db_align_beg_ins_code    ? 
_struct_ref_seq.db_align_end                  216 
_struct_ref_seq.pdbx_db_align_end_ins_code    ? 
_struct_ref_seq.pdbx_auth_seq_align_beg       2 
_struct_ref_seq.pdbx_auth_seq_align_end       216 
# 
loop_
_struct_ref_seq_dif.align_id 
_struct_ref_seq_dif.pdbx_pdb_id_code 
_struct_ref_seq_dif.mon_id 
_struct_ref_seq_dif.pdbx_pdb_strand_id 
_struct_ref_seq_dif.seq_num 
_struct_ref_seq_dif.pdbx_pdb_ins_code 
_struct_ref_seq_dif.pdbx_seq_db_name 
_struct_ref_seq_dif.pdbx_seq_db_accession_code 
_struct_ref_seq_dif.db_mon_id 
_struct_ref_seq_dif.pdbx_seq_db_seq_num 
_struct_ref_seq_dif.details 
_struct_ref_seq_dif.pdbx_auth_seq_num 
_struct_ref_seq_dif.pdbx_ordinal 
1 5EZG MET A 1   ? UNP P9WMC0 ? ? 'initiating methionine' -3  1  
1 5EZG ASP A 2   ? UNP P9WMC0 ? ? 'expression tag'        -2  2  
1 5EZG ILE A 3   ? UNP P9WMC0 ? ? 'expression tag'        -1  3  
1 5EZG GLU A 4   ? UNP P9WMC0 ? ? 'expression tag'        0   4  
1 5EZG PHE A 5   ? UNP P9WMC0 ? ? 'expression tag'        1   5  
1 5EZG GLY A 221 ? UNP P9WMC0 ? ? 'expression tag'        217 6  
1 5EZG SER A 222 ? UNP P9WMC0 ? ? 'expression tag'        218 7  
1 5EZG HIS A 223 ? UNP P9WMC0 ? ? 'expression tag'        219 8  
1 5EZG HIS A 224 ? UNP P9WMC0 ? ? 'expression tag'        220 9  
1 5EZG HIS A 225 ? UNP P9WMC0 ? ? 'expression tag'        221 10 
1 5EZG HIS A 226 ? UNP P9WMC0 ? ? 'expression tag'        222 11 
1 5EZG HIS A 227 ? UNP P9WMC0 ? ? 'expression tag'        223 12 
1 5EZG HIS A 228 ? UNP P9WMC0 ? ? 'expression tag'        224 13 
# 
_pdbx_struct_assembly.id                   1 
_pdbx_struct_assembly.details              software_defined_assembly 
_pdbx_struct_assembly.method_details       PISA 
_pdbx_struct_assembly.oligomeric_details   dimeric 
_pdbx_struct_assembly.oligomeric_count     2 
# 
loop_
_pdbx_struct_assembly_prop.biol_id 
_pdbx_struct_assembly_prop.type 
_pdbx_struct_assembly_prop.value 
_pdbx_struct_assembly_prop.details 
1 'ABSA (A^2)' 3090  ? 
1 MORE         -43   ? 
1 'SSA (A^2)'  17200 ? 
# 
_pdbx_struct_assembly_gen.assembly_id       1 
_pdbx_struct_assembly_gen.oper_expression   1,2 
_pdbx_struct_assembly_gen.asym_id_list      A,B,C,D,E 
# 
loop_
_pdbx_struct_oper_list.id 
_pdbx_struct_oper_list.type 
_pdbx_struct_oper_list.name 
_pdbx_struct_oper_list.symmetry_operation 
_pdbx_struct_oper_list.matrix[1][1] 
_pdbx_struct_oper_list.matrix[1][2] 
_pdbx_struct_oper_list.matrix[1][3] 
_pdbx_struct_oper_list.vector[1] 
_pdbx_struct_oper_list.matrix[2][1] 
_pdbx_struct_oper_list.matrix[2][2] 
_pdbx_struct_oper_list.matrix[2][3] 
_pdbx_struct_oper_list.vector[2] 
_pdbx_struct_oper_list.matrix[3][1] 
_pdbx_struct_oper_list.matrix[3][2] 
_pdbx_struct_oper_list.matrix[3][3] 
_pdbx_struct_oper_list.vector[3] 
1 'identity operation'         1_555 x,y,z  1.0000000000  0.0000000000 0.0000000000 0.0000000000   0.0000000000 1.0000000000 0.0000000000 0.0000000000 0.0000000000 0.0000000000 1.0000000000  0.0000000000  
2 'crystal symmetry operation' 7_555 y,x,-z -0.9119611515 0.3555828662 0.2046648075 -21.6973568959 0.3555828662 0.4361747898 0.8266271094 9.8827529663 0.2046648075 0.8266271094 -0.5242136383 -7.8368495733 
# 
loop_
_struct_conf.conf_type_id 
_struct_conf.id 
_struct_conf.pdbx_PDB_helix_id 
_struct_conf.beg_label_comp_id 
_struct_conf.beg_label_asym_id 
_struct_conf.beg_label_seq_id 
_struct_conf.pdbx_beg_PDB_ins_code 
_struct_conf.end_label_comp_id 
_struct_conf.end_label_asym_id 
_struct_conf.end_label_seq_id 
_struct_conf.pdbx_end_PDB_ins_code 
_struct_conf.beg_auth_comp_id 
_struct_conf.beg_auth_asym_id 
_struct_conf.beg_auth_seq_id 
_struct_conf.end_auth_comp_id 
_struct_conf.end_auth_asym_id 
_struct_conf.end_auth_seq_id 
_struct_conf.pdbx_PDB_helix_class 
_struct_conf.details 
_struct_conf.pdbx_PDB_helix_length 
HELX_P HELX_P1  AA1 GLY A 26  ? ARG A 44  ? GLY A 22  ARG A 40  1 ? 19 
HELX_P HELX_P2  AA2 PRO A 45  ? ILE A 49  ? PRO A 41  ILE A 45  5 ? 5  
HELX_P HELX_P3  AA3 SER A 50  ? GLY A 59  ? SER A 46  GLY A 55  1 ? 10 
HELX_P HELX_P4  AA4 SER A 61  ? PHE A 69  ? SER A 57  PHE A 65  1 ? 9  
HELX_P HELX_P5  AA5 SER A 71  ? ASN A 97  ? SER A 67  ASN A 93  1 ? 27 
HELX_P HELX_P6  AA6 ASP A 102 ? PHE A 118 ? ASP A 98  PHE A 114 1 ? 17 
HELX_P HELX_P7  AA7 HIS A 121 ? ALA A 133 ? HIS A 117 ALA A 129 1 ? 13 
HELX_P HELX_P8  AA8 SER A 135 ? ARG A 163 ? SER A 131 ARG A 159 1 ? 29 
HELX_P HELX_P9  AA9 PRO A 171 ? GLY A 193 ? PRO A 167 GLY A 189 1 ? 23 
HELX_P HELX_P10 AB1 PRO A 199 ? GLY A 217 ? PRO A 195 GLY A 213 1 ? 19 
# 
_struct_conf_type.id          HELX_P 
_struct_conf_type.criteria    ? 
_struct_conf_type.reference   ? 
# 
_struct_mon_prot_cis.pdbx_id                1 
_struct_mon_prot_cis.label_comp_id          GLN 
_struct_mon_prot_cis.label_seq_id           195 
_struct_mon_prot_cis.label_asym_id          A 
_struct_mon_prot_cis.label_alt_id           . 
_struct_mon_prot_cis.pdbx_PDB_ins_code      ? 
_struct_mon_prot_cis.auth_comp_id           GLN 
_struct_mon_prot_cis.auth_seq_id            191 
_struct_mon_prot_cis.auth_asym_id           A 
_struct_mon_prot_cis.pdbx_label_comp_id_2   PRO 
_struct_mon_prot_cis.pdbx_label_seq_id_2    196 
_struct_mon_prot_cis.pdbx_label_asym_id_2   A 
_struct_mon_prot_cis.pdbx_PDB_ins_code_2    ? 
_struct_mon_prot_cis.pdbx_auth_comp_id_2    PRO 
_struct_mon_prot_cis.pdbx_auth_seq_id_2     192 
_struct_mon_prot_cis.pdbx_auth_asym_id_2    A 
_struct_mon_prot_cis.pdbx_PDB_model_num     1 
_struct_mon_prot_cis.pdbx_omega_angle       1.72 
# 
loop_
_struct_site.id 
_struct_site.pdbx_evidence_code 
_struct_site.pdbx_auth_asym_id 
_struct_site.pdbx_auth_comp_id 
_struct_site.pdbx_auth_seq_id 
_struct_site.pdbx_auth_ins_code 
_struct_site.pdbx_num_residues 
_struct_site.details 
AC1 Software A 5T4 301 ? 8  'binding site for residue 5T4 A 301' 
AC2 Software A 5T4 302 ? 10 'binding site for residue 5T4 A 302' 
AC3 Software A SO4 303 ? 2  'binding site for residue SO4 A 303' 
# 
loop_
_struct_site_gen.id 
_struct_site_gen.site_id 
_struct_site_gen.pdbx_num_res 
_struct_site_gen.label_comp_id 
_struct_site_gen.label_asym_id 
_struct_site_gen.label_seq_id 
_struct_site_gen.pdbx_auth_ins_code 
_struct_site_gen.auth_comp_id 
_struct_site_gen.auth_asym_id 
_struct_site_gen.auth_seq_id 
_struct_site_gen.label_atom_id 
_struct_site_gen.label_alt_id 
_struct_site_gen.symmetry 
_struct_site_gen.details 
1  AC1 8  LEU A 91  ? LEU A 87  . ? 1_555 ? 
2  AC1 8  TRP A 107 ? TRP A 103 . ? 1_555 ? 
3  AC1 8  PHE A 114 ? PHE A 110 . ? 1_555 ? 
4  AC1 8  MET A 146 ? MET A 142 . ? 1_555 ? 
5  AC1 8  TYR A 152 ? TYR A 148 . ? 1_555 ? 
6  AC1 8  ASN A 180 ? ASN A 176 . ? 1_555 ? 
7  AC1 8  ASN A 183 ? ASN A 179 . ? 1_555 ? 
8  AC1 8  TRP A 211 ? TRP A 207 . ? 1_555 ? 
9  AC2 10 LEU A 80  ? LEU A 76  . ? 1_555 ? 
10 AC2 10 PHE A 118 ? PHE A 114 . ? 1_555 ? 
11 AC2 10 THR A 125 ? THR A 121 . ? 1_555 ? 
12 AC2 10 GLY A 128 ? GLY A 124 . ? 1_555 ? 
13 AC2 10 GLN A 129 ? GLN A 125 . ? 1_555 ? 
14 AC2 10 LEU A 141 ? LEU A 137 . ? 1_555 ? 
15 AC2 10 TRP A 142 ? TRP A 138 . ? 1_555 ? 
16 AC2 10 GLU A 184 ? GLU A 180 . ? 1_555 ? 
17 AC2 10 PHE A 188 ? PHE A 184 . ? 1_555 ? 
18 AC2 10 HOH E .   ? HOH A 449 . ? 1_555 ? 
19 AC3 2  ASP A 102 ? ASP A 98  . ? 1_555 ? 
20 AC3 2  ARG A 103 ? ARG A 99  . ? 1_555 ? 
# 
loop_
_pdbx_validate_close_contact.id 
_pdbx_validate_close_contact.PDB_model_num 
_pdbx_validate_close_contact.auth_atom_id_1 
_pdbx_validate_close_contact.auth_asym_id_1 
_pdbx_validate_close_contact.auth_comp_id_1 
_pdbx_validate_close_contact.auth_seq_id_1 
_pdbx_validate_close_contact.PDB_ins_code_1 
_pdbx_validate_close_contact.label_alt_id_1 
_pdbx_validate_close_contact.auth_atom_id_2 
_pdbx_validate_close_contact.auth_asym_id_2 
_pdbx_validate_close_contact.auth_comp_id_2 
_pdbx_validate_close_contact.auth_seq_id_2 
_pdbx_validate_close_contact.PDB_ins_code_2 
_pdbx_validate_close_contact.label_alt_id_2 
_pdbx_validate_close_contact.dist 
1 1 O  A HOH 452 ? ? O A HOH 461 ? ? 1.78 
2 1 CB A SER 186 ? ? O A HOH 402 ? ? 1.92 
3 1 CB A ASN 35  ? ? O A HOH 465 ? ? 2.13 
# 
_pdbx_validate_symm_contact.id                1 
_pdbx_validate_symm_contact.PDB_model_num     1 
_pdbx_validate_symm_contact.auth_atom_id_1    O 
_pdbx_validate_symm_contact.auth_asym_id_1    A 
_pdbx_validate_symm_contact.auth_comp_id_1    HOH 
_pdbx_validate_symm_contact.auth_seq_id_1     482 
_pdbx_validate_symm_contact.PDB_ins_code_1    ? 
_pdbx_validate_symm_contact.label_alt_id_1    ? 
_pdbx_validate_symm_contact.site_symmetry_1   1_555 
_pdbx_validate_symm_contact.auth_atom_id_2    O 
_pdbx_validate_symm_contact.auth_asym_id_2    A 
_pdbx_validate_symm_contact.auth_comp_id_2    HOH 
_pdbx_validate_symm_contact.auth_seq_id_2     490 
_pdbx_validate_symm_contact.PDB_ins_code_2    ? 
_pdbx_validate_symm_contact.label_alt_id_2    ? 
_pdbx_validate_symm_contact.site_symmetry_2   3_545 
_pdbx_validate_symm_contact.dist              1.92 
# 
loop_
_pdbx_validate_rmsd_bond.id 
_pdbx_validate_rmsd_bond.PDB_model_num 
_pdbx_validate_rmsd_bond.auth_atom_id_1 
_pdbx_validate_rmsd_bond.auth_asym_id_1 
_pdbx_validate_rmsd_bond.auth_comp_id_1 
_pdbx_validate_rmsd_bond.auth_seq_id_1 
_pdbx_validate_rmsd_bond.PDB_ins_code_1 
_pdbx_validate_rmsd_bond.label_alt_id_1 
_pdbx_validate_rmsd_bond.auth_atom_id_2 
_pdbx_validate_rmsd_bond.auth_asym_id_2 
_pdbx_validate_rmsd_bond.auth_comp_id_2 
_pdbx_validate_rmsd_bond.auth_seq_id_2 
_pdbx_validate_rmsd_bond.PDB_ins_code_2 
_pdbx_validate_rmsd_bond.label_alt_id_2 
_pdbx_validate_rmsd_bond.bond_value 
_pdbx_validate_rmsd_bond.bond_target_value 
_pdbx_validate_rmsd_bond.bond_deviation 
_pdbx_validate_rmsd_bond.bond_standard_deviation 
_pdbx_validate_rmsd_bond.linker_flag 
1 1 CE2 A TRP 145 ? ? CD2 A TRP 145 ? ? 1.485 1.409 0.076  0.012 N 
2 1 NE2 A HIS 169 ? ? CD2 A HIS 169 ? ? 1.306 1.373 -0.067 0.011 N 
# 
loop_
_pdbx_validate_rmsd_angle.id 
_pdbx_validate_rmsd_angle.PDB_model_num 
_pdbx_validate_rmsd_angle.auth_atom_id_1 
_pdbx_validate_rmsd_angle.auth_asym_id_1 
_pdbx_validate_rmsd_angle.auth_comp_id_1 
_pdbx_validate_rmsd_angle.auth_seq_id_1 
_pdbx_validate_rmsd_angle.PDB_ins_code_1 
_pdbx_validate_rmsd_angle.label_alt_id_1 
_pdbx_validate_rmsd_angle.auth_atom_id_2 
_pdbx_validate_rmsd_angle.auth_asym_id_2 
_pdbx_validate_rmsd_angle.auth_comp_id_2 
_pdbx_validate_rmsd_angle.auth_seq_id_2 
_pdbx_validate_rmsd_angle.PDB_ins_code_2 
_pdbx_validate_rmsd_angle.label_alt_id_2 
_pdbx_validate_rmsd_angle.auth_atom_id_3 
_pdbx_validate_rmsd_angle.auth_asym_id_3 
_pdbx_validate_rmsd_angle.auth_comp_id_3 
_pdbx_validate_rmsd_angle.auth_seq_id_3 
_pdbx_validate_rmsd_angle.PDB_ins_code_3 
_pdbx_validate_rmsd_angle.label_alt_id_3 
_pdbx_validate_rmsd_angle.angle_value 
_pdbx_validate_rmsd_angle.angle_target_value 
_pdbx_validate_rmsd_angle.angle_deviation 
_pdbx_validate_rmsd_angle.angle_standard_deviation 
_pdbx_validate_rmsd_angle.linker_flag 
1 1 NE A ARG 104 ? ? CZ A ARG 104 ? ? NH1 A ARG 104 ? ? 123.32 120.30 3.02  0.50 N 
2 1 NE A ARG 104 ? ? CZ A ARG 104 ? ? NH2 A ARG 104 ? ? 116.84 120.30 -3.46 0.50 N 
3 1 NE A ARG 128 ? ? CZ A ARG 128 ? ? NH1 A ARG 128 ? ? 125.26 120.30 4.96  0.50 N 
4 1 NE A ARG 128 ? ? CZ A ARG 128 ? ? NH2 A ARG 128 ? ? 114.10 120.30 -6.20 0.50 N 
# 
loop_
_pdbx_validate_torsion.id 
_pdbx_validate_torsion.PDB_model_num 
_pdbx_validate_torsion.auth_comp_id 
_pdbx_validate_torsion.auth_asym_id 
_pdbx_validate_torsion.auth_seq_id 
_pdbx_validate_torsion.PDB_ins_code 
_pdbx_validate_torsion.label_alt_id 
_pdbx_validate_torsion.phi 
_pdbx_validate_torsion.psi 
1 1 THR A 130 ? ? -147.11 -3.21   
2 1 THR A 165 ? ? -108.02 -101.92 
# 
_pdbx_struct_special_symmetry.id              1 
_pdbx_struct_special_symmetry.PDB_model_num   1 
_pdbx_struct_special_symmetry.auth_asym_id    A 
_pdbx_struct_special_symmetry.auth_comp_id    HOH 
_pdbx_struct_special_symmetry.auth_seq_id     441 
_pdbx_struct_special_symmetry.PDB_ins_code    ? 
_pdbx_struct_special_symmetry.label_asym_id   E 
_pdbx_struct_special_symmetry.label_comp_id   HOH 
_pdbx_struct_special_symmetry.label_seq_id    . 
# 
_pdbx_phasing_MR.entry_id                     5EZG 
_pdbx_phasing_MR.method_rotation              ? 
_pdbx_phasing_MR.method_translation           ? 
_pdbx_phasing_MR.model_details                'Phaser MODE: MR_AUTO' 
_pdbx_phasing_MR.R_factor                     ? 
_pdbx_phasing_MR.R_rigid_body                 ? 
_pdbx_phasing_MR.correlation_coeff_Fo_to_Fc   ? 
_pdbx_phasing_MR.correlation_coeff_Io_to_Ic   ? 
_pdbx_phasing_MR.d_res_high_rotation          2.500 
_pdbx_phasing_MR.d_res_low_rotation           85.910 
_pdbx_phasing_MR.d_res_high_translation       2.500 
_pdbx_phasing_MR.d_res_low_translation        85.910 
_pdbx_phasing_MR.packing                      ? 
_pdbx_phasing_MR.reflns_percent_rotation      ? 
_pdbx_phasing_MR.reflns_percent_translation   ? 
_pdbx_phasing_MR.sigma_F_rotation             ? 
_pdbx_phasing_MR.sigma_F_translation          ? 
_pdbx_phasing_MR.sigma_I_rotation             ? 
_pdbx_phasing_MR.sigma_I_translation          ? 
# 
_phasing.method   MR 
# 
loop_
_pdbx_unobs_or_zero_occ_residues.id 
_pdbx_unobs_or_zero_occ_residues.PDB_model_num 
_pdbx_unobs_or_zero_occ_residues.polymer_flag 
_pdbx_unobs_or_zero_occ_residues.occupancy_flag 
_pdbx_unobs_or_zero_occ_residues.auth_asym_id 
_pdbx_unobs_or_zero_occ_residues.auth_comp_id 
_pdbx_unobs_or_zero_occ_residues.auth_seq_id 
_pdbx_unobs_or_zero_occ_residues.PDB_ins_code 
_pdbx_unobs_or_zero_occ_residues.label_asym_id 
_pdbx_unobs_or_zero_occ_residues.label_comp_id 
_pdbx_unobs_or_zero_occ_residues.label_seq_id 
1  1 Y 1 A MET -3  ? A MET 1   
2  1 Y 1 A ASP -2  ? A ASP 2   
3  1 Y 1 A ILE -1  ? A ILE 3   
4  1 Y 1 A GLU 0   ? A GLU 4   
5  1 Y 1 A PHE 1   ? A PHE 5   
6  1 Y 1 A THR 2   ? A THR 6   
7  1 Y 1 A THR 3   ? A THR 7   
8  1 Y 1 A SER 4   ? A SER 8   
9  1 Y 1 A ALA 5   ? A ALA 9   
10 1 Y 1 A ALA 6   ? A ALA 10  
11 1 Y 1 A SER 7   ? A SER 11  
12 1 Y 1 A GLN 8   ? A GLN 12  
13 1 Y 1 A ALA 9   ? A ALA 13  
14 1 Y 1 A SER 10  ? A SER 14  
15 1 Y 1 A LEU 11  ? A LEU 15  
16 1 Y 1 A PRO 12  ? A PRO 16  
17 1 Y 1 A ARG 13  ? A ARG 17  
18 1 Y 1 A GLY 14  ? A GLY 18  
19 1 Y 1 A ARG 15  ? A ARG 19  
20 1 Y 1 A ARG 16  ? A ARG 20  
21 1 Y 1 A THR 17  ? A THR 21  
22 1 Y 1 A ALA 18  ? A ALA 22  
23 1 Y 1 A ARG 19  ? A ARG 23  
24 1 Y 1 A PRO 20  ? A PRO 24  
25 1 Y 1 A SER 21  ? A SER 25  
26 1 Y 1 A ASN 215 ? A ASN 219 
27 1 Y 1 A ARG 216 ? A ARG 220 
28 1 Y 1 A GLY 217 ? A GLY 221 
29 1 Y 1 A SER 218 ? A SER 222 
30 1 Y 1 A HIS 219 ? A HIS 223 
31 1 Y 1 A HIS 220 ? A HIS 224 
32 1 Y 1 A HIS 221 ? A HIS 225 
33 1 Y 1 A HIS 222 ? A HIS 226 
34 1 Y 1 A HIS 223 ? A HIS 227 
35 1 Y 1 A HIS 224 ? A HIS 228 
# 
loop_
_chem_comp_atom.comp_id 
_chem_comp_atom.atom_id 
_chem_comp_atom.type_symbol 
_chem_comp_atom.pdbx_aromatic_flag 
_chem_comp_atom.pdbx_stereo_config 
_chem_comp_atom.pdbx_ordinal 
5T4 C1   C Y N 1   
5T4 C2   C Y N 2   
5T4 C3   C Y N 3   
5T4 C4   C N N 4   
5T4 C5   C N N 5   
5T4 C6   C N N 6   
5T4 C8   C N N 7   
5T4 C9   C N N 8   
5T4 C10  C N N 9   
5T4 C13  C N N 10  
5T4 C14  C N N 11  
5T4 O    O N N 12  
5T4 N4   N N N 13  
5T4 C12  C N N 14  
5T4 C11  C N N 15  
5T4 N3   N N N 16  
5T4 C7   C N N 17  
5T4 N2   N N N 18  
5T4 N1   N Y N 19  
5T4 C    C Y N 20  
5T4 N    N Y N 21  
5T4 H1   H N N 22  
5T4 H2   H N N 23  
5T4 H3   H N N 24  
5T4 H4   H N N 25  
5T4 H5   H N N 26  
5T4 H6   H N N 27  
5T4 H7   H N N 28  
5T4 H8   H N N 29  
5T4 H9   H N N 30  
5T4 H10  H N N 31  
5T4 H11  H N N 32  
5T4 H12  H N N 33  
5T4 H13  H N N 34  
5T4 H14  H N N 35  
5T4 H15  H N N 36  
5T4 H16  H N N 37  
5T4 H17  H N N 38  
5T4 H18  H N N 39  
5T4 H19  H N N 40  
5T4 H20  H N N 41  
5T4 H21  H N N 42  
5T4 H22  H N N 43  
5T4 H23  H N N 44  
ALA N    N N N 45  
ALA CA   C N S 46  
ALA C    C N N 47  
ALA O    O N N 48  
ALA CB   C N N 49  
ALA OXT  O N N 50  
ALA H    H N N 51  
ALA H2   H N N 52  
ALA HA   H N N 53  
ALA HB1  H N N 54  
ALA HB2  H N N 55  
ALA HB3  H N N 56  
ALA HXT  H N N 57  
ARG N    N N N 58  
ARG CA   C N S 59  
ARG C    C N N 60  
ARG O    O N N 61  
ARG CB   C N N 62  
ARG CG   C N N 63  
ARG CD   C N N 64  
ARG NE   N N N 65  
ARG CZ   C N N 66  
ARG NH1  N N N 67  
ARG NH2  N N N 68  
ARG OXT  O N N 69  
ARG H    H N N 70  
ARG H2   H N N 71  
ARG HA   H N N 72  
ARG HB2  H N N 73  
ARG HB3  H N N 74  
ARG HG2  H N N 75  
ARG HG3  H N N 76  
ARG HD2  H N N 77  
ARG HD3  H N N 78  
ARG HE   H N N 79  
ARG HH11 H N N 80  
ARG HH12 H N N 81  
ARG HH21 H N N 82  
ARG HH22 H N N 83  
ARG HXT  H N N 84  
ASN N    N N N 85  
ASN CA   C N S 86  
ASN C    C N N 87  
ASN O    O N N 88  
ASN CB   C N N 89  
ASN CG   C N N 90  
ASN OD1  O N N 91  
ASN ND2  N N N 92  
ASN OXT  O N N 93  
ASN H    H N N 94  
ASN H2   H N N 95  
ASN HA   H N N 96  
ASN HB2  H N N 97  
ASN HB3  H N N 98  
ASN HD21 H N N 99  
ASN HD22 H N N 100 
ASN HXT  H N N 101 
ASP N    N N N 102 
ASP CA   C N S 103 
ASP C    C N N 104 
ASP O    O N N 105 
ASP CB   C N N 106 
ASP CG   C N N 107 
ASP OD1  O N N 108 
ASP OD2  O N N 109 
ASP OXT  O N N 110 
ASP H    H N N 111 
ASP H2   H N N 112 
ASP HA   H N N 113 
ASP HB2  H N N 114 
ASP HB3  H N N 115 
ASP HD2  H N N 116 
ASP HXT  H N N 117 
GLN N    N N N 118 
GLN CA   C N S 119 
GLN C    C N N 120 
GLN O    O N N 121 
GLN CB   C N N 122 
GLN CG   C N N 123 
GLN CD   C N N 124 
GLN OE1  O N N 125 
GLN NE2  N N N 126 
GLN OXT  O N N 127 
GLN H    H N N 128 
GLN H2   H N N 129 
GLN HA   H N N 130 
GLN HB2  H N N 131 
GLN HB3  H N N 132 
GLN HG2  H N N 133 
GLN HG3  H N N 134 
GLN HE21 H N N 135 
GLN HE22 H N N 136 
GLN HXT  H N N 137 
GLU N    N N N 138 
GLU CA   C N S 139 
GLU C    C N N 140 
GLU O    O N N 141 
GLU CB   C N N 142 
GLU CG   C N N 143 
GLU CD   C N N 144 
GLU OE1  O N N 145 
GLU OE2  O N N 146 
GLU OXT  O N N 147 
GLU H    H N N 148 
GLU H2   H N N 149 
GLU HA   H N N 150 
GLU HB2  H N N 151 
GLU HB3  H N N 152 
GLU HG2  H N N 153 
GLU HG3  H N N 154 
GLU HE2  H N N 155 
GLU HXT  H N N 156 
GLY N    N N N 157 
GLY CA   C N N 158 
GLY C    C N N 159 
GLY O    O N N 160 
GLY OXT  O N N 161 
GLY H    H N N 162 
GLY H2   H N N 163 
GLY HA2  H N N 164 
GLY HA3  H N N 165 
GLY HXT  H N N 166 
HIS N    N N N 167 
HIS CA   C N S 168 
HIS C    C N N 169 
HIS O    O N N 170 
HIS CB   C N N 171 
HIS CG   C Y N 172 
HIS ND1  N Y N 173 
HIS CD2  C Y N 174 
HIS CE1  C Y N 175 
HIS NE2  N Y N 176 
HIS OXT  O N N 177 
HIS H    H N N 178 
HIS H2   H N N 179 
HIS HA   H N N 180 
HIS HB2  H N N 181 
HIS HB3  H N N 182 
HIS HD1  H N N 183 
HIS HD2  H N N 184 
HIS HE1  H N N 185 
HIS HE2  H N N 186 
HIS HXT  H N N 187 
HOH O    O N N 188 
HOH H1   H N N 189 
HOH H2   H N N 190 
ILE N    N N N 191 
ILE CA   C N S 192 
ILE C    C N N 193 
ILE O    O N N 194 
ILE CB   C N S 195 
ILE CG1  C N N 196 
ILE CG2  C N N 197 
ILE CD1  C N N 198 
ILE OXT  O N N 199 
ILE H    H N N 200 
ILE H2   H N N 201 
ILE HA   H N N 202 
ILE HB   H N N 203 
ILE HG12 H N N 204 
ILE HG13 H N N 205 
ILE HG21 H N N 206 
ILE HG22 H N N 207 
ILE HG23 H N N 208 
ILE HD11 H N N 209 
ILE HD12 H N N 210 
ILE HD13 H N N 211 
ILE HXT  H N N 212 
LEU N    N N N 213 
LEU CA   C N S 214 
LEU C    C N N 215 
LEU O    O N N 216 
LEU CB   C N N 217 
LEU CG   C N N 218 
LEU CD1  C N N 219 
LEU CD2  C N N 220 
LEU OXT  O N N 221 
LEU H    H N N 222 
LEU H2   H N N 223 
LEU HA   H N N 224 
LEU HB2  H N N 225 
LEU HB3  H N N 226 
LEU HG   H N N 227 
LEU HD11 H N N 228 
LEU HD12 H N N 229 
LEU HD13 H N N 230 
LEU HD21 H N N 231 
LEU HD22 H N N 232 
LEU HD23 H N N 233 
LEU HXT  H N N 234 
LYS N    N N N 235 
LYS CA   C N S 236 
LYS C    C N N 237 
LYS O    O N N 238 
LYS CB   C N N 239 
LYS CG   C N N 240 
LYS CD   C N N 241 
LYS CE   C N N 242 
LYS NZ   N N N 243 
LYS OXT  O N N 244 
LYS H    H N N 245 
LYS H2   H N N 246 
LYS HA   H N N 247 
LYS HB2  H N N 248 
LYS HB3  H N N 249 
LYS HG2  H N N 250 
LYS HG3  H N N 251 
LYS HD2  H N N 252 
LYS HD3  H N N 253 
LYS HE2  H N N 254 
LYS HE3  H N N 255 
LYS HZ1  H N N 256 
LYS HZ2  H N N 257 
LYS HZ3  H N N 258 
LYS HXT  H N N 259 
MET N    N N N 260 
MET CA   C N S 261 
MET C    C N N 262 
MET O    O N N 263 
MET CB   C N N 264 
MET CG   C N N 265 
MET SD   S N N 266 
MET CE   C N N 267 
MET OXT  O N N 268 
MET H    H N N 269 
MET H2   H N N 270 
MET HA   H N N 271 
MET HB2  H N N 272 
MET HB3  H N N 273 
MET HG2  H N N 274 
MET HG3  H N N 275 
MET HE1  H N N 276 
MET HE2  H N N 277 
MET HE3  H N N 278 
MET HXT  H N N 279 
PHE N    N N N 280 
PHE CA   C N S 281 
PHE C    C N N 282 
PHE O    O N N 283 
PHE CB   C N N 284 
PHE CG   C Y N 285 
PHE CD1  C Y N 286 
PHE CD2  C Y N 287 
PHE CE1  C Y N 288 
PHE CE2  C Y N 289 
PHE CZ   C Y N 290 
PHE OXT  O N N 291 
PHE H    H N N 292 
PHE H2   H N N 293 
PHE HA   H N N 294 
PHE HB2  H N N 295 
PHE HB3  H N N 296 
PHE HD1  H N N 297 
PHE HD2  H N N 298 
PHE HE1  H N N 299 
PHE HE2  H N N 300 
PHE HZ   H N N 301 
PHE HXT  H N N 302 
PRO N    N N N 303 
PRO CA   C N S 304 
PRO C    C N N 305 
PRO O    O N N 306 
PRO CB   C N N 307 
PRO CG   C N N 308 
PRO CD   C N N 309 
PRO OXT  O N N 310 
PRO H    H N N 311 
PRO HA   H N N 312 
PRO HB2  H N N 313 
PRO HB3  H N N 314 
PRO HG2  H N N 315 
PRO HG3  H N N 316 
PRO HD2  H N N 317 
PRO HD3  H N N 318 
PRO HXT  H N N 319 
SER N    N N N 320 
SER CA   C N S 321 
SER C    C N N 322 
SER O    O N N 323 
SER CB   C N N 324 
SER OG   O N N 325 
SER OXT  O N N 326 
SER H    H N N 327 
SER H2   H N N 328 
SER HA   H N N 329 
SER HB2  H N N 330 
SER HB3  H N N 331 
SER HG   H N N 332 
SER HXT  H N N 333 
SO4 S    S N N 334 
SO4 O1   O N N 335 
SO4 O2   O N N 336 
SO4 O3   O N N 337 
SO4 O4   O N N 338 
THR N    N N N 339 
THR CA   C N S 340 
THR C    C N N 341 
THR O    O N N 342 
THR CB   C N R 343 
THR OG1  O N N 344 
THR CG2  C N N 345 
THR OXT  O N N 346 
THR H    H N N 347 
THR H2   H N N 348 
THR HA   H N N 349 
THR HB   H N N 350 
THR HG1  H N N 351 
THR HG21 H N N 352 
THR HG22 H N N 353 
THR HG23 H N N 354 
THR HXT  H N N 355 
TRP N    N N N 356 
TRP CA   C N S 357 
TRP C    C N N 358 
TRP O    O N N 359 
TRP CB   C N N 360 
TRP CG   C Y N 361 
TRP CD1  C Y N 362 
TRP CD2  C Y N 363 
TRP NE1  N Y N 364 
TRP CE2  C Y N 365 
TRP CE3  C Y N 366 
TRP CZ2  C Y N 367 
TRP CZ3  C Y N 368 
TRP CH2  C Y N 369 
TRP OXT  O N N 370 
TRP H    H N N 371 
TRP H2   H N N 372 
TRP HA   H N N 373 
TRP HB2  H N N 374 
TRP HB3  H N N 375 
TRP HD1  H N N 376 
TRP HE1  H N N 377 
TRP HE3  H N N 378 
TRP HZ2  H N N 379 
TRP HZ3  H N N 380 
TRP HH2  H N N 381 
TRP HXT  H N N 382 
TYR N    N N N 383 
TYR CA   C N S 384 
TYR C    C N N 385 
TYR O    O N N 386 
TYR CB   C N N 387 
TYR CG   C Y N 388 
TYR CD1  C Y N 389 
TYR CD2  C Y N 390 
TYR CE1  C Y N 391 
TYR CE2  C Y N 392 
TYR CZ   C Y N 393 
TYR OH   O N N 394 
TYR OXT  O N N 395 
TYR H    H N N 396 
TYR H2   H N N 397 
TYR HA   H N N 398 
TYR HB2  H N N 399 
TYR HB3  H N N 400 
TYR HD1  H N N 401 
TYR HD2  H N N 402 
TYR HE1  H N N 403 
TYR HE2  H N N 404 
TYR HH   H N N 405 
TYR HXT  H N N 406 
VAL N    N N N 407 
VAL CA   C N S 408 
VAL C    C N N 409 
VAL O    O N N 410 
VAL CB   C N N 411 
VAL CG1  C N N 412 
VAL CG2  C N N 413 
VAL OXT  O N N 414 
VAL H    H N N 415 
VAL H2   H N N 416 
VAL HA   H N N 417 
VAL HB   H N N 418 
VAL HG11 H N N 419 
VAL HG12 H N N 420 
VAL HG13 H N N 421 
VAL HG21 H N N 422 
VAL HG22 H N N 423 
VAL HG23 H N N 424 
VAL HXT  H N N 425 
# 
loop_
_chem_comp_bond.comp_id 
_chem_comp_bond.atom_id_1 
_chem_comp_bond.atom_id_2 
_chem_comp_bond.value_order 
_chem_comp_bond.pdbx_aromatic_flag 
_chem_comp_bond.pdbx_stereo_config 
_chem_comp_bond.pdbx_ordinal 
5T4 N1  C    doub Y N 1   
5T4 N1  C3   sing Y N 2   
5T4 C   C1   sing Y N 3   
5T4 C8  N2   sing N N 4   
5T4 C8  C7   sing N N 5   
5T4 N2  C3   sing N N 6   
5T4 N2  C4   sing N N 7   
5T4 C3  N    doub Y N 8   
5T4 C1  C2   doub Y N 9   
5T4 C4  C5   sing N N 10  
5T4 N   C2   sing Y N 11  
5T4 C7  C6   sing N N 12  
5T4 C6  C5   sing N N 13  
5T4 C6  C9   sing N N 14  
5T4 C11 C12  sing N N 15  
5T4 C11 N4   sing N N 16  
5T4 C12 C13  sing N N 17  
5T4 N3  C9   sing N N 18  
5T4 N3  C10  sing N N 19  
5T4 N4  C10  sing N N 20  
5T4 N4  C14  sing N N 21  
5T4 C10 O    doub N N 22  
5T4 C13 C14  sing N N 23  
5T4 C1  H1   sing N N 24  
5T4 C2  H2   sing N N 25  
5T4 C4  H3   sing N N 26  
5T4 C4  H4   sing N N 27  
5T4 C5  H5   sing N N 28  
5T4 C5  H6   sing N N 29  
5T4 C6  H7   sing N N 30  
5T4 C8  H8   sing N N 31  
5T4 C8  H9   sing N N 32  
5T4 C9  H10  sing N N 33  
5T4 C9  H11  sing N N 34  
5T4 C13 H12  sing N N 35  
5T4 C13 H13  sing N N 36  
5T4 C14 H14  sing N N 37  
5T4 C14 H15  sing N N 38  
5T4 C12 H16  sing N N 39  
5T4 C12 H17  sing N N 40  
5T4 C11 H18  sing N N 41  
5T4 C11 H19  sing N N 42  
5T4 N3  H20  sing N N 43  
5T4 C7  H21  sing N N 44  
5T4 C7  H22  sing N N 45  
5T4 C   H23  sing N N 46  
ALA N   CA   sing N N 47  
ALA N   H    sing N N 48  
ALA N   H2   sing N N 49  
ALA CA  C    sing N N 50  
ALA CA  CB   sing N N 51  
ALA CA  HA   sing N N 52  
ALA C   O    doub N N 53  
ALA C   OXT  sing N N 54  
ALA CB  HB1  sing N N 55  
ALA CB  HB2  sing N N 56  
ALA CB  HB3  sing N N 57  
ALA OXT HXT  sing N N 58  
ARG N   CA   sing N N 59  
ARG N   H    sing N N 60  
ARG N   H2   sing N N 61  
ARG CA  C    sing N N 62  
ARG CA  CB   sing N N 63  
ARG CA  HA   sing N N 64  
ARG C   O    doub N N 65  
ARG C   OXT  sing N N 66  
ARG CB  CG   sing N N 67  
ARG CB  HB2  sing N N 68  
ARG CB  HB3  sing N N 69  
ARG CG  CD   sing N N 70  
ARG CG  HG2  sing N N 71  
ARG CG  HG3  sing N N 72  
ARG CD  NE   sing N N 73  
ARG CD  HD2  sing N N 74  
ARG CD  HD3  sing N N 75  
ARG NE  CZ   sing N N 76  
ARG NE  HE   sing N N 77  
ARG CZ  NH1  sing N N 78  
ARG CZ  NH2  doub N N 79  
ARG NH1 HH11 sing N N 80  
ARG NH1 HH12 sing N N 81  
ARG NH2 HH21 sing N N 82  
ARG NH2 HH22 sing N N 83  
ARG OXT HXT  sing N N 84  
ASN N   CA   sing N N 85  
ASN N   H    sing N N 86  
ASN N   H2   sing N N 87  
ASN CA  C    sing N N 88  
ASN CA  CB   sing N N 89  
ASN CA  HA   sing N N 90  
ASN C   O    doub N N 91  
ASN C   OXT  sing N N 92  
ASN CB  CG   sing N N 93  
ASN CB  HB2  sing N N 94  
ASN CB  HB3  sing N N 95  
ASN CG  OD1  doub N N 96  
ASN CG  ND2  sing N N 97  
ASN ND2 HD21 sing N N 98  
ASN ND2 HD22 sing N N 99  
ASN OXT HXT  sing N N 100 
ASP N   CA   sing N N 101 
ASP N   H    sing N N 102 
ASP N   H2   sing N N 103 
ASP CA  C    sing N N 104 
ASP CA  CB   sing N N 105 
ASP CA  HA   sing N N 106 
ASP C   O    doub N N 107 
ASP C   OXT  sing N N 108 
ASP CB  CG   sing N N 109 
ASP CB  HB2  sing N N 110 
ASP CB  HB3  sing N N 111 
ASP CG  OD1  doub N N 112 
ASP CG  OD2  sing N N 113 
ASP OD2 HD2  sing N N 114 
ASP OXT HXT  sing N N 115 
GLN N   CA   sing N N 116 
GLN N   H    sing N N 117 
GLN N   H2   sing N N 118 
GLN CA  C    sing N N 119 
GLN CA  CB   sing N N 120 
GLN CA  HA   sing N N 121 
GLN C   O    doub N N 122 
GLN C   OXT  sing N N 123 
GLN CB  CG   sing N N 124 
GLN CB  HB2  sing N N 125 
GLN CB  HB3  sing N N 126 
GLN CG  CD   sing N N 127 
GLN CG  HG2  sing N N 128 
GLN CG  HG3  sing N N 129 
GLN CD  OE1  doub N N 130 
GLN CD  NE2  sing N N 131 
GLN NE2 HE21 sing N N 132 
GLN NE2 HE22 sing N N 133 
GLN OXT HXT  sing N N 134 
GLU N   CA   sing N N 135 
GLU N   H    sing N N 136 
GLU N   H2   sing N N 137 
GLU CA  C    sing N N 138 
GLU CA  CB   sing N N 139 
GLU CA  HA   sing N N 140 
GLU C   O    doub N N 141 
GLU C   OXT  sing N N 142 
GLU CB  CG   sing N N 143 
GLU CB  HB2  sing N N 144 
GLU CB  HB3  sing N N 145 
GLU CG  CD   sing N N 146 
GLU CG  HG2  sing N N 147 
GLU CG  HG3  sing N N 148 
GLU CD  OE1  doub N N 149 
GLU CD  OE2  sing N N 150 
GLU OE2 HE2  sing N N 151 
GLU OXT HXT  sing N N 152 
GLY N   CA   sing N N 153 
GLY N   H    sing N N 154 
GLY N   H2   sing N N 155 
GLY CA  C    sing N N 156 
GLY CA  HA2  sing N N 157 
GLY CA  HA3  sing N N 158 
GLY C   O    doub N N 159 
GLY C   OXT  sing N N 160 
GLY OXT HXT  sing N N 161 
HIS N   CA   sing N N 162 
HIS N   H    sing N N 163 
HIS N   H2   sing N N 164 
HIS CA  C    sing N N 165 
HIS CA  CB   sing N N 166 
HIS CA  HA   sing N N 167 
HIS C   O    doub N N 168 
HIS C   OXT  sing N N 169 
HIS CB  CG   sing N N 170 
HIS CB  HB2  sing N N 171 
HIS CB  HB3  sing N N 172 
HIS CG  ND1  sing Y N 173 
HIS CG  CD2  doub Y N 174 
HIS ND1 CE1  doub Y N 175 
HIS ND1 HD1  sing N N 176 
HIS CD2 NE2  sing Y N 177 
HIS CD2 HD2  sing N N 178 
HIS CE1 NE2  sing Y N 179 
HIS CE1 HE1  sing N N 180 
HIS NE2 HE2  sing N N 181 
HIS OXT HXT  sing N N 182 
HOH O   H1   sing N N 183 
HOH O   H2   sing N N 184 
ILE N   CA   sing N N 185 
ILE N   H    sing N N 186 
ILE N   H2   sing N N 187 
ILE CA  C    sing N N 188 
ILE CA  CB   sing N N 189 
ILE CA  HA   sing N N 190 
ILE C   O    doub N N 191 
ILE C   OXT  sing N N 192 
ILE CB  CG1  sing N N 193 
ILE CB  CG2  sing N N 194 
ILE CB  HB   sing N N 195 
ILE CG1 CD1  sing N N 196 
ILE CG1 HG12 sing N N 197 
ILE CG1 HG13 sing N N 198 
ILE CG2 HG21 sing N N 199 
ILE CG2 HG22 sing N N 200 
ILE CG2 HG23 sing N N 201 
ILE CD1 HD11 sing N N 202 
ILE CD1 HD12 sing N N 203 
ILE CD1 HD13 sing N N 204 
ILE OXT HXT  sing N N 205 
LEU N   CA   sing N N 206 
LEU N   H    sing N N 207 
LEU N   H2   sing N N 208 
LEU CA  C    sing N N 209 
LEU CA  CB   sing N N 210 
LEU CA  HA   sing N N 211 
LEU C   O    doub N N 212 
LEU C   OXT  sing N N 213 
LEU CB  CG   sing N N 214 
LEU CB  HB2  sing N N 215 
LEU CB  HB3  sing N N 216 
LEU CG  CD1  sing N N 217 
LEU CG  CD2  sing N N 218 
LEU CG  HG   sing N N 219 
LEU CD1 HD11 sing N N 220 
LEU CD1 HD12 sing N N 221 
LEU CD1 HD13 sing N N 222 
LEU CD2 HD21 sing N N 223 
LEU CD2 HD22 sing N N 224 
LEU CD2 HD23 sing N N 225 
LEU OXT HXT  sing N N 226 
LYS N   CA   sing N N 227 
LYS N   H    sing N N 228 
LYS N   H2   sing N N 229 
LYS CA  C    sing N N 230 
LYS CA  CB   sing N N 231 
LYS CA  HA   sing N N 232 
LYS C   O    doub N N 233 
LYS C   OXT  sing N N 234 
LYS CB  CG   sing N N 235 
LYS CB  HB2  sing N N 236 
LYS CB  HB3  sing N N 237 
LYS CG  CD   sing N N 238 
LYS CG  HG2  sing N N 239 
LYS CG  HG3  sing N N 240 
LYS CD  CE   sing N N 241 
LYS CD  HD2  sing N N 242 
LYS CD  HD3  sing N N 243 
LYS CE  NZ   sing N N 244 
LYS CE  HE2  sing N N 245 
LYS CE  HE3  sing N N 246 
LYS NZ  HZ1  sing N N 247 
LYS NZ  HZ2  sing N N 248 
LYS NZ  HZ3  sing N N 249 
LYS OXT HXT  sing N N 250 
MET N   CA   sing N N 251 
MET N   H    sing N N 252 
MET N   H2   sing N N 253 
MET CA  C    sing N N 254 
MET CA  CB   sing N N 255 
MET CA  HA   sing N N 256 
MET C   O    doub N N 257 
MET C   OXT  sing N N 258 
MET CB  CG   sing N N 259 
MET CB  HB2  sing N N 260 
MET CB  HB3  sing N N 261 
MET CG  SD   sing N N 262 
MET CG  HG2  sing N N 263 
MET CG  HG3  sing N N 264 
MET SD  CE   sing N N 265 
MET CE  HE1  sing N N 266 
MET CE  HE2  sing N N 267 
MET CE  HE3  sing N N 268 
MET OXT HXT  sing N N 269 
PHE N   CA   sing N N 270 
PHE N   H    sing N N 271 
PHE N   H2   sing N N 272 
PHE CA  C    sing N N 273 
PHE CA  CB   sing N N 274 
PHE CA  HA   sing N N 275 
PHE C   O    doub N N 276 
PHE C   OXT  sing N N 277 
PHE CB  CG   sing N N 278 
PHE CB  HB2  sing N N 279 
PHE CB  HB3  sing N N 280 
PHE CG  CD1  doub Y N 281 
PHE CG  CD2  sing Y N 282 
PHE CD1 CE1  sing Y N 283 
PHE CD1 HD1  sing N N 284 
PHE CD2 CE2  doub Y N 285 
PHE CD2 HD2  sing N N 286 
PHE CE1 CZ   doub Y N 287 
PHE CE1 HE1  sing N N 288 
PHE CE2 CZ   sing Y N 289 
PHE CE2 HE2  sing N N 290 
PHE CZ  HZ   sing N N 291 
PHE OXT HXT  sing N N 292 
PRO N   CA   sing N N 293 
PRO N   CD   sing N N 294 
PRO N   H    sing N N 295 
PRO CA  C    sing N N 296 
PRO CA  CB   sing N N 297 
PRO CA  HA   sing N N 298 
PRO C   O    doub N N 299 
PRO C   OXT  sing N N 300 
PRO CB  CG   sing N N 301 
PRO CB  HB2  sing N N 302 
PRO CB  HB3  sing N N 303 
PRO CG  CD   sing N N 304 
PRO CG  HG2  sing N N 305 
PRO CG  HG3  sing N N 306 
PRO CD  HD2  sing N N 307 
PRO CD  HD3  sing N N 308 
PRO OXT HXT  sing N N 309 
SER N   CA   sing N N 310 
SER N   H    sing N N 311 
SER N   H2   sing N N 312 
SER CA  C    sing N N 313 
SER CA  CB   sing N N 314 
SER CA  HA   sing N N 315 
SER C   O    doub N N 316 
SER C   OXT  sing N N 317 
SER CB  OG   sing N N 318 
SER CB  HB2  sing N N 319 
SER CB  HB3  sing N N 320 
SER OG  HG   sing N N 321 
SER OXT HXT  sing N N 322 
SO4 S   O1   doub N N 323 
SO4 S   O2   doub N N 324 
SO4 S   O3   sing N N 325 
SO4 S   O4   sing N N 326 
THR N   CA   sing N N 327 
THR N   H    sing N N 328 
THR N   H2   sing N N 329 
THR CA  C    sing N N 330 
THR CA  CB   sing N N 331 
THR CA  HA   sing N N 332 
THR C   O    doub N N 333 
THR C   OXT  sing N N 334 
THR CB  OG1  sing N N 335 
THR CB  CG2  sing N N 336 
THR CB  HB   sing N N 337 
THR OG1 HG1  sing N N 338 
THR CG2 HG21 sing N N 339 
THR CG2 HG22 sing N N 340 
THR CG2 HG23 sing N N 341 
THR OXT HXT  sing N N 342 
TRP N   CA   sing N N 343 
TRP N   H    sing N N 344 
TRP N   H2   sing N N 345 
TRP CA  C    sing N N 346 
TRP CA  CB   sing N N 347 
TRP CA  HA   sing N N 348 
TRP C   O    doub N N 349 
TRP C   OXT  sing N N 350 
TRP CB  CG   sing N N 351 
TRP CB  HB2  sing N N 352 
TRP CB  HB3  sing N N 353 
TRP CG  CD1  doub Y N 354 
TRP CG  CD2  sing Y N 355 
TRP CD1 NE1  sing Y N 356 
TRP CD1 HD1  sing N N 357 
TRP CD2 CE2  doub Y N 358 
TRP CD2 CE3  sing Y N 359 
TRP NE1 CE2  sing Y N 360 
TRP NE1 HE1  sing N N 361 
TRP CE2 CZ2  sing Y N 362 
TRP CE3 CZ3  doub Y N 363 
TRP CE3 HE3  sing N N 364 
TRP CZ2 CH2  doub Y N 365 
TRP CZ2 HZ2  sing N N 366 
TRP CZ3 CH2  sing Y N 367 
TRP CZ3 HZ3  sing N N 368 
TRP CH2 HH2  sing N N 369 
TRP OXT HXT  sing N N 370 
TYR N   CA   sing N N 371 
TYR N   H    sing N N 372 
TYR N   H2   sing N N 373 
TYR CA  C    sing N N 374 
TYR CA  CB   sing N N 375 
TYR CA  HA   sing N N 376 
TYR C   O    doub N N 377 
TYR C   OXT  sing N N 378 
TYR CB  CG   sing N N 379 
TYR CB  HB2  sing N N 380 
TYR CB  HB3  sing N N 381 
TYR CG  CD1  doub Y N 382 
TYR CG  CD2  sing Y N 383 
TYR CD1 CE1  sing Y N 384 
TYR CD1 HD1  sing N N 385 
TYR CD2 CE2  doub Y N 386 
TYR CD2 HD2  sing N N 387 
TYR CE1 CZ   doub Y N 388 
TYR CE1 HE1  sing N N 389 
TYR CE2 CZ   sing Y N 390 
TYR CE2 HE2  sing N N 391 
TYR CZ  OH   sing N N 392 
TYR OH  HH   sing N N 393 
TYR OXT HXT  sing N N 394 
VAL N   CA   sing N N 395 
VAL N   H    sing N N 396 
VAL N   H2   sing N N 397 
VAL CA  C    sing N N 398 
VAL CA  CB   sing N N 399 
VAL CA  HA   sing N N 400 
VAL C   O    doub N N 401 
VAL C   OXT  sing N N 402 
VAL CB  CG1  sing N N 403 
VAL CB  CG2  sing N N 404 
VAL CB  HB   sing N N 405 
VAL CG1 HG11 sing N N 406 
VAL CG1 HG12 sing N N 407 
VAL CG1 HG13 sing N N 408 
VAL CG2 HG21 sing N N 409 
VAL CG2 HG22 sing N N 410 
VAL CG2 HG23 sing N N 411 
VAL OXT HXT  sing N N 412 
# 
loop_
_pdbx_audit_support.funding_organization 
_pdbx_audit_support.country 
_pdbx_audit_support.grant_number 
_pdbx_audit_support.ordinal 
'Engineering and Physical Sciences Research Council' 'United Kingdom' ? 1 
'Bill & Melinda Gates Foundation'                    'United States'  ? 2 
'European Union'                                     ?                ? 3 
# 
_pdbx_initial_refinement_model.id               1 
_pdbx_initial_refinement_model.entity_id_list   ? 
_pdbx_initial_refinement_model.type             'experimental model' 
_pdbx_initial_refinement_model.source_name      PDB 
_pdbx_initial_refinement_model.accession_code   1T56 
_pdbx_initial_refinement_model.details          ? 
# 
_atom_sites.entry_id                    5EZG 
_atom_sites.fract_transf_matrix[1][1]   0.00620299 
_atom_sites.fract_transf_matrix[1][2]   0.00260227 
_atom_sites.fract_transf_matrix[1][3]   0.00474347 
_atom_sites.fract_transf_matrix[2][1]   -0.00376074 
_atom_sites.fract_transf_matrix[2][2]   0.00726180 
_atom_sites.fract_transf_matrix[2][3]   0.00093405 
_atom_sites.fract_transf_matrix[3][1]   -0.01396455 
_atom_sites.fract_transf_matrix[3][2]   -0.01030820 
_atom_sites.fract_transf_matrix[3][3]   0.02391639 
_atom_sites.fract_transf_vector[1]      0.285857 
_atom_sites.fract_transf_vector[2]      0.139812 
_atom_sites.fract_transf_vector[3]      -0.006846 
# 
loop_
_atom_type.symbol 
C 
N 
O 
S 
# 
loop_
_atom_site.group_PDB 
_atom_site.id 
_atom_site.type_symbol 
_atom_site.label_atom_id 
_atom_site.label_alt_id 
_atom_site.label_comp_id 
_atom_site.label_asym_id 
_atom_site.label_entity_id 
_atom_site.label_seq_id 
_atom_site.pdbx_PDB_ins_code 
_atom_site.Cartn_x 
_atom_site.Cartn_y 
_atom_site.Cartn_z 
_atom_site.occupancy 
_atom_site.B_iso_or_equiv 
_atom_site.pdbx_formal_charge 
_atom_site.auth_seq_id 
_atom_site.auth_comp_id 
_atom_site.auth_asym_id 
_atom_site.auth_atom_id 
_atom_site.pdbx_PDB_model_num 
ATOM   1    N N   . GLY A 1 26  ? 21.924  8.075   16.264  1.00 62.20 ? 22  GLY A N   1 
ATOM   2    C CA  . GLY A 1 26  ? 21.994  8.797   14.968  1.00 63.81 ? 22  GLY A CA  1 
ATOM   3    C C   . GLY A 1 26  ? 20.738  8.475   14.186  1.00 72.32 ? 22  GLY A C   1 
ATOM   4    O O   . GLY A 1 26  ? 19.761  9.228   14.223  1.00 70.02 ? 22  GLY A O   1 
ATOM   5    N N   . ASP A 1 27  ? 20.754  7.342   13.483  1.00 71.59 ? 23  ASP A N   1 
ATOM   6    C CA  . ASP A 1 27  ? 19.529  6.779   12.896  1.00 73.52 ? 23  ASP A CA  1 
ATOM   7    C C   . ASP A 1 27  ? 18.584  6.433   14.046  1.00 70.29 ? 23  ASP A C   1 
ATOM   8    O O   . ASP A 1 27  ? 17.374  6.409   13.849  1.00 67.31 ? 23  ASP A O   1 
ATOM   9    C CB  . ASP A 1 27  ? 19.805  5.531   12.032  1.00 69.40 ? 23  ASP A CB  1 
ATOM   10   N N   . ASP A 1 28  ? 19.158  6.184   15.235  1.00 62.71 ? 24  ASP A N   1 
ATOM   11   C CA  . ASP A 1 28  ? 18.401  5.975   16.473  1.00 58.22 ? 24  ASP A CA  1 
ATOM   12   C C   . ASP A 1 28  ? 17.411  7.074   16.764  1.00 48.20 ? 24  ASP A C   1 
ATOM   13   O O   . ASP A 1 28  ? 16.267  6.790   17.086  1.00 45.83 ? 24  ASP A O   1 
ATOM   14   C CB  . ASP A 1 28  ? 19.324  5.797   17.692  1.00 67.32 ? 24  ASP A CB  1 
ATOM   15   C CG  . ASP A 1 28  ? 19.563  4.323   18.045  1.00 78.56 ? 24  ASP A CG  1 
ATOM   16   O OD1 . ASP A 1 28  ? 19.621  3.464   17.130  1.00 75.36 ? 24  ASP A OD1 1 
ATOM   17   O OD2 . ASP A 1 28  ? 19.703  4.022   19.252  1.00 85.38 ? 24  ASP A OD2 1 
ATOM   18   N N   . ARG A 1 29  ? 17.824  8.342   16.674  1.00 43.92 ? 25  ARG A N   1 
ATOM   19   C CA  . ARG A 1 29  ? 16.852  9.407   16.966  1.00 37.78 ? 25  ARG A CA  1 
ATOM   20   C C   . ARG A 1 29  ? 15.832  9.462   15.788  1.00 34.59 ? 25  ARG A C   1 
ATOM   21   O O   . ARG A 1 29  ? 14.663  9.711   16.012  1.00 31.83 ? 25  ARG A O   1 
ATOM   22   C CB  . ARG A 1 29  ? 17.543  10.741  17.235  1.00 38.59 ? 25  ARG A CB  1 
ATOM   23   C CG  . ARG A 1 29  ? 18.317  10.727  18.570  1.00 41.69 ? 25  ARG A CG  1 
ATOM   24   N N   . GLU A 1 30  ? 16.306  9.212   14.574  1.00 33.62 ? 26  GLU A N   1 
ATOM   25   C CA  . GLU A 1 30  ? 15.431  9.217   13.383  1.00 36.52 ? 26  GLU A CA  1 
ATOM   26   C C   . GLU A 1 30  ? 14.367  8.134   13.534  1.00 33.71 ? 26  GLU A C   1 
ATOM   27   O O   . GLU A 1 30  ? 13.183  8.401   13.371  1.00 30.86 ? 26  GLU A O   1 
ATOM   28   C CB  . GLU A 1 30  ? 16.222  9.023   12.105  1.00 38.53 ? 26  GLU A CB  1 
ATOM   29   C CG  . GLU A 1 30  ? 15.312  9.246   10.921  1.00 42.93 ? 26  GLU A CG  1 
ATOM   30   C CD  . GLU A 1 30  ? 15.973  9.045   9.572   1.00 59.54 ? 26  GLU A CD  1 
ATOM   31   O OE1 . GLU A 1 30  ? 17.081  9.595   9.348   1.00 52.42 ? 26  GLU A OE1 1 
ATOM   32   O OE2 . GLU A 1 30  ? 15.333  8.380   8.720   1.00 57.42 ? 26  GLU A OE2 1 
ATOM   33   N N   . LEU A 1 31  ? 14.801  6.950   13.969  1.00 31.75 ? 27  LEU A N   1 
ATOM   34   C CA  . LEU A 1 31  ? 13.902  5.825   14.167  1.00 35.22 ? 27  LEU A CA  1 
ATOM   35   C C   . LEU A 1 31  ? 12.924  6.097   15.267  1.00 33.39 ? 27  LEU A C   1 
ATOM   36   O O   . LEU A 1 31  ? 11.744  5.792   15.130  1.00 32.26 ? 27  LEU A O   1 
ATOM   37   C CB  . LEU A 1 31  ? 14.668  4.511   14.364  1.00 36.93 ? 27  LEU A CB  1 
ATOM   38   C CG  . LEU A 1 31  ? 15.253  4.029   13.021  1.00 43.08 ? 27  LEU A CG  1 
ATOM   39   C CD1 . LEU A 1 31  ? 16.400  3.034   13.217  1.00 44.41 ? 27  LEU A CD1 1 
ATOM   40   C CD2 . LEU A 1 31  ? 14.171  3.434   12.104  1.00 46.30 ? 27  LEU A CD2 1 
ATOM   41   N N   . ALA A 1 32  ? 13.381  6.761   16.336  1.00 30.87 ? 28  ALA A N   1 
ATOM   42   C CA  . ALA A 1 32  ? 12.492  7.164   17.449  1.00 31.34 ? 28  ALA A CA  1 
ATOM   43   C C   . ALA A 1 32  ? 11.461  8.163   16.982  1.00 26.88 ? 28  ALA A C   1 
ATOM   44   O O   . ALA A 1 32  ? 10.323  8.143   17.420  1.00 26.26 ? 28  ALA A O   1 
ATOM   45   C CB  . ALA A 1 32  ? 13.339  7.831   18.559  1.00 33.86 ? 28  ALA A CB  1 
ATOM   46   N N   . ILE A 1 33  ? 11.857  9.139   16.164  1.00 22.80 ? 29  ILE A N   1 
ATOM   47   C CA  . ILE A 1 33  ? 10.874  10.081  15.673  1.00 21.69 ? 29  ILE A CA  1 
ATOM   48   C C   . ILE A 1 33  ? 9.751   9.328   14.820  1.00 19.58 ? 29  ILE A C   1 
ATOM   49   O O   . ILE A 1 33  ? 8.561   9.642   14.942  1.00 21.25 ? 29  ILE A O   1 
ATOM   50   C CB  . ILE A 1 33  ? 11.550  11.156  14.740  1.00 20.56 ? 29  ILE A CB  1 
ATOM   51   C CG1 . ILE A 1 33  ? 12.456  12.124  15.599  1.00 21.00 ? 29  ILE A CG1 1 
ATOM   52   C CG2 . ILE A 1 33  ? 10.474  11.961  14.039  1.00 20.44 ? 29  ILE A CG2 1 
ATOM   53   C CD1 . ILE A 1 33  ? 13.356  13.036  14.784  1.00 22.97 ? 29  ILE A CD1 1 
ATOM   54   N N   . LEU A 1 34  ? 10.186  8.491   13.931  1.00 22.97 ? 30  LEU A N   1 
ATOM   55   C CA  . LEU A 1 34  ? 9.258   7.744   13.034  1.00 24.19 ? 30  LEU A CA  1 
ATOM   56   C C   . LEU A 1 34  ? 8.264   6.882   13.873  1.00 24.12 ? 30  LEU A C   1 
ATOM   57   O O   . LEU A 1 34  ? 7.049   6.870   13.630  1.00 25.93 ? 30  LEU A O   1 
ATOM   58   C CB  . LEU A 1 34  ? 10.064  6.859   12.116  1.00 25.27 ? 30  LEU A CB  1 
ATOM   59   C CG  . LEU A 1 34  ? 10.822  7.661   11.002  1.00 24.10 ? 30  LEU A CG  1 
ATOM   60   C CD1 . LEU A 1 34  ? 11.846  6.777   10.331  1.00 27.28 ? 30  LEU A CD1 1 
ATOM   61   C CD2 . LEU A 1 34  ? 9.855   8.278   9.952   1.00 24.67 ? 30  LEU A CD2 1 
ATOM   62   N N   . ALA A 1 35  ? 8.812   6.245   14.881  1.00 24.58 ? 31  ALA A N   1 
ATOM   63   C CA  . ALA A 1 35  ? 8.067   5.385   15.810  1.00 26.87 ? 31  ALA A CA  1 
ATOM   64   C C   . ALA A 1 35  ? 7.055   6.218   16.564  1.00 29.05 ? 31  ALA A C   1 
ATOM   65   O O   . ALA A 1 35  ? 5.913   5.785   16.708  1.00 24.52 ? 31  ALA A O   1 
ATOM   66   C CB  . ALA A 1 35  ? 9.028   4.668   16.766  1.00 30.14 ? 31  ALA A CB  1 
ATOM   67   N N   . THR A 1 36  ? 7.453   7.400   17.099  1.00 24.94 ? 32  THR A N   1 
ATOM   68   C CA  . THR A 1 36  ? 6.542   8.266   17.778  1.00 22.90 ? 32  THR A CA  1 
ATOM   69   C C   . THR A 1 36  ? 5.475   8.672   16.805  1.00 24.98 ? 32  THR A C   1 
ATOM   70   O O   . THR A 1 36  ? 4.275   8.755   17.212  1.00 26.65 ? 32  THR A O   1 
ATOM   71   C CB  . THR A 1 36  ? 7.251   9.568   18.326  1.00 22.72 ? 32  THR A CB  1 
ATOM   72   O OG1 . THR A 1 36  ? 8.242   9.174   19.273  1.00 30.77 ? 32  THR A OG1 1 
ATOM   73   C CG2 . THR A 1 36  ? 6.265   10.500  18.981  1.00 24.95 ? 32  THR A CG2 1 
ATOM   74   N N   . ALA A 1 37  ? 5.842   9.008   15.543  1.00 22.52 ? 33  ALA A N   1 
ATOM   75   C CA  . ALA A 1 37  ? 4.769   9.581   14.699  1.00 22.82 ? 33  ALA A CA  1 
ATOM   76   C C   . ALA A 1 37  ? 3.752   8.436   14.457  1.00 22.31 ? 33  ALA A C   1 
ATOM   77   O O   . ALA A 1 37  ? 2.497   8.681   14.413  1.00 23.93 ? 33  ALA A O   1 
ATOM   78   C CB  . ALA A 1 37  ? 5.293   10.015  13.299  1.00 21.48 ? 33  ALA A CB  1 
ATOM   79   N N   . GLU A 1 38  ? 4.271   7.240   14.231  1.00 23.40 ? 34  GLU A N   1 
ATOM   80   C CA  . GLU A 1 38  ? 3.270   6.142   13.898  1.00 25.90 ? 34  GLU A CA  1 
ATOM   81   C C   . GLU A 1 38  ? 2.360   5.851   15.083  1.00 28.61 ? 34  GLU A C   1 
ATOM   82   O O   . GLU A 1 38  ? 1.167   5.670   14.933  1.00 26.10 ? 34  GLU A O   1 
ATOM   83   C CB  . GLU A 1 38  ? 3.994   4.921   13.399  1.00 27.20 ? 34  GLU A CB  1 
ATOM   84   C CG  . GLU A 1 38  ? 3.114   3.687   13.135  1.00 30.23 ? 34  GLU A CG  1 
ATOM   85   C CD  . GLU A 1 38  ? 3.811   2.674   12.240  1.00 33.56 ? 34  GLU A CD  1 
ATOM   86   O OE1 . GLU A 1 38  ? 5.080   2.589   12.229  1.00 36.46 ? 34  GLU A OE1 1 
ATOM   87   O OE2 . GLU A 1 38  ? 3.091   1.926   11.522  1.00 34.17 ? 34  GLU A OE2 1 
ATOM   88   N N   . ASN A 1 39  ? 2.927   5.861   16.286  1.00 30.30 ? 35  ASN A N   1 
ATOM   89   C CA  . ASN A 1 39  ? 2.119   5.745   17.521  1.00 32.11 ? 35  ASN A CA  1 
ATOM   90   C C   . ASN A 1 39  ? 1.075   6.793   17.699  1.00 30.27 ? 35  ASN A C   1 
ATOM   91   O O   . ASN A 1 39  ? -0.142  6.507   17.919  1.00 29.75 ? 35  ASN A O   1 
ATOM   92   C CB  . ASN A 1 39  ? 3.069   5.706   18.717  1.00 39.21 ? 35  ASN A CB  1 
ATOM   93   C CG  . ASN A 1 39  ? 3.902   4.438   18.746  1.00 52.03 ? 35  ASN A CG  1 
ATOM   94   O OD1 . ASN A 1 39  ? 3.622   3.473   18.026  1.00 59.36 ? 35  ASN A OD1 1 
ATOM   95   N ND2 . ASN A 1 39  ? 4.942   4.427   19.596  1.00 55.50 ? 35  ASN A ND2 1 
ATOM   96   N N   . LEU A 1 40  ? 1.442   8.059   17.537  1.00 29.10 ? 36  LEU A N   1 
ATOM   97   C CA  . LEU A 1 40  ? 0.475   9.133   17.616  1.00 28.81 ? 36  LEU A CA  1 
ATOM   98   C C   . LEU A 1 40  ? -0.635  9.138   16.567  1.00 31.01 ? 36  LEU A C   1 
ATOM   99   O O   . LEU A 1 40  ? -1.747  9.550   16.840  1.00 30.38 ? 36  LEU A O   1 
ATOM   100  C CB  . LEU A 1 40  ? 1.185   10.521  17.587  1.00 28.91 ? 36  LEU A CB  1 
ATOM   101  C CG  . LEU A 1 40  ? 2.150   10.757  18.764  1.00 30.78 ? 36  LEU A CG  1 
ATOM   102  C CD1 . LEU A 1 40  ? 2.734   12.187  18.651  1.00 32.98 ? 36  LEU A CD1 1 
ATOM   103  C CD2 . LEU A 1 40  ? 1.296   10.518  20.012  1.00 36.89 ? 36  LEU A CD2 1 
ATOM   104  N N   . LEU A 1 41  ? -0.281  8.764   15.330  1.00 28.49 ? 37  LEU A N   1 
ATOM   105  C CA  . LEU A 1 41  ? -1.227  8.641   14.211  1.00 29.78 ? 37  LEU A CA  1 
ATOM   106  C C   . LEU A 1 41  ? -2.313  7.554   14.491  1.00 27.91 ? 37  LEU A C   1 
ATOM   107  O O   . LEU A 1 41  ? -3.398  7.635   13.921  1.00 33.86 ? 37  LEU A O   1 
ATOM   108  C CB  . LEU A 1 41  ? -0.451  8.299   12.924  1.00 26.71 ? 37  LEU A CB  1 
ATOM   109  C CG  . LEU A 1 41  ? 0.208   9.590   12.357  1.00 24.66 ? 37  LEU A CG  1 
ATOM   110  C CD1 . LEU A 1 41  ? 1.163   9.208   11.237  1.00 25.24 ? 37  LEU A CD1 1 
ATOM   111  C CD2 . LEU A 1 41  ? -0.782  10.702  11.988  1.00 26.14 ? 37  LEU A CD2 1 
ATOM   112  N N   . GLU A 1 42  ? -2.031  6.603   15.362  1.00 31.43 ? 38  GLU A N   1 
ATOM   113  C CA  . GLU A 1 42  ? -3.134  5.698   15.862  1.00 40.63 ? 38  GLU A CA  1 
ATOM   114  C C   . GLU A 1 42  ? -4.276  6.488   16.523  1.00 46.42 ? 38  GLU A C   1 
ATOM   115  O O   . GLU A 1 42  ? -5.440  6.163   16.342  1.00 48.44 ? 38  GLU A O   1 
ATOM   116  C CB  . GLU A 1 42  ? -2.612  4.588   16.766  1.00 40.23 ? 38  GLU A CB  1 
ATOM   117  C CG  . GLU A 1 42  ? -2.306  3.286   16.017  1.00 59.87 ? 38  GLU A CG  1 
ATOM   118  C CD  . GLU A 1 42  ? -0.811  2.932   15.975  1.00 69.56 ? 38  GLU A CD  1 
ATOM   119  O OE1 . GLU A 1 42  ? -0.250  2.585   17.052  1.00 72.75 ? 38  GLU A OE1 1 
ATOM   120  O OE2 . GLU A 1 42  ? -0.184  2.972   14.874  1.00 63.12 ? 38  GLU A OE2 1 
ATOM   121  N N   . ASP A 1 43  ? -3.944  7.590   17.205  1.00 46.66 ? 39  ASP A N   1 
ATOM   122  C CA  . ASP A 1 43  ? -4.921  8.346   17.998  1.00 50.08 ? 39  ASP A CA  1 
ATOM   123  C C   . ASP A 1 43  ? -5.533  9.575   17.361  1.00 45.14 ? 39  ASP A C   1 
ATOM   124  O O   . ASP A 1 43  ? -6.678  9.899   17.635  1.00 40.89 ? 39  ASP A O   1 
ATOM   125  C CB  . ASP A 1 43  ? -4.298  8.726   19.334  1.00 54.19 ? 39  ASP A CB  1 
ATOM   126  C CG  . ASP A 1 43  ? -4.161  7.536   20.257  1.00 70.26 ? 39  ASP A CG  1 
ATOM   127  O OD1 . ASP A 1 43  ? -4.427  6.384   19.829  1.00 72.81 ? 39  ASP A OD1 1 
ATOM   128  O OD2 . ASP A 1 43  ? -3.789  7.744   21.426  1.00 83.39 ? 39  ASP A OD2 1 
ATOM   129  N N   . ARG A 1 44  ? -4.772  10.317  16.570  1.00 37.17 ? 40  ARG A N   1 
ATOM   130  C CA  . ARG A 1 44  ? -5.348  11.422  15.842  1.00 38.30 ? 40  ARG A CA  1 
ATOM   131  C C   . ARG A 1 44  ? -4.623  11.693  14.564  1.00 37.72 ? 40  ARG A C   1 
ATOM   132  O O   . ARG A 1 44  ? -3.564  11.081  14.300  1.00 40.74 ? 40  ARG A O   1 
ATOM   133  C CB  . ARG A 1 44  ? -5.355  12.690  16.690  1.00 48.99 ? 40  ARG A CB  1 
ATOM   134  C CG  . ARG A 1 44  ? -4.021  13.047  17.261  1.00 47.15 ? 40  ARG A CG  1 
ATOM   135  C CD  . ARG A 1 44  ? -4.261  13.909  18.492  1.00 56.09 ? 40  ARG A CD  1 
ATOM   136  N NE  . ARG A 1 44  ? -3.008  14.136  19.177  1.00 59.65 ? 40  ARG A NE  1 
ATOM   137  C CZ  . ARG A 1 44  ? -2.263  13.161  19.679  1.00 63.77 ? 40  ARG A CZ  1 
ATOM   138  N NH1 . ARG A 1 44  ? -2.643  11.874  19.548  1.00 65.51 ? 40  ARG A NH1 1 
ATOM   139  N NH2 . ARG A 1 44  ? -1.129  13.481  20.283  1.00 57.00 ? 40  ARG A NH2 1 
ATOM   140  N N   . PRO A 1 45  ? -5.188  12.610  13.759  1.00 39.61 ? 41  PRO A N   1 
ATOM   141  C CA  . PRO A 1 45  ? -4.681  12.967  12.458  1.00 40.75 ? 41  PRO A CA  1 
ATOM   142  C C   . PRO A 1 45  ? -3.433  13.839  12.587  1.00 41.18 ? 41  PRO A C   1 
ATOM   143  O O   . PRO A 1 45  ? -3.169  14.382  13.684  1.00 37.13 ? 41  PRO A O   1 
ATOM   144  C CB  . PRO A 1 45  ? -5.821  13.815  11.884  1.00 43.15 ? 41  PRO A CB  1 
ATOM   145  C CG  . PRO A 1 45  ? -6.430  14.453  13.101  1.00 43.08 ? 41  PRO A CG  1 
ATOM   146  C CD  . PRO A 1 45  ? -6.488  13.276  14.012  1.00 44.88 ? 41  PRO A CD  1 
ATOM   147  N N   . LEU A 1 46  ? -2.748  14.020  11.455  1.00 38.54 ? 42  LEU A N   1 
ATOM   148  C CA  . LEU A 1 46  ? -1.471  14.728  11.439  1.00 43.28 ? 42  LEU A CA  1 
ATOM   149  C C   . LEU A 1 46  ? -1.668  16.225  11.814  1.00 39.25 ? 42  LEU A C   1 
ATOM   150  O O   . LEU A 1 46  ? -0.770  16.857  12.347  1.00 35.24 ? 42  LEU A O   1 
ATOM   151  C CB  . LEU A 1 46  ? -0.760  14.566  10.082  1.00 39.42 ? 42  LEU A CB  1 
ATOM   152  C CG  . LEU A 1 46  ? 0.728   14.981  10.040  1.00 37.04 ? 42  LEU A CG  1 
ATOM   153  C CD1 . LEU A 1 46  ? 1.665   14.032  10.798  1.00 36.97 ? 42  LEU A CD1 1 
ATOM   154  C CD2 . LEU A 1 46  ? 1.194   15.200  8.601   1.00 37.17 ? 42  LEU A CD2 1 
ATOM   155  N N   . ALA A 1 47  ? -2.839  16.781  11.516  1.00 45.73 ? 43  ALA A N   1 
ATOM   156  C CA  . ALA A 1 47  ? -3.099  18.180  11.869  1.00 46.92 ? 43  ALA A CA  1 
ATOM   157  C C   . ALA A 1 47  ? -3.236  18.400  13.393  1.00 45.85 ? 43  ALA A C   1 
ATOM   158  O O   . ALA A 1 47  ? -3.139  19.536  13.866  1.00 47.38 ? 43  ALA A O   1 
ATOM   159  C CB  . ALA A 1 47  ? -4.303  18.717  11.114  1.00 47.33 ? 43  ALA A CB  1 
ATOM   160  N N   . ASP A 1 48  ? -3.428  17.337  14.175  1.00 43.06 ? 44  ASP A N   1 
ATOM   161  C CA  . ASP A 1 48  ? -3.520  17.473  15.632  1.00 42.52 ? 44  ASP A CA  1 
ATOM   162  C C   . ASP A 1 48  ? -2.252  17.021  16.252  1.00 41.36 ? 44  ASP A C   1 
ATOM   163  O O   . ASP A 1 48  ? -2.216  16.780  17.462  1.00 39.70 ? 44  ASP A O   1 
ATOM   164  C CB  . ASP A 1 48  ? -4.648  16.613  16.223  1.00 43.17 ? 44  ASP A CB  1 
ATOM   165  C CG  . ASP A 1 48  ? -6.021  17.036  15.771  1.00 59.07 ? 44  ASP A CG  1 
ATOM   166  O OD1 . ASP A 1 48  ? -6.157  18.083  15.075  1.00 57.83 ? 44  ASP A OD1 1 
ATOM   167  O OD2 . ASP A 1 48  ? -6.970  16.299  16.131  1.00 57.72 ? 44  ASP A OD2 1 
ATOM   168  N N   . ILE A 1 49  ? -1.216  16.813  15.420  1.00 39.70 ? 45  ILE A N   1 
ATOM   169  C CA  . ILE A 1 49  ? 0.082   16.424  15.942  1.00 33.67 ? 45  ILE A CA  1 
ATOM   170  C C   . ILE A 1 49  ? 1.055   17.575  15.615  1.00 34.00 ? 45  ILE A C   1 
ATOM   171  O O   . ILE A 1 49  ? 1.121   18.059  14.466  1.00 31.89 ? 45  ILE A O   1 
ATOM   172  C CB  . ILE A 1 49  ? 0.600   15.092  15.357  1.00 34.76 ? 45  ILE A CB  1 
ATOM   173  C CG1 . ILE A 1 49  ? -0.317  13.942  15.752  1.00 32.27 ? 45  ILE A CG1 1 
ATOM   174  C CG2 . ILE A 1 49  ? 1.968   14.719  15.900  1.00 32.53 ? 45  ILE A CG2 1 
ATOM   175  C CD1 . ILE A 1 49  ? 0.092   12.672  15.042  1.00 35.06 ? 45  ILE A CD1 1 
ATOM   176  N N   . SER A 1 50  ? 1.755   18.034  16.652  1.00 36.82 ? 46  SER A N   1 
ATOM   177  C CA  . SER A 1 50  ? 2.759   19.121  16.482  1.00 35.32 ? 46  SER A CA  1 
ATOM   178  C C   . SER A 1 50  ? 4.184   18.541  16.435  1.00 35.15 ? 46  SER A C   1 
ATOM   179  O O   . SER A 1 50  ? 4.492   17.465  17.003  1.00 30.36 ? 46  SER A O   1 
ATOM   180  C CB  . SER A 1 50  ? 2.661   20.114  17.662  1.00 36.53 ? 46  SER A CB  1 
ATOM   181  O OG  . SER A 1 50  ? 2.985   19.392  18.831  1.00 39.19 ? 46  SER A OG  1 
ATOM   182  N N   . VAL A 1 51  ? 5.091   19.271  15.774  1.00 34.11 ? 47  VAL A N   1 
ATOM   183  C CA  . VAL A 1 51  ? 6.515   18.914  15.888  1.00 30.28 ? 47  VAL A CA  1 
ATOM   184  C C   . VAL A 1 51  ? 6.928   18.718  17.354  1.00 27.61 ? 47  VAL A C   1 
ATOM   185  O O   . VAL A 1 51  ? 7.758   17.869  17.674  1.00 29.61 ? 47  VAL A O   1 
ATOM   186  C CB  . VAL A 1 51  ? 7.411   19.966  15.179  1.00 35.29 ? 47  VAL A CB  1 
ATOM   187  C CG1 . VAL A 1 51  ? 8.896   19.764  15.520  1.00 30.07 ? 47  VAL A CG1 1 
ATOM   188  C CG2 . VAL A 1 51  ? 7.192   19.875  13.678  1.00 34.65 ? 47  VAL A CG2 1 
ATOM   189  N N   . ASP A 1 52  ? 6.391   19.555  18.248  1.00 33.06 ? 48  ASP A N   1 
ATOM   190  C CA  . ASP A 1 52  ? 6.788   19.433  19.650  1.00 36.07 ? 48  ASP A CA  1 
ATOM   191  C C   . ASP A 1 52  ? 6.381   18.081  20.233  1.00 34.67 ? 48  ASP A C   1 
ATOM   192  O O   . ASP A 1 52  ? 7.149   17.478  20.962  1.00 34.16 ? 48  ASP A O   1 
ATOM   193  C CB  . ASP A 1 52  ? 6.300   20.633  20.493  1.00 40.85 ? 48  ASP A CB  1 
ATOM   194  C CG  . ASP A 1 52  ? 7.127   21.895  20.241  1.00 48.72 ? 48  ASP A CG  1 
ATOM   195  O OD1 . ASP A 1 52  ? 8.366   21.798  20.025  1.00 46.53 ? 48  ASP A OD1 1 
ATOM   196  O OD2 . ASP A 1 52  ? 6.532   22.984  20.221  1.00 52.77 ? 48  ASP A OD2 1 
ATOM   197  N N   . ASP A 1 53  ? 5.205   17.580  19.842  1.00 36.22 ? 49  ASP A N   1 
ATOM   198  C CA  . ASP A 1 53  ? 4.753   16.211  20.275  1.00 35.02 ? 49  ASP A CA  1 
ATOM   199  C C   . ASP A 1 53  ? 5.710   15.159  19.790  1.00 30.61 ? 49  ASP A C   1 
ATOM   200  O O   . ASP A 1 53  ? 6.027   14.206  20.501  1.00 29.10 ? 49  ASP A O   1 
ATOM   201  C CB  . ASP A 1 53  ? 3.318   15.874  19.767  1.00 39.65 ? 49  ASP A CB  1 
ATOM   202  C CG  . ASP A 1 53  ? 2.264   16.872  20.216  1.00 48.43 ? 49  ASP A CG  1 
ATOM   203  O OD1 . ASP A 1 53  ? 2.398   17.479  21.311  1.00 50.76 ? 49  ASP A OD1 1 
ATOM   204  O OD2 . ASP A 1 53  ? 1.278   17.073  19.459  1.00 46.49 ? 49  ASP A OD2 1 
ATOM   205  N N   . LEU A 1 54  ? 6.209   15.308  18.549  1.00 29.13 ? 50  LEU A N   1 
ATOM   206  C CA  . LEU A 1 54  ? 7.094   14.306  18.025  1.00 24.47 ? 50  LEU A CA  1 
ATOM   207  C C   . LEU A 1 54  ? 8.431   14.340  18.697  1.00 25.68 ? 50  LEU A C   1 
ATOM   208  O O   . LEU A 1 54  ? 9.066   13.318  18.942  1.00 25.11 ? 50  LEU A O   1 
ATOM   209  C CB  . LEU A 1 54  ? 7.283   14.465  16.466  1.00 26.48 ? 50  LEU A CB  1 
ATOM   210  C CG  . LEU A 1 54  ? 6.021   14.304  15.609  1.00 28.35 ? 50  LEU A CG  1 
ATOM   211  C CD1 . LEU A 1 54  ? 6.296   14.746  14.159  1.00 27.50 ? 50  LEU A CD1 1 
ATOM   212  C CD2 . LEU A 1 54  ? 5.680   12.793  15.693  1.00 30.12 ? 50  LEU A CD2 1 
ATOM   213  N N   . ALA A 1 55  ? 8.945   15.569  18.942  1.00 27.25 ? 51  ALA A N   1 
ATOM   214  C CA  . ALA A 1 55  ? 10.226  15.642  19.571  1.00 25.82 ? 51  ALA A CA  1 
ATOM   215  C C   . ALA A 1 55  ? 10.132  15.060  20.978  1.00 27.67 ? 51  ALA A C   1 
ATOM   216  O O   . ALA A 1 55  ? 11.021  14.299  21.422  1.00 25.08 ? 51  ALA A O   1 
ATOM   217  C CB  . ALA A 1 55  ? 10.608  17.136  19.684  1.00 25.70 ? 51  ALA A CB  1 
ATOM   218  N N   . LYS A 1 56  ? 9.072   15.487  21.643  1.00 29.70 ? 52  LYS A N   1 
ATOM   219  C CA  . LYS A 1 56  ? 8.900   15.071  23.060  1.00 37.69 ? 52  LYS A CA  1 
ATOM   220  C C   . LYS A 1 56  ? 8.829   13.547  23.103  1.00 36.02 ? 52  LYS A C   1 
ATOM   221  O O   . LYS A 1 56  ? 9.656   12.897  23.746  1.00 36.59 ? 52  LYS A O   1 
ATOM   222  C CB  . LYS A 1 56  ? 7.705   15.780  23.704  1.00 34.33 ? 52  LYS A CB  1 
ATOM   223  N N   . GLY A 1 57  ? 7.945   12.932  22.299  1.00 34.18 ? 53  GLY A N   1 
ATOM   224  C CA  . GLY A 1 57  ? 7.958   11.449  22.258  1.00 32.83 ? 53  GLY A CA  1 
ATOM   225  C C   . GLY A 1 57  ? 9.276   10.820  21.871  1.00 31.37 ? 53  GLY A C   1 
ATOM   226  O O   . GLY A 1 57  ? 9.616   9.703   22.277  1.00 30.69 ? 53  GLY A O   1 
ATOM   227  N N   . ALA A 1 58  ? 10.104  11.522  21.085  1.00 30.30 ? 54  ALA A N   1 
ATOM   228  C CA  . ALA A 1 58  ? 11.391  10.949  20.668  1.00 26.68 ? 54  ALA A CA  1 
ATOM   229  C C   . ALA A 1 58  ? 12.484  11.284  21.659  1.00 31.85 ? 54  ALA A C   1 
ATOM   230  O O   . ALA A 1 58  ? 13.605  10.830  21.497  1.00 30.30 ? 54  ALA A O   1 
ATOM   231  C CB  . ALA A 1 58  ? 11.839  11.504  19.274  1.00 28.98 ? 54  ALA A CB  1 
ATOM   232  N N   . GLY A 1 59  ? 12.187  12.140  22.621  1.00 33.43 ? 55  GLY A N   1 
ATOM   233  C CA  . GLY A 1 59  ? 13.232  12.394  23.665  1.00 32.79 ? 55  GLY A CA  1 
ATOM   234  C C   . GLY A 1 59  ? 14.267  13.400  23.168  1.00 30.97 ? 55  GLY A C   1 
ATOM   235  O O   . GLY A 1 59  ? 15.421  13.360  23.570  1.00 31.12 ? 55  GLY A O   1 
ATOM   236  N N   . ILE A 1 60  ? 13.838  14.298  22.294  1.00 30.15 ? 56  ILE A N   1 
ATOM   237  C CA  . ILE A 1 60  ? 14.805  15.263  21.719  1.00 29.31 ? 56  ILE A CA  1 
ATOM   238  C C   . ILE A 1 60  ? 14.175  16.585  21.799  1.00 25.27 ? 56  ILE A C   1 
ATOM   239  O O   . ILE A 1 60  ? 12.966  16.710  22.088  1.00 25.98 ? 56  ILE A O   1 
ATOM   240  C CB  . ILE A 1 60  ? 15.141  14.906  20.248  1.00 27.66 ? 56  ILE A CB  1 
ATOM   241  C CG1 . ILE A 1 60  ? 13.821  14.894  19.444  1.00 22.76 ? 56  ILE A CG1 1 
ATOM   242  C CG2 . ILE A 1 60  ? 16.035  13.677  20.160  1.00 29.84 ? 56  ILE A CG2 1 
ATOM   243  C CD1 . ILE A 1 60  ? 14.068  14.715  17.963  1.00 26.22 ? 56  ILE A CD1 1 
ATOM   244  N N   . SER A 1 61  ? 14.960  17.686  21.542  1.00 24.58 ? 57  SER A N   1 
ATOM   245  C CA  . SER A 1 61  ? 14.319  18.979  21.562  1.00 23.53 ? 57  SER A CA  1 
ATOM   246  C C   . SER A 1 61  ? 13.716  19.320  20.213  1.00 27.24 ? 57  SER A C   1 
ATOM   247  O O   . SER A 1 61  ? 14.008  18.649  19.244  1.00 23.84 ? 57  SER A O   1 
ATOM   248  C CB  . SER A 1 61  ? 15.404  20.060  21.889  1.00 27.52 ? 57  SER A CB  1 
ATOM   249  O OG  . SER A 1 61  ? 16.285  20.028  20.821  1.00 21.24 ? 57  SER A OG  1 
ATOM   250  N N   . ARG A 1 62  ? 12.910  20.375  20.139  1.00 25.51 ? 58  ARG A N   1 
ATOM   251  C CA  . ARG A 1 62  ? 12.460  20.846  18.824  1.00 25.87 ? 58  ARG A CA  1 
ATOM   252  C C   . ARG A 1 62  ? 13.536  21.148  17.767  1.00 25.23 ? 58  ARG A C   1 
ATOM   253  O O   . ARG A 1 62  ? 13.451  20.696  16.626  1.00 21.87 ? 58  ARG A O   1 
ATOM   254  C CB  . ARG A 1 62  ? 11.510  21.988  19.044  1.00 30.73 ? 58  ARG A CB  1 
ATOM   255  C CG  . ARG A 1 62  ? 10.983  22.764  17.862  1.00 36.09 ? 58  ARG A CG  1 
ATOM   256  C CD  . ARG A 1 62  ? 10.039  23.854  18.440  1.00 45.67 ? 58  ARG A CD  1 
ATOM   257  N NE  . ARG A 1 62  ? 9.336   24.543  17.376  1.00 60.03 ? 58  ARG A NE  1 
ATOM   258  C CZ  . ARG A 1 62  ? 8.162   24.153  16.869  1.00 70.95 ? 58  ARG A CZ  1 
ATOM   259  N NH1 . ARG A 1 62  ? 7.535   23.080  17.349  1.00 71.52 ? 58  ARG A NH1 1 
ATOM   260  N NH2 . ARG A 1 62  ? 7.597   24.848  15.885  1.00 67.93 ? 58  ARG A NH2 1 
ATOM   261  N N   . PRO A 1 63  ? 14.598  21.942  18.098  1.00 22.00 ? 59  PRO A N   1 
ATOM   262  C CA  . PRO A 1 63  ? 15.557  22.198  16.983  1.00 20.26 ? 59  PRO A CA  1 
ATOM   263  C C   . PRO A 1 63  ? 16.314  20.948  16.646  1.00 17.86 ? 59  PRO A C   1 
ATOM   264  O O   . PRO A 1 63  ? 16.767  20.753  15.530  1.00 19.46 ? 59  PRO A O   1 
ATOM   265  C CB  . PRO A 1 63  ? 16.565  23.273  17.606  1.00 20.19 ? 59  PRO A CB  1 
ATOM   266  C CG  . PRO A 1 63  ? 16.269  23.195  19.092  1.00 20.04 ? 59  PRO A CG  1 
ATOM   267  C CD  . PRO A 1 63  ? 14.803  22.797  19.297  1.00 21.33 ? 59  PRO A CD  1 
ATOM   268  N N   . THR A 1 64  ? 16.442  20.022  17.603  1.00 17.11 ? 60  THR A N   1 
ATOM   269  C CA  . THR A 1 64  ? 17.092  18.759  17.216  1.00 18.91 ? 60  THR A CA  1 
ATOM   270  C C   . THR A 1 64  ? 16.256  17.962  16.180  1.00 21.46 ? 60  THR A C   1 
ATOM   271  O O   . THR A 1 64  ? 16.837  17.335  15.252  1.00 20.96 ? 60  THR A O   1 
ATOM   272  C CB  . THR A 1 64  ? 17.448  17.895  18.447  1.00 23.20 ? 60  THR A CB  1 
ATOM   273  O OG1 . THR A 1 64  ? 18.520  18.590  19.131  1.00 22.57 ? 60  THR A OG1 1 
ATOM   274  C CG2 . THR A 1 64  ? 18.017  16.535  18.018  1.00 23.29 ? 60  THR A CG2 1 
ATOM   275  N N   . PHE A 1 65  ? 14.961  17.956  16.397  1.00 24.74 ? 61  PHE A N   1 
ATOM   276  C CA  . PHE A 1 65  ? 13.986  17.355  15.414  1.00 23.38 ? 61  PHE A CA  1 
ATOM   277  C C   . PHE A 1 65  ? 14.248  17.879  13.984  1.00 27.95 ? 61  PHE A C   1 
ATOM   278  O O   . PHE A 1 65  ? 14.378  17.098  13.029  1.00 27.05 ? 61  PHE A O   1 
ATOM   279  C CB  . PHE A 1 65  ? 12.558  17.678  15.839  1.00 22.46 ? 61  PHE A CB  1 
ATOM   280  C CG  . PHE A 1 65  ? 11.507  17.340  14.761  1.00 22.18 ? 61  PHE A CG  1 
ATOM   281  C CD1 . PHE A 1 65  ? 10.858  16.087  14.772  1.00 28.02 ? 61  PHE A CD1 1 
ATOM   282  C CD2 . PHE A 1 65  ? 11.299  18.194  13.664  1.00 26.52 ? 61  PHE A CD2 1 
ATOM   283  C CE1 . PHE A 1 65  ? 9.963   15.786  13.735  1.00 26.84 ? 61  PHE A CE1 1 
ATOM   284  C CE2 . PHE A 1 65  ? 10.408  17.888  12.616  1.00 29.15 ? 61  PHE A CE2 1 
ATOM   285  C CZ  . PHE A 1 65  ? 9.739   16.653  12.677  1.00 30.12 ? 61  PHE A CZ  1 
ATOM   286  N N   . TYR A 1 66  ? 14.412  19.201  13.872  1.00 25.36 ? 62  TYR A N   1 
ATOM   287  C CA  . TYR A 1 66  ? 14.565  19.851  12.579  1.00 27.36 ? 62  TYR A CA  1 
ATOM   288  C C   . TYR A 1 66  ? 15.855  19.553  11.949  1.00 28.36 ? 62  TYR A C   1 
ATOM   289  O O   . TYR A 1 66  ? 16.030  19.781  10.748  1.00 32.34 ? 62  TYR A O   1 
ATOM   290  C CB  . TYR A 1 66  ? 14.373  21.347  12.703  1.00 25.00 ? 62  TYR A CB  1 
ATOM   291  C CG  . TYR A 1 66  ? 12.988  21.789  12.830  1.00 28.80 ? 62  TYR A CG  1 
ATOM   292  C CD1 . TYR A 1 66  ? 12.055  21.531  11.802  1.00 25.41 ? 62  TYR A CD1 1 
ATOM   293  C CD2 . TYR A 1 66  ? 12.558  22.457  13.953  1.00 30.99 ? 62  TYR A CD2 1 
ATOM   294  C CE1 . TYR A 1 66  ? 10.770  22.007  11.890  1.00 28.71 ? 62  TYR A CE1 1 
ATOM   295  C CE2 . TYR A 1 66  ? 11.248  22.901  14.049  1.00 32.85 ? 62  TYR A CE2 1 
ATOM   296  C CZ  . TYR A 1 66  ? 10.358  22.637  13.001  1.00 28.99 ? 62  TYR A CZ  1 
ATOM   297  O OH  . TYR A 1 66  ? 9.089   23.103  13.091  1.00 34.01 ? 62  TYR A OH  1 
ATOM   298  N N   . PHE A 1 67  ? 16.787  18.997  12.686  1.00 28.66 ? 63  PHE A N   1 
ATOM   299  C CA  . PHE A 1 67  ? 17.928  18.470  12.005  1.00 27.57 ? 63  PHE A CA  1 
ATOM   300  C C   . PHE A 1 67  ? 17.678  17.147  11.248  1.00 35.81 ? 63  PHE A C   1 
ATOM   301  O O   . PHE A 1 67  ? 18.383  16.836  10.312  1.00 33.12 ? 63  PHE A O   1 
ATOM   302  C CB  . PHE A 1 67  ? 19.062  18.236  13.018  1.00 32.56 ? 63  PHE A CB  1 
ATOM   303  C CG  . PHE A 1 67  ? 20.309  17.659  12.445  1.00 36.47 ? 63  PHE A CG  1 
ATOM   304  C CD1 . PHE A 1 67  ? 21.253  18.482  11.780  1.00 38.66 ? 63  PHE A CD1 1 
ATOM   305  C CD2 . PHE A 1 67  ? 20.613  16.342  12.629  1.00 35.03 ? 63  PHE A CD2 1 
ATOM   306  C CE1 . PHE A 1 67  ? 22.406  17.931  11.236  1.00 39.27 ? 63  PHE A CE1 1 
ATOM   307  C CE2 . PHE A 1 67  ? 21.776  15.786  12.105  1.00 44.61 ? 63  PHE A CE2 1 
ATOM   308  C CZ  . PHE A 1 67  ? 22.680  16.585  11.416  1.00 42.65 ? 63  PHE A CZ  1 
ATOM   309  N N   . TYR A 1 68  ? 16.753  16.329  11.721  1.00 28.11 ? 64  TYR A N   1 
ATOM   310  C CA  . TYR A 1 68  ? 16.471  15.040  11.058  1.00 28.29 ? 64  TYR A CA  1 
ATOM   311  C C   . TYR A 1 68  ? 15.355  15.174  10.015  1.00 26.99 ? 64  TYR A C   1 
ATOM   312  O O   . TYR A 1 68  ? 15.356  14.408  9.021   1.00 26.96 ? 64  TYR A O   1 
ATOM   313  C CB  . TYR A 1 68  ? 15.954  14.063  12.109  1.00 26.66 ? 64  TYR A CB  1 
ATOM   314  C CG  . TYR A 1 68  ? 17.077  13.673  12.987  1.00 27.11 ? 64  TYR A CG  1 
ATOM   315  C CD1 . TYR A 1 68  ? 18.043  12.781  12.521  1.00 30.85 ? 64  TYR A CD1 1 
ATOM   316  C CD2 . TYR A 1 68  ? 17.232  14.260  14.232  1.00 24.79 ? 64  TYR A CD2 1 
ATOM   317  C CE1 . TYR A 1 68  ? 19.133  12.444  13.288  1.00 32.80 ? 64  TYR A CE1 1 
ATOM   318  C CE2 . TYR A 1 68  ? 18.352  13.946  15.029  1.00 25.53 ? 64  TYR A CE2 1 
ATOM   319  C CZ  . TYR A 1 68  ? 19.278  13.056  14.555  1.00 30.70 ? 64  TYR A CZ  1 
ATOM   320  O OH  . TYR A 1 68  ? 20.347  12.727  15.350  1.00 35.15 ? 64  TYR A OH  1 
ATOM   321  N N   . PHE A 1 69  ? 14.393  16.046  10.292  1.00 25.18 ? 65  PHE A N   1 
ATOM   322  C CA  . PHE A 1 69  ? 13.277  16.333  9.361   1.00 27.99 ? 65  PHE A CA  1 
ATOM   323  C C   . PHE A 1 69  ? 12.930  17.774  9.265   1.00 27.66 ? 65  PHE A C   1 
ATOM   324  O O   . PHE A 1 69  ? 12.906  18.511  10.270  1.00 28.73 ? 65  PHE A O   1 
ATOM   325  C CB  . PHE A 1 69  ? 11.949  15.528  9.741   1.00 23.70 ? 65  PHE A CB  1 
ATOM   326  C CG  . PHE A 1 69  ? 12.163  14.046  9.746   1.00 24.68 ? 65  PHE A CG  1 
ATOM   327  C CD1 . PHE A 1 69  ? 11.935  13.267  8.589   1.00 27.22 ? 65  PHE A CD1 1 
ATOM   328  C CD2 . PHE A 1 69  ? 12.508  13.389  10.925  1.00 23.44 ? 65  PHE A CD2 1 
ATOM   329  C CE1 . PHE A 1 69  ? 12.184  11.905  8.610   1.00 22.90 ? 65  PHE A CE1 1 
ATOM   330  C CE2 . PHE A 1 69  ? 12.717  12.010  10.959  1.00 24.59 ? 65  PHE A CE2 1 
ATOM   331  C CZ  . PHE A 1 69  ? 12.552  11.253  9.790   1.00 25.82 ? 65  PHE A CZ  1 
ATOM   332  N N   . PRO A 1 70  ? 12.571  18.201  8.063   1.00 31.11 ? 66  PRO A N   1 
ATOM   333  C CA  . PRO A 1 70  ? 12.126  19.569  7.887   1.00 29.53 ? 66  PRO A CA  1 
ATOM   334  C C   . PRO A 1 70  ? 10.782  19.880  8.392   1.00 29.96 ? 66  PRO A C   1 
ATOM   335  O O   . PRO A 1 70  ? 10.479  21.082  8.499   1.00 26.46 ? 66  PRO A O   1 
ATOM   336  C CB  . PRO A 1 70  ? 12.216  19.778  6.357   1.00 34.03 ? 66  PRO A CB  1 
ATOM   337  C CG  . PRO A 1 70  ? 12.123  18.399  5.788   1.00 31.34 ? 66  PRO A CG  1 
ATOM   338  C CD  . PRO A 1 70  ? 12.759  17.493  6.780   1.00 30.09 ? 66  PRO A CD  1 
ATOM   339  N N   . SER A 1 71  ? 9.898   18.872  8.673   1.00 24.52 ? 67  SER A N   1 
ATOM   340  C CA  . SER A 1 71  ? 8.529   19.217  9.040   1.00 24.53 ? 67  SER A CA  1 
ATOM   341  C C   . SER A 1 71  ? 7.826   17.879  9.435   1.00 21.78 ? 67  SER A C   1 
ATOM   342  O O   . SER A 1 71  ? 8.394   16.845  9.119   1.00 24.77 ? 67  SER A O   1 
ATOM   343  C CB  . SER A 1 71  ? 7.731   19.743  7.853   1.00 31.23 ? 67  SER A CB  1 
ATOM   344  O OG  . SER A 1 71  ? 7.740   18.743  6.817   1.00 30.83 ? 67  SER A OG  1 
ATOM   345  N N   . LYS A 1 72  ? 6.659   17.976  10.038  1.00 25.13 ? 68  LYS A N   1 
ATOM   346  C CA  . LYS A 1 72  ? 5.958   16.719  10.415  1.00 28.38 ? 68  LYS A CA  1 
ATOM   347  C C   . LYS A 1 72  ? 5.462   16.047  9.134   1.00 30.23 ? 68  LYS A C   1 
ATOM   348  O O   . LYS A 1 72  ? 5.339   14.830  9.084   1.00 26.82 ? 68  LYS A O   1 
ATOM   349  C CB  . LYS A 1 72  ? 4.806   16.959  11.384  1.00 26.83 ? 68  LYS A CB  1 
ATOM   350  C CG  . LYS A 1 72  ? 3.763   17.914  10.793  1.00 31.84 ? 68  LYS A CG  1 
ATOM   351  C CD  . LYS A 1 72  ? 2.676   18.319  11.766  1.00 34.76 ? 68  LYS A CD  1 
ATOM   352  C CE  . LYS A 1 72  ? 1.566   18.979  10.967  1.00 35.09 ? 68  LYS A CE  1 
ATOM   353  N NZ  . LYS A 1 72  ? 0.589   19.398  11.991  1.00 39.89 ? 68  LYS A NZ  1 
ATOM   354  N N   . GLU A 1 73  ? 5.253   16.819  8.062   1.00 31.81 ? 69  GLU A N   1 
ATOM   355  C CA  . GLU A 1 73  ? 4.786   16.199  6.839   1.00 32.06 ? 69  GLU A CA  1 
ATOM   356  C C   . GLU A 1 73  ? 5.902   15.349  6.278   1.00 28.78 ? 69  GLU A C   1 
ATOM   357  O O   . GLU A 1 73  ? 5.626   14.256  5.778   1.00 27.64 ? 69  GLU A O   1 
ATOM   358  C CB  . GLU A 1 73  ? 4.277   17.230  5.796   1.00 30.49 ? 69  GLU A CB  1 
ATOM   359  C CG  . GLU A 1 73  ? 2.990   17.979  6.189   1.00 37.40 ? 69  GLU A CG  1 
ATOM   360  C CD  . GLU A 1 73  ? 3.162   19.117  7.223   1.00 42.74 ? 69  GLU A CD  1 
ATOM   361  O OE1 . GLU A 1 73  ? 4.312   19.562  7.530   1.00 40.16 ? 69  GLU A OE1 1 
ATOM   362  O OE2 . GLU A 1 73  ? 2.132   19.537  7.801   1.00 45.75 ? 69  GLU A OE2 1 
ATOM   363  N N   . ALA A 1 74  ? 7.174   15.793  6.330   1.00 26.76 ? 70  ALA A N   1 
ATOM   364  C CA  . ALA A 1 74  ? 8.272   14.956  5.853   1.00 26.52 ? 70  ALA A CA  1 
ATOM   365  C C   . ALA A 1 74  ? 8.391   13.661  6.666   1.00 22.50 ? 70  ALA A C   1 
ATOM   366  O O   . ALA A 1 74  ? 8.905   12.647  6.177   1.00 23.92 ? 70  ALA A O   1 
ATOM   367  C CB  . ALA A 1 74  ? 9.645   15.671  5.880   1.00 29.42 ? 70  ALA A CB  1 
ATOM   368  N N   . VAL A 1 75  ? 8.027   13.716  7.933   1.00 22.49 ? 71  VAL A N   1 
ATOM   369  C CA  . VAL A 1 75  ? 8.039   12.463  8.702   1.00 22.30 ? 71  VAL A CA  1 
ATOM   370  C C   . VAL A 1 75  ? 6.981   11.482  8.122   1.00 19.05 ? 71  VAL A C   1 
ATOM   371  O O   . VAL A 1 75  ? 7.283   10.318  8.029   1.00 20.46 ? 71  VAL A O   1 
ATOM   372  C CB  . VAL A 1 75  ? 7.738   12.681  10.221  1.00 24.49 ? 71  VAL A CB  1 
ATOM   373  C CG1 . VAL A 1 75  ? 7.642   11.353  10.975  1.00 23.46 ? 71  VAL A CG1 1 
ATOM   374  C CG2 . VAL A 1 75  ? 8.825   13.663  10.811  1.00 22.00 ? 71  VAL A CG2 1 
ATOM   375  N N   . LEU A 1 76  ? 5.771   11.984  7.890   1.00 22.42 ? 72  LEU A N   1 
ATOM   376  C CA  . LEU A 1 76  ? 4.727   11.113  7.255   1.00 21.91 ? 72  LEU A CA  1 
ATOM   377  C C   . LEU A 1 76  ? 5.207   10.585  5.940   1.00 22.79 ? 72  LEU A C   1 
ATOM   378  O O   . LEU A 1 76  ? 5.082   9.399   5.663   1.00 22.93 ? 72  LEU A O   1 
ATOM   379  C CB  . LEU A 1 76  ? 3.409   11.829  7.104   1.00 24.21 ? 72  LEU A CB  1 
ATOM   380  C CG  . LEU A 1 76  ? 2.373   10.996  6.325   1.00 23.27 ? 72  LEU A CG  1 
ATOM   381  C CD1 . LEU A 1 76  ? 2.024   9.716   7.142   1.00 20.69 ? 72  LEU A CD1 1 
ATOM   382  C CD2 . LEU A 1 76  ? 1.173   11.919  6.225   1.00 22.60 ? 72  LEU A CD2 1 
ATOM   383  N N   . LEU A 1 77  ? 5.782   11.442  5.103   1.00 23.88 ? 73  LEU A N   1 
ATOM   384  C CA  . LEU A 1 77  ? 6.307   10.972  3.842   1.00 23.82 ? 73  LEU A CA  1 
ATOM   385  C C   . LEU A 1 77  ? 7.320   9.882   3.955   1.00 24.19 ? 73  LEU A C   1 
ATOM   386  O O   . LEU A 1 77  ? 7.288   8.943   3.179   1.00 23.35 ? 73  LEU A O   1 
ATOM   387  C CB  . LEU A 1 77  ? 6.807   12.162  2.958   1.00 23.87 ? 73  LEU A CB  1 
ATOM   388  C CG  . LEU A 1 77  ? 7.322   11.821  1.541   1.00 29.68 ? 73  LEU A CG  1 
ATOM   389  C CD1 . LEU A 1 77  ? 6.111   11.319  0.708   1.00 29.51 ? 73  LEU A CD1 1 
ATOM   390  C CD2 . LEU A 1 77  ? 8.010   13.090  0.955   1.00 30.34 ? 73  LEU A CD2 1 
ATOM   391  N N   . THR A 1 78  ? 8.249   9.965   4.944   1.00 20.91 ? 74  THR A N   1 
ATOM   392  C CA  . THR A 1 78  ? 9.137   8.895   5.172   1.00 19.81 ? 74  THR A CA  1 
ATOM   393  C C   . THR A 1 78  ? 8.450   7.610   5.629   1.00 18.38 ? 74  THR A C   1 
ATOM   394  O O   . THR A 1 78  ? 8.907   6.535   5.196   1.00 21.66 ? 74  THR A O   1 
ATOM   395  C CB  . THR A 1 78  ? 10.205  9.298   6.251   1.00 21.11 ? 74  THR A CB  1 
ATOM   396  O OG1 . THR A 1 78  ? 10.852  10.455  5.707   1.00 28.13 ? 74  THR A OG1 1 
ATOM   397  C CG2 . THR A 1 78  ? 11.311  8.225   6.329   1.00 20.76 ? 74  THR A CG2 1 
ATOM   398  N N   . LEU A 1 79  ? 7.426   7.732   6.502   1.00 19.73 ? 75  LEU A N   1 
ATOM   399  C CA  . LEU A 1 79  ? 6.742   6.470   6.930   1.00 17.96 ? 75  LEU A CA  1 
ATOM   400  C C   . LEU A 1 79  ? 6.125   5.807   5.703   1.00 17.32 ? 75  LEU A C   1 
ATOM   401  O O   . LEU A 1 79  ? 6.175   4.561   5.572   1.00 20.83 ? 75  LEU A O   1 
ATOM   402  C CB  . LEU A 1 79  ? 5.693   6.724   7.981   1.00 22.11 ? 75  LEU A CB  1 
ATOM   403  C CG  . LEU A 1 79  ? 6.278   7.102   9.357   1.00 21.98 ? 75  LEU A CG  1 
ATOM   404  C CD1 . LEU A 1 79  ? 5.190   7.850   10.120  1.00 23.31 ? 75  LEU A CD1 1 
ATOM   405  C CD2 . LEU A 1 79  ? 6.798   5.933   10.167  1.00 22.26 ? 75  LEU A CD2 1 
ATOM   406  N N   . LEU A 1 80  ? 5.558   6.653   4.852   1.00 21.12 ? 76  LEU A N   1 
ATOM   407  C CA  . LEU A 1 80  ? 4.810   6.106   3.675   1.00 22.29 ? 76  LEU A CA  1 
ATOM   408  C C   . LEU A 1 80  ? 5.753   5.465   2.711   1.00 22.79 ? 76  LEU A C   1 
ATOM   409  O O   . LEU A 1 80  ? 5.549   4.376   2.182   1.00 22.75 ? 76  LEU A O   1 
ATOM   410  C CB  . LEU A 1 80  ? 4.053   7.272   3.016   1.00 22.95 ? 76  LEU A CB  1 
ATOM   411  C CG  . LEU A 1 80  ? 2.910   7.904   3.819   1.00 25.57 ? 76  LEU A CG  1 
ATOM   412  C CD1 . LEU A 1 80  ? 2.378   9.123   3.055   1.00 25.90 ? 76  LEU A CD1 1 
ATOM   413  C CD2 . LEU A 1 80  ? 1.734   6.867   3.954   1.00 23.88 ? 76  LEU A CD2 1 
ATOM   414  N N   . ASP A 1 81  ? 6.921   6.092   2.527   1.00 21.84 ? 77  ASP A N   1 
ATOM   415  C CA  . ASP A 1 81  ? 7.932   5.565   1.665   1.00 22.44 ? 77  ASP A CA  1 
ATOM   416  C C   . ASP A 1 81  ? 8.467   4.245   2.179   1.00 24.20 ? 77  ASP A C   1 
ATOM   417  O O   . ASP A 1 81  ? 8.684   3.308   1.431   1.00 21.64 ? 77  ASP A O   1 
ATOM   418  C CB  . ASP A 1 81  ? 9.073   6.593   1.538   1.00 24.81 ? 77  ASP A CB  1 
ATOM   419  C CG  . ASP A 1 81  ? 10.072  6.178   0.500   1.00 36.69 ? 77  ASP A CG  1 
ATOM   420  O OD1 . ASP A 1 81  ? 9.818   6.420   -0.686  1.00 39.36 ? 77  ASP A OD1 1 
ATOM   421  O OD2 . ASP A 1 81  ? 11.059  5.520   0.875   1.00 42.26 ? 77  ASP A OD2 1 
ATOM   422  N N   . ARG A 1 82  ? 8.619   4.138   3.486   1.00 22.37 ? 78  ARG A N   1 
ATOM   423  C CA  . ARG A 1 82  ? 9.061   2.887   4.063   1.00 21.71 ? 78  ARG A CA  1 
ATOM   424  C C   . ARG A 1 82  ? 8.035   1.755   3.851   1.00 18.65 ? 78  ARG A C   1 
ATOM   425  O O   . ARG A 1 82  ? 8.440   0.612   3.458   1.00 18.56 ? 78  ARG A O   1 
ATOM   426  C CB  . ARG A 1 82  ? 9.357   3.094   5.545   1.00 28.68 ? 78  ARG A CB  1 
ATOM   427  C CG  . ARG A 1 82  ? 10.665  3.942   5.733   1.00 33.00 ? 78  ARG A CG  1 
ATOM   428  C CD  . ARG A 1 82  ? 10.770  4.374   7.188   1.00 40.16 ? 78  ARG A CD  1 
ATOM   429  N NE  . ARG A 1 82  ? 11.344  3.292   7.969   1.00 47.13 ? 78  ARG A NE  1 
ATOM   430  C CZ  . ARG A 1 82  ? 10.684  2.547   8.851   1.00 54.03 ? 78  ARG A CZ  1 
ATOM   431  N NH1 . ARG A 1 82  ? 9.371   2.761   9.118   1.00 55.83 ? 78  ARG A NH1 1 
ATOM   432  N NH2 . ARG A 1 82  ? 11.359  1.572   9.475   1.00 48.80 ? 78  ARG A NH2 1 
ATOM   433  N N   . VAL A 1 83  ? 6.742   2.077   4.044   1.00 20.53 ? 79  VAL A N   1 
ATOM   434  C CA  . VAL A 1 83  ? 5.700   1.000   3.890   1.00 20.31 ? 79  VAL A CA  1 
ATOM   435  C C   . VAL A 1 83  ? 5.576   0.543   2.450   1.00 18.87 ? 79  VAL A C   1 
ATOM   436  O O   . VAL A 1 83  ? 5.486   -0.663  2.152   1.00 18.42 ? 79  VAL A O   1 
ATOM   437  C CB  . VAL A 1 83  ? 4.326   1.440   4.453   1.00 22.82 ? 79  VAL A CB  1 
ATOM   438  C CG1 . VAL A 1 83  ? 3.343   0.239   4.358   1.00 24.24 ? 79  VAL A CG1 1 
ATOM   439  C CG2 . VAL A 1 83  ? 4.482   1.819   5.930   1.00 26.60 ? 79  VAL A CG2 1 
ATOM   440  N N   . VAL A 1 84  ? 5.577   1.510   1.558   1.00 19.36 ? 80  VAL A N   1 
ATOM   441  C CA  . VAL A 1 84  ? 5.405   1.180   0.138   1.00 20.39 ? 80  VAL A CA  1 
ATOM   442  C C   . VAL A 1 84  ? 6.632   0.394   -0.408  1.00 21.72 ? 80  VAL A C   1 
ATOM   443  O O   . VAL A 1 84  ? 6.484   -0.540  -1.222  1.00 17.43 ? 80  VAL A O   1 
ATOM   444  C CB  . VAL A 1 84  ? 5.052   2.402   -0.702  1.00 21.61 ? 80  VAL A CB  1 
ATOM   445  C CG1 . VAL A 1 84  ? 6.272   3.225   -1.101  1.00 28.42 ? 80  VAL A CG1 1 
ATOM   446  C CG2 . VAL A 1 84  ? 4.354   1.952   -2.041  1.00 25.39 ? 80  VAL A CG2 1 
ATOM   447  N N   . ASN A 1 85  ? 7.822   0.754   0.044   1.00 21.29 ? 81  ASN A N   1 
ATOM   448  C CA  . ASN A 1 85  ? 9.012   -0.032  -0.337  1.00 22.97 ? 81  ASN A CA  1 
ATOM   449  C C   . ASN A 1 85  ? 9.054   -1.439  0.254   1.00 20.68 ? 81  ASN A C   1 
ATOM   450  O O   . ASN A 1 85  ? 9.421   -2.365  -0.444  1.00 21.32 ? 81  ASN A O   1 
ATOM   451  C CB  . ASN A 1 85  ? 10.313  0.784   -0.109  1.00 26.73 ? 81  ASN A CB  1 
ATOM   452  C CG  . ASN A 1 85  ? 10.542  1.765   -1.260  1.00 27.35 ? 81  ASN A CG  1 
ATOM   453  O OD1 . ASN A 1 85  ? 10.975  1.369   -2.388  1.00 32.61 ? 81  ASN A OD1 1 
ATOM   454  N ND2 . ASN A 1 85  ? 10.131  3.002   -1.061  1.00 29.56 ? 81  ASN A ND2 1 
ATOM   455  N N   . GLN A 1 86  ? 8.498   -1.623  1.464   1.00 22.29 ? 82  GLN A N   1 
ATOM   456  C CA  . GLN A 1 86  ? 8.375   -2.948  2.015   1.00 22.41 ? 82  GLN A CA  1 
ATOM   457  C C   . GLN A 1 86  ? 7.461   -3.797  1.166   1.00 20.85 ? 82  GLN A C   1 
ATOM   458  O O   . GLN A 1 86  ? 7.763   -4.952  0.847   1.00 18.62 ? 82  GLN A O   1 
ATOM   459  C CB  . GLN A 1 86  ? 7.849   -2.801  3.432   1.00 26.20 ? 82  GLN A CB  1 
ATOM   460  C CG  . GLN A 1 86  ? 7.779   -4.095  4.223   1.00 35.67 ? 82  GLN A CG  1 
ATOM   461  C CD  . GLN A 1 86  ? 7.229   -3.849  5.628   1.00 40.05 ? 82  GLN A CD  1 
ATOM   462  O OE1 . GLN A 1 86  ? 7.525   -2.818  6.250   1.00 48.88 ? 82  GLN A OE1 1 
ATOM   463  N NE2 . GLN A 1 86  ? 6.389   -4.770  6.118   1.00 45.63 ? 82  GLN A NE2 1 
ATOM   464  N N   . ALA A 1 87  ? 6.302   -3.221  0.756   1.00 18.89 ? 83  ALA A N   1 
ATOM   465  C CA  . ALA A 1 87  ? 5.391   -3.997  -0.053  1.00 17.13 ? 83  ALA A CA  1 
ATOM   466  C C   . ALA A 1 87  ? 6.049   -4.282  -1.393  1.00 17.66 ? 83  ALA A C   1 
ATOM   467  O O   . ALA A 1 87  ? 5.923   -5.362  -1.909  1.00 18.29 ? 83  ALA A O   1 
ATOM   468  C CB  . ALA A 1 87  ? 4.047   -3.157  -0.241  1.00 17.37 ? 83  ALA A CB  1 
ATOM   469  N N   . ASP A 1 88  ? 6.709   -3.287  -1.973  1.00 17.56 ? 84  ASP A N   1 
ATOM   470  C CA  . ASP A 1 88  ? 7.292   -3.493  -3.306  1.00 20.31 ? 84  ASP A CA  1 
ATOM   471  C C   . ASP A 1 88  ? 8.389   -4.555  -3.299  1.00 19.91 ? 84  ASP A C   1 
ATOM   472  O O   . ASP A 1 88  ? 8.413   -5.462  -4.133  1.00 21.14 ? 84  ASP A O   1 
ATOM   473  C CB  . ASP A 1 88  ? 7.842   -2.164  -3.870  1.00 23.69 ? 84  ASP A CB  1 
ATOM   474  C CG  . ASP A 1 88  ? 8.155   -2.287  -5.353  1.00 29.11 ? 84  ASP A CG  1 
ATOM   475  O OD1 . ASP A 1 88  ? 7.290   -2.698  -6.134  1.00 28.14 ? 84  ASP A OD1 1 
ATOM   476  O OD2 . ASP A 1 88  ? 9.303   -2.073  -5.699  1.00 29.66 ? 84  ASP A OD2 1 
ATOM   477  N N   . MET A 1 89  ? 9.218   -4.518  -2.260  1.00 20.62 ? 85  MET A N   1 
ATOM   478  C CA  . MET A 1 89  ? 10.260  -5.600  -2.110  1.00 21.98 ? 85  MET A CA  1 
ATOM   479  C C   . MET A 1 89  ? 9.667   -6.959  -1.922  1.00 21.69 ? 85  MET A C   1 
ATOM   480  O O   . MET A 1 89  ? 10.155  -7.940  -2.471  1.00 21.33 ? 85  MET A O   1 
ATOM   481  C CB  . MET A 1 89  ? 11.211  -5.269  -0.929  1.00 25.14 ? 85  MET A CB  1 
ATOM   482  C CG  . MET A 1 89  ? 12.059  -4.015  -1.278  1.00 34.92 ? 85  MET A CG  1 
ATOM   483  S SD  . MET A 1 89  ? 13.066  -3.501  0.131   1.00 50.34 ? 85  MET A SD  1 
ATOM   484  C CE  . MET A 1 89  ? 13.862  -5.080  0.505   1.00 42.85 ? 85  MET A CE  1 
ATOM   485  N N   . ALA A 1 90  ? 8.582   -7.071  -1.120  1.00 20.88 ? 86  ALA A N   1 
ATOM   486  C CA  . ALA A 1 90  ? 7.892   -8.338  -1.065  1.00 19.17 ? 86  ALA A CA  1 
ATOM   487  C C   . ALA A 1 90  ? 7.352   -8.843  -2.400  1.00 20.50 ? 86  ALA A C   1 
ATOM   488  O O   . ALA A 1 90  ? 7.457   -10.044 -2.732  1.00 18.22 ? 86  ALA A O   1 
ATOM   489  C CB  . ALA A 1 90  ? 6.792   -8.274  0.040   1.00 20.30 ? 86  ALA A CB  1 
ATOM   490  N N   . LEU A 1 91  ? 6.744   -7.953  -3.210  1.00 18.78 ? 87  LEU A N   1 
ATOM   491  C CA  . LEU A 1 91  ? 6.189   -8.392  -4.410  1.00 18.02 ? 87  LEU A CA  1 
ATOM   492  C C   . LEU A 1 91  ? 7.362   -8.823  -5.332  1.00 19.08 ? 87  LEU A C   1 
ATOM   493  O O   . LEU A 1 91  ? 7.211   -9.706  -6.150  1.00 21.54 ? 87  LEU A O   1 
ATOM   494  C CB  . LEU A 1 91  ? 5.400   -7.220  -5.121  1.00 17.96 ? 87  LEU A CB  1 
ATOM   495  C CG  . LEU A 1 91  ? 4.088   -6.899  -4.368  1.00 16.23 ? 87  LEU A CG  1 
ATOM   496  C CD1 . LEU A 1 91  ? 3.580   -5.538  -4.922  1.00 22.85 ? 87  LEU A CD1 1 
ATOM   497  C CD2 . LEU A 1 91  ? 3.005   -8.012  -4.543  1.00 19.10 ? 87  LEU A CD2 1 
ATOM   498  N N   . GLN A 1 92  ? 8.444   -8.067  -5.267  1.00 24.37 ? 88  GLN A N   1 
ATOM   499  C CA  . GLN A 1 92  ? 9.618   -8.387  -6.109  1.00 28.27 ? 88  GLN A CA  1 
ATOM   500  C C   . GLN A 1 92  ? 10.117  -9.817  -5.738  1.00 25.79 ? 88  GLN A C   1 
ATOM   501  O O   . GLN A 1 92  ? 10.348  -10.662 -6.610  1.00 25.01 ? 88  GLN A O   1 
ATOM   502  C CB  . GLN A 1 92  ? 10.639  -7.288  -5.999  1.00 27.40 ? 88  GLN A CB  1 
ATOM   503  C CG  . GLN A 1 92  ? 11.922  -7.489  -6.790  1.00 41.19 ? 88  GLN A CG  1 
ATOM   504  C CD  . GLN A 1 92  ? 11.662  -7.378  -8.282  1.00 44.42 ? 88  GLN A CD  1 
ATOM   505  O OE1 . GLN A 1 92  ? 11.111  -6.374  -8.758  1.00 52.18 ? 88  GLN A OE1 1 
ATOM   506  N NE2 . GLN A 1 92  ? 12.020  -8.434  -9.030  1.00 51.50 ? 88  GLN A NE2 1 
ATOM   507  N N   . THR A 1 93  ? 10.140  -10.143 -4.443  1.00 24.11 ? 89  THR A N   1 
ATOM   508  C CA  . THR A 1 93  ? 10.415  -11.554 -4.034  1.00 26.03 ? 89  THR A CA  1 
ATOM   509  C C   . THR A 1 93  ? 9.496   -12.588 -4.565  1.00 27.53 ? 89  THR A C   1 
ATOM   510  O O   . THR A 1 93  ? 9.943   -13.630 -5.098  1.00 27.33 ? 89  THR A O   1 
ATOM   511  C CB  . THR A 1 93  ? 10.467  -11.639 -2.479  1.00 26.51 ? 89  THR A CB  1 
ATOM   512  O OG1 . THR A 1 93  ? 11.515  -10.746 -2.105  1.00 33.21 ? 89  THR A OG1 1 
ATOM   513  C CG2 . THR A 1 93  ? 10.753  -13.064 -2.003  1.00 33.82 ? 89  THR A CG2 1 
ATOM   514  N N   . LEU A 1 94  ? 8.176   -12.337 -4.516  1.00 22.46 ? 90  LEU A N   1 
ATOM   515  C CA  . LEU A 1 94  ? 7.294   -13.274 -5.057  1.00 21.57 ? 90  LEU A CA  1 
ATOM   516  C C   . LEU A 1 94  ? 7.452   -13.462 -6.554  1.00 24.51 ? 90  LEU A C   1 
ATOM   517  O O   . LEU A 1 94  ? 7.224   -14.592 -7.073  1.00 29.11 ? 90  LEU A O   1 
ATOM   518  C CB  . LEU A 1 94  ? 5.846   -12.822 -4.832  1.00 22.43 ? 90  LEU A CB  1 
ATOM   519  C CG  . LEU A 1 94  ? 5.278   -12.889 -3.435  1.00 27.42 ? 90  LEU A CG  1 
ATOM   520  C CD1 . LEU A 1 94  ? 3.801   -12.410 -3.568  1.00 26.80 ? 90  LEU A CD1 1 
ATOM   521  C CD2 . LEU A 1 94  ? 5.306   -14.400 -3.140  1.00 27.05 ? 90  LEU A CD2 1 
ATOM   522  N N   . ALA A 1 95  ? 7.707   -12.363 -7.253  1.00 26.17 ? 91  ALA A N   1 
ATOM   523  C CA  . ALA A 1 95  ? 7.757   -12.372 -8.724  1.00 27.41 ? 91  ALA A CA  1 
ATOM   524  C C   . ALA A 1 95  ? 8.964   -13.249 -9.088  1.00 34.20 ? 91  ALA A C   1 
ATOM   525  O O   . ALA A 1 95  ? 8.936   -13.974 -10.088 1.00 33.36 ? 91  ALA A O   1 
ATOM   526  C CB  . ALA A 1 95  ? 7.998   -10.963 -9.287  1.00 29.08 ? 91  ALA A CB  1 
ATOM   527  N N   . GLU A 1 96  ? 10.024  -13.136 -8.297  1.00 30.14 ? 92  GLU A N   1 
ATOM   528  C CA  . GLU A 1 96  ? 11.246  -14.019 -8.524  1.00 35.05 ? 92  GLU A CA  1 
ATOM   529  C C   . GLU A 1 96  ? 11.121  -15.456 -8.058  1.00 39.44 ? 92  GLU A C   1 
ATOM   530  O O   . GLU A 1 96  ? 11.968  -16.316 -8.384  1.00 41.91 ? 92  GLU A O   1 
ATOM   531  C CB  . GLU A 1 96  ? 12.445  -13.396 -7.859  1.00 38.68 ? 92  GLU A CB  1 
ATOM   532  C CG  . GLU A 1 96  ? 12.745  -12.040 -8.472  1.00 44.14 ? 92  GLU A CG  1 
ATOM   533  C CD  . GLU A 1 96  ? 13.754  -11.233 -7.683  1.00 50.61 ? 92  GLU A CD  1 
ATOM   534  O OE1 . GLU A 1 96  ? 14.195  -11.686 -6.612  1.00 62.25 ? 92  GLU A OE1 1 
ATOM   535  O OE2 . GLU A 1 96  ? 14.074  -10.110 -8.110  1.00 53.66 ? 92  GLU A OE2 1 
ATOM   536  N N   . ASN A 1 97  ? 10.095  -15.746 -7.268  1.00 39.92 ? 93  ASN A N   1 
ATOM   537  C CA  . ASN A 1 97  ? 9.966   -17.043 -6.583  1.00 40.56 ? 93  ASN A CA  1 
ATOM   538  C C   . ASN A 1 97  ? 8.543   -17.508 -6.595  1.00 41.47 ? 93  ASN A C   1 
ATOM   539  O O   . ASN A 1 97  ? 7.873   -17.517 -5.532  1.00 44.00 ? 93  ASN A O   1 
ATOM   540  C CB  . ASN A 1 97  ? 10.436  -16.903 -5.146  1.00 46.17 ? 93  ASN A CB  1 
ATOM   541  C CG  . ASN A 1 97  ? 11.891  -16.531 -5.060  1.00 52.29 ? 93  ASN A CG  1 
ATOM   542  O OD1 . ASN A 1 97  ? 12.762  -17.404 -5.133  1.00 49.20 ? 93  ASN A OD1 1 
ATOM   543  N ND2 . ASN A 1 97  ? 12.174  -15.246 -4.909  1.00 46.46 ? 93  ASN A ND2 1 
ATOM   544  N N   . PRO A 1 98  ? 8.059   -17.876 -7.788  1.00 43.97 ? 94  PRO A N   1 
ATOM   545  C CA  . PRO A 1 98  ? 6.663   -18.268 -7.956  1.00 47.16 ? 94  PRO A CA  1 
ATOM   546  C C   . PRO A 1 98  ? 6.300   -19.438 -7.024  1.00 49.57 ? 94  PRO A C   1 
ATOM   547  O O   . PRO A 1 98  ? 7.086   -20.384 -6.882  1.00 40.89 ? 94  PRO A O   1 
ATOM   548  C CB  . PRO A 1 98  ? 6.612   -18.761 -9.414  1.00 43.54 ? 94  PRO A CB  1 
ATOM   549  C CG  . PRO A 1 98  ? 8.034   -19.038 -9.785  1.00 46.33 ? 94  PRO A CG  1 
ATOM   550  C CD  . PRO A 1 98  ? 8.798   -17.951 -9.071  1.00 42.44 ? 94  PRO A CD  1 
ATOM   551  N N   . ALA A 1 99  ? 5.133   -19.354 -6.388  1.00 48.26 ? 95  ALA A N   1 
ATOM   552  C CA  . ALA A 1 99  ? 4.636   -20.486 -5.598  1.00 49.77 ? 95  ALA A CA  1 
ATOM   553  C C   . ALA A 1 99  ? 4.292   -21.606 -6.563  1.00 54.80 ? 95  ALA A C   1 
ATOM   554  O O   . ALA A 1 99  ? 3.950   -21.342 -7.718  1.00 60.13 ? 95  ALA A O   1 
ATOM   555  C CB  . ALA A 1 99  ? 3.419   -20.071 -4.823  1.00 43.77 ? 95  ALA A CB  1 
ATOM   556  N N   . ASP A 1 100 ? 4.377   -22.853 -6.113  1.00 49.12 ? 96  ASP A N   1 
ATOM   557  C CA  . ASP A 1 100 ? 3.904   -23.965 -6.926  1.00 46.82 ? 96  ASP A CA  1 
ATOM   558  C C   . ASP A 1 100 ? 2.481   -24.401 -6.545  1.00 43.44 ? 96  ASP A C   1 
ATOM   559  O O   . ASP A 1 100 ? 2.247   -25.263 -5.638  1.00 36.84 ? 96  ASP A O   1 
ATOM   560  C CB  . ASP A 1 100 ? 4.855   -25.165 -6.849  1.00 51.93 ? 96  ASP A CB  1 
ATOM   561  C CG  . ASP A 1 100 ? 4.394   -26.278 -7.730  1.00 57.40 ? 96  ASP A CG  1 
ATOM   562  O OD1 . ASP A 1 100 ? 3.979   -25.969 -8.874  1.00 68.27 ? 96  ASP A OD1 1 
ATOM   563  O OD2 . ASP A 1 100 ? 4.396   -27.441 -7.286  1.00 65.82 ? 96  ASP A OD2 1 
ATOM   564  N N   . THR A 1 101 ? 1.517   -23.776 -7.215  1.00 37.58 ? 97  THR A N   1 
ATOM   565  C CA  . THR A 1 101 ? 0.128   -23.826 -6.822  1.00 34.75 ? 97  THR A CA  1 
ATOM   566  C C   . THR A 1 101 ? -0.691  -23.367 -8.045  1.00 37.64 ? 97  THR A C   1 
ATOM   567  O O   . THR A 1 101 ? -0.142  -23.021 -9.082  1.00 38.74 ? 97  THR A O   1 
ATOM   568  C CB  . THR A 1 101 ? -0.095  -22.860 -5.624  1.00 36.79 ? 97  THR A CB  1 
ATOM   569  O OG1 . THR A 1 101 ? -1.382  -23.093 -5.062  1.00 38.84 ? 97  THR A OG1 1 
ATOM   570  C CG2 . THR A 1 101 ? 0.077   -21.353 -6.103  1.00 36.50 ? 97  THR A CG2 1 
ATOM   571  N N   . ASP A 1 102 ? -2.001  -23.336 -7.907  1.00 38.13 ? 98  ASP A N   1 
ATOM   572  C CA  . ASP A 1 102 ? -2.832  -22.987 -9.046  1.00 37.44 ? 98  ASP A CA  1 
ATOM   573  C C   . ASP A 1 102 ? -2.914  -21.439 -9.236  1.00 36.35 ? 98  ASP A C   1 
ATOM   574  O O   . ASP A 1 102 ? -2.490  -20.628 -8.378  1.00 33.95 ? 98  ASP A O   1 
ATOM   575  C CB  . ASP A 1 102 ? -4.230  -23.565 -8.838  1.00 43.73 ? 98  ASP A CB  1 
ATOM   576  C CG  . ASP A 1 102 ? -4.863  -23.064 -7.598  1.00 42.30 ? 98  ASP A CG  1 
ATOM   577  O OD1 . ASP A 1 102 ? -4.520  -21.953 -7.184  1.00 40.67 ? 98  ASP A OD1 1 
ATOM   578  O OD2 . ASP A 1 102 ? -5.715  -23.763 -7.046  1.00 53.66 ? 98  ASP A OD2 1 
ATOM   579  N N   . ARG A 1 103 ? -3.476  -21.042 -10.363 1.00 33.03 ? 99  ARG A N   1 
ATOM   580  C CA  . ARG A 1 103 ? -3.549  -19.619 -10.694 1.00 33.06 ? 99  ARG A CA  1 
ATOM   581  C C   . ARG A 1 103 ? -4.220  -18.776 -9.632  1.00 27.81 ? 99  ARG A C   1 
ATOM   582  O O   . ARG A 1 103 ? -3.761  -17.631 -9.354  1.00 32.02 ? 99  ARG A O   1 
ATOM   583  C CB  . ARG A 1 103 ? -4.253  -19.437 -12.045 1.00 35.59 ? 99  ARG A CB  1 
ATOM   584  C CG  . ARG A 1 103 ? -3.310  -19.904 -13.175 1.00 39.25 ? 99  ARG A CG  1 
ATOM   585  C CD  . ARG A 1 103 ? -3.994  -20.103 -14.553 1.00 42.09 ? 99  ARG A CD  1 
ATOM   586  N NE  . ARG A 1 103 ? -2.913  -20.043 -15.533 1.00 38.70 ? 99  ARG A NE  1 
ATOM   587  C CZ  . ARG A 1 103 ? -2.367  -21.092 -16.146 1.00 43.97 ? 99  ARG A CZ  1 
ATOM   588  N NH1 . ARG A 1 103 ? -2.839  -22.318 -15.895 1.00 48.44 ? 99  ARG A NH1 1 
ATOM   589  N NH2 . ARG A 1 103 ? -1.345  -20.903 -16.998 1.00 38.28 ? 99  ARG A NH2 1 
ATOM   590  N N   . GLU A 1 104 ? -5.282  -19.314 -9.057  1.00 24.87 ? 100 GLU A N   1 
ATOM   591  C CA  . GLU A 1 104 ? -6.047  -18.573 -8.129  1.00 29.22 ? 100 GLU A CA  1 
ATOM   592  C C   . GLU A 1 104 ? -5.160  -18.239 -6.919  1.00 33.24 ? 100 GLU A C   1 
ATOM   593  O O   . GLU A 1 104 ? -5.091  -17.103 -6.467  1.00 24.95 ? 100 GLU A O   1 
ATOM   594  C CB  . GLU A 1 104 ? -7.251  -19.400 -7.710  1.00 35.74 ? 100 GLU A CB  1 
ATOM   595  C CG  . GLU A 1 104 ? -8.019  -18.675 -6.656  1.00 41.50 ? 100 GLU A CG  1 
ATOM   596  C CD  . GLU A 1 104 ? -8.869  -19.586 -5.829  1.00 59.69 ? 100 GLU A CD  1 
ATOM   597  O OE1 . GLU A 1 104 ? -9.851  -20.140 -6.386  1.00 64.69 ? 100 GLU A OE1 1 
ATOM   598  O OE2 . GLU A 1 104 ? -8.545  -19.729 -4.630  1.00 65.59 ? 100 GLU A OE2 1 
ATOM   599  N N   . ASN A 1 105 ? -4.509  -19.256 -6.356  1.00 29.35 ? 101 ASN A N   1 
ATOM   600  C CA  . ASN A 1 105 ? -3.504  -19.004 -5.307  1.00 29.09 ? 101 ASN A CA  1 
ATOM   601  C C   . ASN A 1 105 ? -2.349  -18.097 -5.651  1.00 25.67 ? 101 ASN A C   1 
ATOM   602  O O   . ASN A 1 105 ? -1.898  -17.388 -4.774  1.00 25.19 ? 101 ASN A O   1 
ATOM   603  C CB  . ASN A 1 105 ? -3.050  -20.325 -4.659  1.00 35.26 ? 101 ASN A CB  1 
ATOM   604  C CG  . ASN A 1 105 ? -4.040  -20.798 -3.605  1.00 45.37 ? 101 ASN A CG  1 
ATOM   605  O OD1 . ASN A 1 105 ? -3.957  -20.374 -2.459  1.00 47.26 ? 101 ASN A OD1 1 
ATOM   606  N ND2 . ASN A 1 105 ? -5.028  -21.642 -4.006  1.00 49.49 ? 101 ASN A ND2 1 
ATOM   607  N N   . MET A 1 106 ? -1.866  -18.089 -6.894  1.00 21.90 ? 102 MET A N   1 
ATOM   608  C CA  . MET A 1 106 ? -0.789  -17.168 -7.327  1.00 23.86 ? 102 MET A CA  1 
ATOM   609  C C   . MET A 1 106 ? -1.284  -15.662 -7.207  1.00 21.94 ? 102 MET A C   1 
ATOM   610  O O   . MET A 1 106 ? -0.574  -14.814 -6.661  1.00 24.37 ? 102 MET A O   1 
ATOM   611  C CB  . MET A 1 106 ? -0.292  -17.493 -8.767  1.00 27.01 ? 102 MET A CB  1 
ATOM   612  C CG  . MET A 1 106 ? 0.269   -16.293 -9.635  1.00 41.21 ? 102 MET A CG  1 
ATOM   613  S SD  . MET A 1 106 ? 0.406   -16.181 -11.516 1.00 58.72 ? 102 MET A SD  1 
ATOM   614  C CE  . MET A 1 106 ? 1.649   -14.888 -11.677 1.00 49.17 ? 102 MET A CE  1 
ATOM   615  N N   . TRP A 1 107 ? -2.520  -15.374 -7.697  1.00 20.27 ? 103 TRP A N   1 
ATOM   616  C CA  . TRP A 1 107 ? -2.974  -13.991 -7.566  1.00 17.18 ? 103 TRP A CA  1 
ATOM   617  C C   . TRP A 1 107 ? -3.219  -13.672 -6.086  1.00 17.11 ? 103 TRP A C   1 
ATOM   618  O O   . TRP A 1 107 ? -2.910  -12.563 -5.641  1.00 17.09 ? 103 TRP A O   1 
ATOM   619  C CB  . TRP A 1 107 ? -4.279  -13.809 -8.373  1.00 17.08 ? 103 TRP A CB  1 
ATOM   620  C CG  . TRP A 1 107 ? -4.052  -13.897 -9.850  1.00 18.70 ? 103 TRP A CG  1 
ATOM   621  C CD1 . TRP A 1 107 ? -4.372  -14.924 -10.738 1.00 20.30 ? 103 TRP A CD1 1 
ATOM   622  C CD2 . TRP A 1 107 ? -3.387  -12.886 -10.642 1.00 17.03 ? 103 TRP A CD2 1 
ATOM   623  N NE1 . TRP A 1 107 ? -3.898  -14.595 -12.024 1.00 20.14 ? 103 TRP A NE1 1 
ATOM   624  C CE2 . TRP A 1 107 ? -3.319  -13.398 -12.029 1.00 20.21 ? 103 TRP A CE2 1 
ATOM   625  C CE3 . TRP A 1 107 ? -2.831  -11.639 -10.348 1.00 17.56 ? 103 TRP A CE3 1 
ATOM   626  C CZ2 . TRP A 1 107 ? -2.762  -12.608 -13.104 1.00 18.47 ? 103 TRP A CZ2 1 
ATOM   627  C CZ3 . TRP A 1 107 ? -2.178  -10.910 -11.394 1.00 18.10 ? 103 TRP A CZ3 1 
ATOM   628  C CH2 . TRP A 1 107 ? -2.161  -11.400 -12.750 1.00 18.57 ? 103 TRP A CH2 1 
ATOM   629  N N   . ARG A 1 108 ? -3.758  -14.628 -5.333  1.00 16.97 ? 104 ARG A N   1 
ATOM   630  C CA  . ARG A 1 108 ? -3.971  -14.360 -3.922  1.00 16.66 ? 104 ARG A CA  1 
ATOM   631  C C   . ARG A 1 108 ? -2.690  -14.013 -3.213  1.00 17.00 ? 104 ARG A C   1 
ATOM   632  O O   . ARG A 1 108 ? -2.709  -13.168 -2.330  1.00 15.38 ? 104 ARG A O   1 
ATOM   633  C CB  . ARG A 1 108 ? -4.601  -15.610 -3.275  1.00 18.53 ? 104 ARG A CB  1 
ATOM   634  C CG  . ARG A 1 108 ? -4.977  -15.436 -1.801  1.00 21.02 ? 104 ARG A CG  1 
ATOM   635  C CD  . ARG A 1 108 ? -5.562  -16.758 -1.251  1.00 23.47 ? 104 ARG A CD  1 
ATOM   636  N NE  . ARG A 1 108 ? -6.747  -17.199 -1.989  1.00 31.55 ? 104 ARG A NE  1 
ATOM   637  C CZ  . ARG A 1 108 ? -8.025  -16.875 -1.771  1.00 33.58 ? 104 ARG A CZ  1 
ATOM   638  N NH1 . ARG A 1 108 ? -8.433  -16.148 -0.717  1.00 29.68 ? 104 ARG A NH1 1 
ATOM   639  N NH2 . ARG A 1 108 ? -8.925  -17.366 -2.624  1.00 32.88 ? 104 ARG A NH2 1 
ATOM   640  N N   . THR A 1 109 ? -1.579  -14.740 -3.496  1.00 19.03 ? 105 THR A N   1 
ATOM   641  C CA  . THR A 1 109 ? -0.332  -14.422 -2.811  1.00 18.77 ? 105 THR A CA  1 
ATOM   642  C C   . THR A 1 109 ? 0.122   -12.977 -3.074  1.00 18.36 ? 105 THR A C   1 
ATOM   643  O O   . THR A 1 109 ? 0.608   -12.303 -2.153  1.00 17.24 ? 105 THR A O   1 
ATOM   644  C CB  . THR A 1 109 ? 0.747   -15.538 -3.179  1.00 23.60 ? 105 THR A CB  1 
ATOM   645  O OG1 . THR A 1 109 ? 0.198   -16.809 -2.791  1.00 24.38 ? 105 THR A OG1 1 
ATOM   646  C CG2 . THR A 1 109 ? 1.947   -15.432 -2.380  1.00 24.66 ? 105 THR A CG2 1 
ATOM   647  N N   . GLY A 1 110 ? -0.061  -12.433 -4.304  1.00 18.93 ? 106 GLY A N   1 
ATOM   648  C CA  . GLY A 1 110 ? 0.258   -11.065 -4.459  1.00 18.23 ? 106 GLY A CA  1 
ATOM   649  C C   . GLY A 1 110 ? -0.586  -10.063 -3.777  1.00 15.81 ? 106 GLY A C   1 
ATOM   650  O O   . GLY A 1 110 ? -0.081  -9.039  -3.280  1.00 17.44 ? 106 GLY A O   1 
ATOM   651  N N   . ILE A 1 111 ? -1.916  -10.268 -3.833  1.00 14.54 ? 107 ILE A N   1 
ATOM   652  C CA  . ILE A 1 111 ? -2.808  -9.322  -3.209  1.00 15.83 ? 107 ILE A CA  1 
ATOM   653  C C   . ILE A 1 111 ? -2.554  -9.361  -1.690  1.00 15.09 ? 107 ILE A C   1 
ATOM   654  O O   . ILE A 1 111 ? -2.590  -8.343  -1.003  1.00 14.00 ? 107 ILE A O   1 
ATOM   655  C CB  . ILE A 1 111 ? -4.328  -9.655  -3.540  1.00 16.07 ? 107 ILE A CB  1 
ATOM   656  C CG1 . ILE A 1 111 ? -4.487  -9.567  -5.082  1.00 14.90 ? 107 ILE A CG1 1 
ATOM   657  C CG2 . ILE A 1 111 ? -5.208  -8.780  -2.695  1.00 15.94 ? 107 ILE A CG2 1 
ATOM   658  C CD1 . ILE A 1 111 ? -5.836  -10.099 -5.557  1.00 17.10 ? 107 ILE A CD1 1 
ATOM   659  N N   . ASN A 1 112 ? -2.234  -10.545 -1.188  1.00 14.41 ? 108 ASN A N   1 
ATOM   660  C CA  . ASN A 1 112 ? -1.971  -10.674 0.262   1.00 14.35 ? 108 ASN A CA  1 
ATOM   661  C C   . ASN A 1 112 ? -0.775  -9.809  0.753   1.00 14.62 ? 108 ASN A C   1 
ATOM   662  O O   . ASN A 1 112 ? -0.685  -9.382  1.899   1.00 15.70 ? 108 ASN A O   1 
ATOM   663  C CB  . ASN A 1 112 ? -1.686  -12.172 0.581   1.00 14.03 ? 108 ASN A CB  1 
ATOM   664  C CG  . ASN A 1 112 ? -1.523  -12.406 2.068   1.00 17.26 ? 108 ASN A CG  1 
ATOM   665  O OD1 . ASN A 1 112 ? -2.470  -12.151 2.821   1.00 16.76 ? 108 ASN A OD1 1 
ATOM   666  N ND2 . ASN A 1 112 ? -0.338  -12.904 2.501   1.00 15.22 ? 108 ASN A ND2 1 
ATOM   667  N N   . VAL A 1 113 ? 0.203   -9.545  -0.141  1.00 14.54 ? 109 VAL A N   1 
ATOM   668  C CA  . VAL A 1 113 ? 1.246   -8.570  0.246   1.00 15.95 ? 109 VAL A CA  1 
ATOM   669  C C   . VAL A 1 113 ? 0.699   -7.278  0.782   1.00 19.57 ? 109 VAL A C   1 
ATOM   670  O O   . VAL A 1 113 ? 1.144   -6.760  1.816   1.00 19.18 ? 109 VAL A O   1 
ATOM   671  C CB  . VAL A 1 113 ? 2.251   -8.343  -0.949  1.00 18.54 ? 109 VAL A CB  1 
ATOM   672  C CG1 . VAL A 1 113 ? 3.281   -7.260  -0.556  1.00 19.69 ? 109 VAL A CG1 1 
ATOM   673  C CG2 . VAL A 1 113 ? 2.930   -9.673  -1.304  1.00 20.13 ? 109 VAL A CG2 1 
ATOM   674  N N   . PHE A 1 114 ? -0.341  -6.710  0.118   1.00 19.64 ? 110 PHE A N   1 
ATOM   675  C CA  . PHE A 1 114 ? -0.920  -5.475  0.583   1.00 20.77 ? 110 PHE A CA  1 
ATOM   676  C C   . PHE A 1 114 ? -1.706  -5.664  1.779   1.00 22.26 ? 110 PHE A C   1 
ATOM   677  O O   . PHE A 1 114 ? -1.654  -4.862  2.700   1.00 18.01 ? 110 PHE A O   1 
ATOM   678  C CB  . PHE A 1 114 ? -1.793  -4.838  -0.534  1.00 19.03 ? 110 PHE A CB  1 
ATOM   679  C CG  . PHE A 1 114 ? -0.954  -4.384  -1.633  1.00 19.64 ? 110 PHE A CG  1 
ATOM   680  C CD1 . PHE A 1 114 ? -0.260  -3.159  -1.466  1.00 19.63 ? 110 PHE A CD1 1 
ATOM   681  C CD2 . PHE A 1 114 ? -0.711  -5.187  -2.755  1.00 18.74 ? 110 PHE A CD2 1 
ATOM   682  C CE1 . PHE A 1 114 ? 0.609   -2.744  -2.438  1.00 20.13 ? 110 PHE A CE1 1 
ATOM   683  C CE2 . PHE A 1 114 ? 0.148   -4.751  -3.732  1.00 21.55 ? 110 PHE A CE2 1 
ATOM   684  C CZ  . PHE A 1 114 ? 0.821   -3.552  -3.562  1.00 19.74 ? 110 PHE A CZ  1 
ATOM   685  N N   . PHE A 1 115 ? -2.423  -6.785  1.792   1.00 21.65 ? 111 PHE A N   1 
ATOM   686  C CA  . PHE A 1 115 ? -3.297  -7.032  2.880   1.00 20.91 ? 111 PHE A CA  1 
ATOM   687  C C   . PHE A 1 115 ? -2.414  -7.122  4.112   1.00 21.40 ? 111 PHE A C   1 
ATOM   688  O O   . PHE A 1 115 ? -2.786  -6.616  5.149   1.00 24.98 ? 111 PHE A O   1 
ATOM   689  C CB  . PHE A 1 115 ? -4.059  -8.411  2.658   1.00 19.53 ? 111 PHE A CB  1 
ATOM   690  C CG  . PHE A 1 115 ? -4.945  -8.780  3.793   1.00 20.40 ? 111 PHE A CG  1 
ATOM   691  C CD1 . PHE A 1 115 ? -6.236  -8.210  3.903   1.00 23.66 ? 111 PHE A CD1 1 
ATOM   692  C CD2 . PHE A 1 115 ? -4.586  -9.753  4.686   1.00 25.20 ? 111 PHE A CD2 1 
ATOM   693  C CE1 . PHE A 1 115 ? -7.126  -8.629  4.891   1.00 22.43 ? 111 PHE A CE1 1 
ATOM   694  C CE2 . PHE A 1 115 ? -5.449  -10.105 5.744   1.00 29.09 ? 111 PHE A CE2 1 
ATOM   695  C CZ  . PHE A 1 115 ? -6.722  -9.558  5.839   1.00 26.88 ? 111 PHE A CZ  1 
ATOM   696  N N   . GLU A 1 116 ? -1.258  -7.783  4.021   1.00 24.75 ? 112 GLU A N   1 
ATOM   697  C CA  . GLU A 1 116 ? -0.394  -7.859  5.168   1.00 21.13 ? 112 GLU A CA  1 
ATOM   698  C C   . GLU A 1 116 ? 0.422   -6.665  5.507   1.00 24.17 ? 112 GLU A C   1 
ATOM   699  O O   . GLU A 1 116 ? 0.533   -6.319  6.676   1.00 27.15 ? 112 GLU A O   1 
ATOM   700  C CB  . GLU A 1 116 ? 0.535   -9.124  5.187   1.00 28.47 ? 112 GLU A CB  1 
ATOM   701  C CG  . GLU A 1 116 ? -0.288  -10.387 5.252   1.00 26.60 ? 112 GLU A CG  1 
ATOM   702  C CD  . GLU A 1 116 ? -0.739  -10.757 6.642   1.00 41.75 ? 112 GLU A CD  1 
ATOM   703  O OE1 . GLU A 1 116 ? 0.022   -10.423 7.567   1.00 41.33 ? 112 GLU A OE1 1 
ATOM   704  O OE2 . GLU A 1 116 ? -1.824  -11.401 6.807   1.00 43.83 ? 112 GLU A OE2 1 
ATOM   705  N N   . THR A 1 117 ? 1.018   -5.997  4.511   1.00 22.77 ? 113 THR A N   1 
ATOM   706  C CA  A THR A 1 117 ? 1.959   -4.923  4.796   0.50 19.78 ? 113 THR A CA  1 
ATOM   707  C CA  B THR A 1 117 ? 1.968   -4.939  4.796   0.50 21.21 ? 113 THR A CA  1 
ATOM   708  C C   . THR A 1 117 ? 1.244   -3.659  5.228   1.00 23.16 ? 113 THR A C   1 
ATOM   709  O O   . THR A 1 117 ? 1.540   -3.063  6.281   1.00 21.26 ? 113 THR A O   1 
ATOM   710  C CB  A THR A 1 117 ? 2.867   -4.620  3.542   0.50 21.04 ? 113 THR A CB  1 
ATOM   711  C CB  B THR A 1 117 ? 2.977   -4.740  3.581   0.50 24.30 ? 113 THR A CB  1 
ATOM   712  O OG1 A THR A 1 117 ? 2.073   -3.959  2.536   0.50 26.18 ? 113 THR A OG1 1 
ATOM   713  O OG1 B THR A 1 117 ? 3.720   -3.522  3.760   0.50 21.82 ? 113 THR A OG1 1 
ATOM   714  C CG2 A THR A 1 117 ? 3.512   -5.897  3.022   0.50 13.49 ? 113 THR A CG2 1 
ATOM   715  C CG2 B THR A 1 117 ? 2.237   -4.697  2.252   0.50 26.54 ? 113 THR A CG2 1 
ATOM   716  N N   . PHE A 1 118 ? 0.237   -3.209  4.431   1.00 21.06 ? 114 PHE A N   1 
ATOM   717  C CA  . PHE A 1 118 ? -0.511  -1.988  4.795   1.00 18.91 ? 114 PHE A CA  1 
ATOM   718  C C   . PHE A 1 118 ? -1.389  -2.329  5.916   1.00 18.96 ? 114 PHE A C   1 
ATOM   719  O O   . PHE A 1 118 ? -1.681  -1.479  6.750   1.00 20.69 ? 114 PHE A O   1 
ATOM   720  C CB  . PHE A 1 118 ? -1.274  -1.435  3.540   1.00 18.45 ? 114 PHE A CB  1 
ATOM   721  C CG  . PHE A 1 118 ? -0.333  -0.714  2.623   1.00 19.51 ? 114 PHE A CG  1 
ATOM   722  C CD1 . PHE A 1 118 ? -0.182  0.638   2.735   1.00 21.58 ? 114 PHE A CD1 1 
ATOM   723  C CD2 . PHE A 1 118 ? 0.422   -1.418  1.685   1.00 19.93 ? 114 PHE A CD2 1 
ATOM   724  C CE1 . PHE A 1 118 ? 0.721   1.322   1.897   1.00 25.87 ? 114 PHE A CE1 1 
ATOM   725  C CE2 . PHE A 1 118 ? 1.307   -0.746  0.812   1.00 20.02 ? 114 PHE A CE2 1 
ATOM   726  C CZ  . PHE A 1 118 ? 1.450   0.621   0.941   1.00 21.46 ? 114 PHE A CZ  1 
ATOM   727  N N   . GLY A 1 119 ? -1.830  -3.597  5.999   1.00 20.50 ? 115 GLY A N   1 
ATOM   728  C CA  . GLY A 1 119 ? -2.745  -3.966  7.057   1.00 21.89 ? 115 GLY A CA  1 
ATOM   729  C C   . GLY A 1 119 ? -2.041  -3.987  8.435   1.00 23.87 ? 115 GLY A C   1 
ATOM   730  O O   . GLY A 1 119 ? -2.707  -3.911  9.481   1.00 23.00 ? 115 GLY A O   1 
ATOM   731  N N   . SER A 1 120 ? -0.713  -4.130  8.426   1.00 23.25 ? 116 SER A N   1 
ATOM   732  C CA  . SER A 1 120 ? 0.156   -3.992  9.641   1.00 25.57 ? 116 SER A CA  1 
ATOM   733  C C   . SER A 1 120 ? 0.455   -2.528  9.995   1.00 26.13 ? 116 SER A C   1 
ATOM   734  O O   . SER A 1 120 ? 0.977   -2.254  11.059  1.00 25.51 ? 116 SER A O   1 
ATOM   735  C CB  . SER A 1 120 ? 1.490   -4.748  9.468   1.00 25.15 ? 116 SER A CB  1 
ATOM   736  O OG  . SER A 1 120 ? 1.113   -6.084  9.407   1.00 33.31 ? 116 SER A OG  1 
ATOM   737  N N   . HIS A 1 121 ? 0.104   -1.581  9.124   1.00 23.01 ? 117 HIS A N   1 
ATOM   738  C CA  . HIS A 1 121 ? 0.338   -0.158  9.364   1.00 21.56 ? 117 HIS A CA  1 
ATOM   739  C C   . HIS A 1 121 ? -0.876  0.631   8.999   1.00 19.53 ? 117 HIS A C   1 
ATOM   740  O O   . HIS A 1 121 ? -0.796  1.537   8.190   1.00 20.84 ? 117 HIS A O   1 
ATOM   741  C CB  . HIS A 1 121 ? 1.546   0.266   8.558   1.00 22.22 ? 117 HIS A CB  1 
ATOM   742  C CG  . HIS A 1 121 ? 2.791   -0.479  8.949   1.00 26.25 ? 117 HIS A CG  1 
ATOM   743  N ND1 . HIS A 1 121 ? 3.573   -0.093  10.022  1.00 29.82 ? 117 HIS A ND1 1 
ATOM   744  C CD2 . HIS A 1 121 ? 3.394   -1.591  8.395   1.00 27.88 ? 117 HIS A CD2 1 
ATOM   745  C CE1 . HIS A 1 121 ? 4.632   -0.938  10.124  1.00 31.86 ? 117 HIS A CE1 1 
ATOM   746  N NE2 . HIS A 1 121 ? 4.510   -1.884  9.156   1.00 31.37 ? 117 HIS A NE2 1 
ATOM   747  N N   . LYS A 1 122 ? -2.016  0.375   9.667   1.00 21.79 ? 118 LYS A N   1 
ATOM   748  C CA  . LYS A 1 122 ? -3.287  0.999   9.244   1.00 21.53 ? 118 LYS A CA  1 
ATOM   749  C C   . LYS A 1 122 ? -3.301  2.496   9.506   1.00 22.70 ? 118 LYS A C   1 
ATOM   750  O O   . LYS A 1 122 ? -3.869  3.251   8.725   1.00 20.94 ? 118 LYS A O   1 
ATOM   751  C CB  . LYS A 1 122 ? -4.429  0.319   9.987   1.00 22.06 ? 118 LYS A CB  1 
ATOM   752  C CG  . LYS A 1 122 ? -4.695  -1.086  9.481   1.00 22.65 ? 118 LYS A CG  1 
ATOM   753  C CD  . LYS A 1 122 ? -5.822  -1.685  10.343  1.00 23.19 ? 118 LYS A CD  1 
ATOM   754  C CE  . LYS A 1 122 ? -6.233  -3.019  9.762   1.00 26.39 ? 118 LYS A CE  1 
ATOM   755  N NZ  . LYS A 1 122 ? -7.353  -3.526  10.655  1.00 34.88 ? 118 LYS A NZ  1 
ATOM   756  N N   . ALA A 1 123 ? -2.691  2.958   10.634  1.00 22.72 ? 119 ALA A N   1 
ATOM   757  C CA  . ALA A 1 123 ? -2.755  4.426   10.921  1.00 23.00 ? 119 ALA A CA  1 
ATOM   758  C C   . ALA A 1 123 ? -1.926  5.197   9.895   1.00 19.89 ? 119 ALA A C   1 
ATOM   759  O O   . ALA A 1 123 ? -2.301  6.293   9.461   1.00 23.01 ? 119 ALA A O   1 
ATOM   760  C CB  . ALA A 1 123 ? -2.246  4.705   12.343  1.00 28.29 ? 119 ALA A CB  1 
ATOM   761  N N   . VAL A 1 124 ? -0.839  4.635   9.489   1.00 18.55 ? 120 VAL A N   1 
ATOM   762  C CA  . VAL A 1 124 ? 0.005   5.303   8.482   1.00 23.60 ? 120 VAL A CA  1 
ATOM   763  C C   . VAL A 1 124 ? -0.769  5.317   7.149   1.00 22.33 ? 120 VAL A C   1 
ATOM   764  O O   . VAL A 1 124 ? -0.769  6.321   6.434   1.00 20.22 ? 120 VAL A O   1 
ATOM   765  C CB  . VAL A 1 124 ? 1.342   4.591   8.347   1.00 22.44 ? 120 VAL A CB  1 
ATOM   766  C CG1 . VAL A 1 124 ? 2.100   4.936   7.066   1.00 22.27 ? 120 VAL A CG1 1 
ATOM   767  C CG2 . VAL A 1 124 ? 2.239   4.826   9.586   1.00 26.99 ? 120 VAL A CG2 1 
ATOM   768  N N   . THR A 1 125 ? -1.373  4.177   6.805   1.00 23.21 ? 121 THR A N   1 
ATOM   769  C CA  . THR A 1 125 ? -2.187  4.142   5.604   1.00 21.28 ? 121 THR A CA  1 
ATOM   770  C C   . THR A 1 125 ? -3.286  5.205   5.615   1.00 18.87 ? 121 THR A C   1 
ATOM   771  O O   . THR A 1 125 ? -3.473  5.859   4.624   1.00 22.86 ? 121 THR A O   1 
ATOM   772  C CB  . THR A 1 125 ? -2.817  2.708   5.450   1.00 20.69 ? 121 THR A CB  1 
ATOM   773  O OG1 . THR A 1 125 ? -1.745  1.790   5.419   1.00 19.80 ? 121 THR A OG1 1 
ATOM   774  C CG2 . THR A 1 125 ? -3.603  2.587   4.137   1.00 21.29 ? 121 THR A CG2 1 
ATOM   775  N N   . ARG A 1 126 ? -4.069  5.282   6.684   1.00 21.15 ? 122 ARG A N   1 
ATOM   776  C CA  . ARG A 1 126 ? -5.123  6.301   6.816   1.00 24.14 ? 122 ARG A CA  1 
ATOM   777  C C   . ARG A 1 126 ? -4.543  7.712   6.624   1.00 26.56 ? 122 ARG A C   1 
ATOM   778  O O   . ARG A 1 126 ? -5.109  8.529   5.929   1.00 23.35 ? 122 ARG A O   1 
ATOM   779  C CB  . ARG A 1 126 ? -5.826  6.235   8.192   1.00 26.54 ? 122 ARG A CB  1 
ATOM   780  C CG  . ARG A 1 126 ? -6.666  4.956   8.332   1.00 48.69 ? 122 ARG A CG  1 
ATOM   781  C CD  . ARG A 1 126 ? -7.700  4.944   9.526   1.00 55.11 ? 122 ARG A CD  1 
ATOM   782  N NE  . ARG A 1 126 ? -7.333  5.871   10.599  1.00 64.86 ? 122 ARG A NE  1 
ATOM   783  C CZ  . ARG A 1 126 ? -6.740  5.513   11.743  1.00 71.39 ? 122 ARG A CZ  1 
ATOM   784  N NH1 . ARG A 1 126 ? -6.425  4.237   11.988  1.00 61.99 ? 122 ARG A NH1 1 
ATOM   785  N NH2 . ARG A 1 126 ? -6.450  6.450   12.645  1.00 67.58 ? 122 ARG A NH2 1 
ATOM   786  N N   . ALA A 1 127 ? -3.453  7.989   7.313   1.00 22.57 ? 123 ALA A N   1 
ATOM   787  C CA  . ALA A 1 127 ? -2.822  9.347   7.184   1.00 22.14 ? 123 ALA A CA  1 
ATOM   788  C C   . ALA A 1 127 ? -2.304  9.626   5.767   1.00 23.13 ? 123 ALA A C   1 
ATOM   789  O O   . ALA A 1 127 ? -2.467  10.769  5.242   1.00 26.87 ? 123 ALA A O   1 
ATOM   790  C CB  . ALA A 1 127 ? -1.692  9.478   8.231   1.00 24.14 ? 123 ALA A CB  1 
ATOM   791  N N   . GLY A 1 128 ? -1.722  8.635   5.109   1.00 20.48 ? 124 GLY A N   1 
ATOM   792  C CA  . GLY A 1 128 ? -1.284  8.776   3.708   1.00 21.60 ? 124 GLY A CA  1 
ATOM   793  C C   . GLY A 1 128 ? -2.479  9.149   2.826   1.00 25.24 ? 124 GLY A C   1 
ATOM   794  O O   . GLY A 1 128 ? -2.427  10.078  1.985   1.00 24.81 ? 124 GLY A O   1 
ATOM   795  N N   . GLN A 1 129 ? -3.576  8.447   3.003   1.00 22.11 ? 125 GLN A N   1 
ATOM   796  C CA  . GLN A 1 129 ? -4.770  8.733   2.149   1.00 22.94 ? 125 GLN A CA  1 
ATOM   797  C C   . GLN A 1 129 ? -5.268  10.145  2.447   1.00 27.01 ? 125 GLN A C   1 
ATOM   798  O O   . GLN A 1 129 ? -5.618  10.915  1.526   1.00 26.07 ? 125 GLN A O   1 
ATOM   799  C CB  . GLN A 1 129 ? -5.914  7.734   2.444   1.00 22.83 ? 125 GLN A CB  1 
ATOM   800  C CG  . GLN A 1 129 ? -7.274  8.054   1.762   1.00 23.41 ? 125 GLN A CG  1 
ATOM   801  C CD  . GLN A 1 129 ? -7.142  8.080   0.254   1.00 27.74 ? 125 GLN A CD  1 
ATOM   802  O OE1 . GLN A 1 129 ? -6.249  7.474   -0.311  1.00 34.12 ? 125 GLN A OE1 1 
ATOM   803  N NE2 . GLN A 1 129 ? -8.005  8.831   -0.407  1.00 31.54 ? 125 GLN A NE2 1 
ATOM   804  N N   . ALA A 1 130 ? -5.337  10.480  3.714   1.00 27.96 ? 126 ALA A N   1 
ATOM   805  C CA  . ALA A 1 130 ? -5.767  11.840  4.073   1.00 30.26 ? 126 ALA A CA  1 
ATOM   806  C C   . ALA A 1 130 ? -4.876  12.860  3.403   1.00 31.56 ? 126 ALA A C   1 
ATOM   807  O O   . ALA A 1 130 ? -5.366  13.873  2.868   1.00 34.84 ? 126 ALA A O   1 
ATOM   808  C CB  . ALA A 1 130 ? -5.809  12.048  5.584   1.00 30.47 ? 126 ALA A CB  1 
ATOM   809  N N   . ALA A 1 131 ? -3.590  12.580  3.364   1.00 28.82 ? 127 ALA A N   1 
ATOM   810  C CA  . ALA A 1 131 ? -2.621  13.572  2.857   1.00 29.92 ? 127 ALA A CA  1 
ATOM   811  C C   . ALA A 1 131 ? -2.749  13.702  1.367   1.00 40.03 ? 127 ALA A C   1 
ATOM   812  O O   . ALA A 1 131 ? -2.587  14.818  0.822   1.00 34.96 ? 127 ALA A O   1 
ATOM   813  C CB  . ALA A 1 131 ? -1.218  13.156  3.193   1.00 28.38 ? 127 ALA A CB  1 
ATOM   814  N N   . ARG A 1 132 ? -2.994  12.599  0.631   1.00 35.22 ? 128 ARG A N   1 
ATOM   815  C CA  . ARG A 1 132 ? -2.742  12.835  -0.788  1.00 32.98 ? 128 ARG A CA  1 
ATOM   816  C C   . ARG A 1 132 ? -3.857  13.708  -1.390  1.00 40.69 ? 128 ARG A C   1 
ATOM   817  O O   . ARG A 1 132 ? -3.729  14.172  -2.507  1.00 39.03 ? 128 ARG A O   1 
ATOM   818  C CB  . ARG A 1 132 ? -2.319  11.626  -1.583  1.00 44.31 ? 128 ARG A CB  1 
ATOM   819  C CG  . ARG A 1 132 ? -3.445  10.784  -1.910  1.00 32.82 ? 128 ARG A CG  1 
ATOM   820  C CD  . ARG A 1 132 ? -3.255  9.812   -3.101  1.00 36.28 ? 128 ARG A CD  1 
ATOM   821  N NE  . ARG A 1 132 ? -4.321  8.876   -2.883  1.00 28.34 ? 128 ARG A NE  1 
ATOM   822  C CZ  . ARG A 1 132 ? -4.630  7.784   -3.602  1.00 29.29 ? 128 ARG A CZ  1 
ATOM   823  N NH1 . ARG A 1 132 ? -4.108  7.471   -4.812  1.00 27.13 ? 128 ARG A NH1 1 
ATOM   824  N NH2 . ARG A 1 132 ? -5.588  7.069   -3.095  1.00 27.13 ? 128 ARG A NH2 1 
ATOM   825  N N   . ALA A 1 133 ? -4.876  13.990  -0.571  1.00 43.90 ? 129 ALA A N   1 
ATOM   826  C CA  . ALA A 1 133 ? -5.866  15.011  -0.863  1.00 55.92 ? 129 ALA A CA  1 
ATOM   827  C C   . ALA A 1 133 ? -5.230  16.364  -1.219  1.00 61.69 ? 129 ALA A C   1 
ATOM   828  O O   . ALA A 1 133 ? -5.811  17.133  -1.972  1.00 61.59 ? 129 ALA A O   1 
ATOM   829  C CB  . ALA A 1 133 ? -6.822  15.155  0.317   1.00 62.61 ? 129 ALA A CB  1 
ATOM   830  N N   . THR A 1 134 ? -4.022  16.641  -0.724  1.00 55.62 ? 130 THR A N   1 
ATOM   831  C CA  . THR A 1 134 ? -3.417  17.958  -0.925  1.00 58.99 ? 130 THR A CA  1 
ATOM   832  C C   . THR A 1 134 ? -1.901  17.937  -1.052  1.00 52.95 ? 130 THR A C   1 
ATOM   833  O O   . THR A 1 134 ? -1.273  18.980  -1.226  1.00 59.32 ? 130 THR A O   1 
ATOM   834  C CB  . THR A 1 134 ? -3.755  18.905  0.254   1.00 59.31 ? 130 THR A CB  1 
ATOM   835  O OG1 . THR A 1 134 ? -3.385  18.279  1.485   1.00 56.03 ? 130 THR A OG1 1 
ATOM   836  C CG2 . THR A 1 134 ? -5.264  19.280  0.278   1.00 64.17 ? 130 THR A CG2 1 
ATOM   837  N N   . SER A 1 135 ? -1.285  16.780  -0.907  1.00 43.15 ? 131 SER A N   1 
ATOM   838  C CA  . SER A 1 135 ? 0.167   16.693  -1.047  1.00 37.39 ? 131 SER A CA  1 
ATOM   839  C C   . SER A 1 135 ? 0.583   16.084  -2.408  1.00 43.96 ? 131 SER A C   1 
ATOM   840  O O   . SER A 1 135 ? 0.352   14.873  -2.679  1.00 36.04 ? 131 SER A O   1 
ATOM   841  C CB  . SER A 1 135 ? 0.779   15.900  0.095   1.00 35.68 ? 131 SER A CB  1 
ATOM   842  O OG  . SER A 1 135 ? 2.078   15.490  -0.304  1.00 38.32 ? 131 SER A OG  1 
ATOM   843  N N   . VAL A 1 136 ? 1.180   16.908  -3.284  1.00 40.23 ? 132 VAL A N   1 
ATOM   844  C CA  . VAL A 1 136 ? 1.811   16.387  -4.530  1.00 38.52 ? 132 VAL A CA  1 
ATOM   845  C C   . VAL A 1 136 ? 2.905   15.332  -4.330  1.00 36.42 ? 132 VAL A C   1 
ATOM   846  O O   . VAL A 1 136 ? 2.983   14.372  -5.121  1.00 37.83 ? 132 VAL A O   1 
ATOM   847  C CB  . VAL A 1 136 ? 2.380   17.543  -5.428  1.00 43.46 ? 132 VAL A CB  1 
ATOM   848  C CG1 . VAL A 1 136 ? 3.258   16.990  -6.554  1.00 42.86 ? 132 VAL A CG1 1 
ATOM   849  C CG2 . VAL A 1 136 ? 1.207   18.314  -6.022  1.00 51.09 ? 132 VAL A CG2 1 
ATOM   850  N N   . GLU A 1 137 ? 3.738   15.441  -3.285  1.00 35.47 ? 133 GLU A N   1 
ATOM   851  C CA  . GLU A 1 137 ? 4.772   14.413  -3.092  1.00 32.55 ? 133 GLU A CA  1 
ATOM   852  C C   . GLU A 1 137 ? 4.096   13.028  -2.813  1.00 29.17 ? 133 GLU A C   1 
ATOM   853  O O   . GLU A 1 137 ? 4.646   11.986  -3.226  1.00 29.21 ? 133 GLU A O   1 
ATOM   854  C CB  . GLU A 1 137 ? 5.679   14.702  -1.901  1.00 40.16 ? 133 GLU A CB  1 
ATOM   855  C CG  . GLU A 1 137 ? 6.679   15.858  -2.076  1.00 46.53 ? 133 GLU A CG  1 
ATOM   856  C CD  . GLU A 1 137 ? 6.056   17.265  -1.987  1.00 57.92 ? 133 GLU A CD  1 
ATOM   857  O OE1 . GLU A 1 137 ? 4.822   17.487  -1.778  1.00 51.93 ? 133 GLU A OE1 1 
ATOM   858  O OE2 . GLU A 1 137 ? 6.849   18.213  -2.165  1.00 68.00 ? 133 GLU A OE2 1 
ATOM   859  N N   . VAL A 1 138 ? 3.015   13.039  -2.032  1.00 31.39 ? 134 VAL A N   1 
ATOM   860  C CA  . VAL A 1 138 ? 2.426   11.752  -1.590  1.00 27.07 ? 134 VAL A CA  1 
ATOM   861  C C   . VAL A 1 138 ? 1.740   11.172  -2.818  1.00 27.57 ? 134 VAL A C   1 
ATOM   862  O O   . VAL A 1 138 ? 1.840   10.005  -3.091  1.00 24.86 ? 134 VAL A O   1 
ATOM   863  C CB  . VAL A 1 138 ? 1.444   11.944  -0.417  1.00 33.00 ? 134 VAL A CB  1 
ATOM   864  C CG1 . VAL A 1 138 ? 0.560   10.685  -0.272  1.00 29.07 ? 134 VAL A CG1 1 
ATOM   865  C CG2 . VAL A 1 138 ? 2.221   12.229  0.885   1.00 31.82 ? 134 VAL A CG2 1 
ATOM   866  N N   . ALA A 1 139 ? 1.015   12.002  -3.554  1.00 26.88 ? 135 ALA A N   1 
ATOM   867  C CA  . ALA A 1 139 ? 0.283   11.497  -4.735  1.00 27.89 ? 135 ALA A CA  1 
ATOM   868  C C   . ALA A 1 139 ? 1.241   10.874  -5.759  1.00 27.48 ? 135 ALA A C   1 
ATOM   869  O O   . ALA A 1 139 ? 0.983   9.802   -6.297  1.00 24.69 ? 135 ALA A O   1 
ATOM   870  C CB  . ALA A 1 139 ? -0.634  12.589  -5.344  1.00 28.85 ? 135 ALA A CB  1 
ATOM   871  N N   . GLU A 1 140 ? 2.360   11.533  -6.018  1.00 25.48 ? 136 GLU A N   1 
ATOM   872  C CA  . GLU A 1 140 ? 3.350   11.071  -6.919  1.00 27.99 ? 136 GLU A CA  1 
ATOM   873  C C   . GLU A 1 140 ? 4.086   9.817   -6.522  1.00 24.45 ? 136 GLU A C   1 
ATOM   874  O O   . GLU A 1 140 ? 4.367   9.003   -7.362  1.00 22.18 ? 136 GLU A O   1 
ATOM   875  C CB  . GLU A 1 140 ? 4.350   12.201  -7.245  1.00 37.39 ? 136 GLU A CB  1 
ATOM   876  C CG  . GLU A 1 140 ? 3.584   13.252  -8.064  1.00 49.32 ? 136 GLU A CG  1 
ATOM   877  C CD  . GLU A 1 140 ? 4.433   13.965  -9.109  1.00 67.36 ? 136 GLU A CD  1 
ATOM   878  O OE1 . GLU A 1 140 ? 5.244   14.859  -8.730  1.00 58.67 ? 136 GLU A OE1 1 
ATOM   879  O OE2 . GLU A 1 140 ? 4.264   13.641  -10.313 1.00 73.70 ? 136 GLU A OE2 1 
ATOM   880  N N   . LEU A 1 141 ? 4.450   9.716   -5.243  1.00 23.71 ? 137 LEU A N   1 
ATOM   881  C CA  . LEU A 1 141 ? 4.996   8.526   -4.717  1.00 24.62 ? 137 LEU A CA  1 
ATOM   882  C C   . LEU A 1 141 ? 4.034   7.307   -4.941  1.00 19.39 ? 137 LEU A C   1 
ATOM   883  O O   . LEU A 1 141 ? 4.456   6.218   -5.470  1.00 18.97 ? 137 LEU A O   1 
ATOM   884  C CB  . LEU A 1 141 ? 5.221   8.700   -3.201  1.00 24.08 ? 137 LEU A CB  1 
ATOM   885  C CG  . LEU A 1 141 ? 5.824   7.473   -2.474  1.00 26.32 ? 137 LEU A CG  1 
ATOM   886  C CD1 . LEU A 1 141 ? 7.141   7.059   -3.121  1.00 29.37 ? 137 LEU A CD1 1 
ATOM   887  C CD2 . LEU A 1 141 ? 6.037   7.754   -0.997  1.00 29.41 ? 137 LEU A CD2 1 
ATOM   888  N N   . TRP A 1 142 ? 2.790   7.509   -4.492  1.00 19.30 ? 138 TRP A N   1 
ATOM   889  C CA  . TRP A 1 142 ? 1.792   6.420   -4.772  1.00 19.99 ? 138 TRP A CA  1 
ATOM   890  C C   . TRP A 1 142 ? 1.696   6.070   -6.228  1.00 19.40 ? 138 TRP A C   1 
ATOM   891  O O   . TRP A 1 142 ? 1.780   4.903   -6.603  1.00 17.58 ? 138 TRP A O   1 
ATOM   892  C CB  . TRP A 1 142 ? 0.440   6.705   -4.111  1.00 18.35 ? 138 TRP A CB  1 
ATOM   893  C CG  . TRP A 1 142 ? -0.451  5.474   -4.202  1.00 20.15 ? 138 TRP A CG  1 
ATOM   894  C CD1 . TRP A 1 142 ? -1.619  5.327   -4.920  1.00 25.14 ? 138 TRP A CD1 1 
ATOM   895  C CD2 . TRP A 1 142 ? -0.267  4.206   -3.458  1.00 20.26 ? 138 TRP A CD2 1 
ATOM   896  N NE1 . TRP A 1 142 ? -2.133  4.066   -4.717  1.00 21.45 ? 138 TRP A NE1 1 
ATOM   897  C CE2 . TRP A 1 142 ? -1.336  3.345   -3.858  1.00 21.68 ? 138 TRP A CE2 1 
ATOM   898  C CE3 . TRP A 1 142 ? 0.706   3.715   -2.563  1.00 21.66 ? 138 TRP A CE3 1 
ATOM   899  C CZ2 . TRP A 1 142 ? -1.501  2.063   -3.331  1.00 20.25 ? 138 TRP A CZ2 1 
ATOM   900  C CZ3 . TRP A 1 142 ? 0.558   2.415   -2.050  1.00 22.39 ? 138 TRP A CZ3 1 
ATOM   901  C CH2 . TRP A 1 142 ? -0.554  1.609   -2.412  1.00 21.32 ? 138 TRP A CH2 1 
ATOM   902  N N   . SER A 1 143 ? 1.594   7.082   -7.092  1.00 18.81 ? 139 SER A N   1 
ATOM   903  C CA  . SER A 1 143 ? 1.429   6.864   -8.525  1.00 20.32 ? 139 SER A CA  1 
ATOM   904  C C   . SER A 1 143 ? 2.547   6.059   -9.173  1.00 19.20 ? 139 SER A C   1 
ATOM   905  O O   . SER A 1 143 ? 2.313   5.200   -10.029 1.00 19.76 ? 139 SER A O   1 
ATOM   906  C CB  . SER A 1 143 ? 1.229   8.282   -9.231  1.00 22.06 ? 139 SER A CB  1 
ATOM   907  O OG  . SER A 1 143 ? 1.328   8.118   -10.638 1.00 30.10 ? 139 SER A OG  1 
ATOM   908  N N   . THR A 1 144 ? 3.809   6.387   -8.843  1.00 18.60 ? 140 THR A N   1 
ATOM   909  C CA  . THR A 1 144 ? 4.932   5.664   -9.337  1.00 19.10 ? 140 THR A CA  1 
ATOM   910  C C   . THR A 1 144 ? 4.826   4.199   -9.052  1.00 17.46 ? 140 THR A C   1 
ATOM   911  O O   . THR A 1 144 ? 5.055   3.371   -9.947  1.00 17.29 ? 140 THR A O   1 
ATOM   912  C CB  . THR A 1 144 ? 6.256   6.222   -8.665  1.00 23.78 ? 140 THR A CB  1 
ATOM   913  O OG1 . THR A 1 144 ? 6.277   7.579   -9.055  1.00 31.29 ? 140 THR A OG1 1 
ATOM   914  C CG2 . THR A 1 144 ? 7.440   5.677   -9.307  1.00 32.33 ? 140 THR A CG2 1 
ATOM   915  N N   . PHE A 1 145 ? 4.564   3.853   -7.769  1.00 17.09 ? 141 PHE A N   1 
ATOM   916  C CA  . PHE A 1 145 ? 4.398   2.453   -7.505  1.00 17.26 ? 141 PHE A CA  1 
ATOM   917  C C   . PHE A 1 145 ? 3.190   1.769   -8.171  1.00 15.67 ? 141 PHE A C   1 
ATOM   918  O O   . PHE A 1 145 ? 3.309   0.603   -8.655  1.00 17.16 ? 141 PHE A O   1 
ATOM   919  C CB  . PHE A 1 145 ? 4.381   2.242   -6.016  1.00 18.69 ? 141 PHE A CB  1 
ATOM   920  C CG  . PHE A 1 145 ? 5.770   2.335   -5.426  1.00 20.91 ? 141 PHE A CG  1 
ATOM   921  C CD1 . PHE A 1 145 ? 6.610   1.204   -5.444  1.00 25.10 ? 141 PHE A CD1 1 
ATOM   922  C CD2 . PHE A 1 145 ? 6.233   3.540   -4.914  1.00 23.09 ? 141 PHE A CD2 1 
ATOM   923  C CE1 . PHE A 1 145 ? 7.921   1.280   -4.955  1.00 28.31 ? 141 PHE A CE1 1 
ATOM   924  C CE2 . PHE A 1 145 ? 7.546   3.611   -4.415  1.00 28.66 ? 141 PHE A CE2 1 
ATOM   925  C CZ  . PHE A 1 145 ? 8.380   2.479   -4.456  1.00 28.79 ? 141 PHE A CZ  1 
ATOM   926  N N   . MET A 1 146 ? 2.059   2.495   -8.209  1.00 16.86 ? 142 MET A N   1 
ATOM   927  C CA  . MET A 1 146 ? 0.893   1.882   -8.870  1.00 17.63 ? 142 MET A CA  1 
ATOM   928  C C   . MET A 1 146 ? 1.196   1.575   -10.341 1.00 16.94 ? 142 MET A C   1 
ATOM   929  O O   . MET A 1 146 ? 0.801   0.567   -10.855 1.00 16.85 ? 142 MET A O   1 
ATOM   930  C CB  . MET A 1 146 ? -0.363  2.781   -8.794  1.00 16.91 ? 142 MET A CB  1 
ATOM   931  C CG  . MET A 1 146 ? -0.946  3.016   -7.457  1.00 22.38 ? 142 MET A CG  1 
ATOM   932  S SD  . MET A 1 146 ? -1.885  1.453   -7.087  1.00 24.72 ? 142 MET A SD  1 
ATOM   933  C CE  . MET A 1 146 ? -3.496  1.546   -8.003  1.00 23.63 ? 142 MET A CE  1 
ATOM   934  N N   . GLN A 1 147 ? 1.890   2.484   -11.038 1.00 17.67 ? 143 GLN A N   1 
ATOM   935  C CA  . GLN A 1 147 ? 2.248   2.236   -12.407 1.00 17.41 ? 143 GLN A CA  1 
ATOM   936  C C   . GLN A 1 147 ? 3.017   0.982   -12.576 1.00 16.00 ? 143 GLN A C   1 
ATOM   937  O O   . GLN A 1 147 ? 2.762   0.269   -13.543 1.00 16.71 ? 143 GLN A O   1 
ATOM   938  C CB  . GLN A 1 147 ? 3.002   3.446   -13.015 1.00 21.10 ? 143 GLN A CB  1 
ATOM   939  C CG  . GLN A 1 147 ? 2.011   4.598   -13.060 1.00 25.42 ? 143 GLN A CG  1 
ATOM   940  C CD  . GLN A 1 147 ? 2.454   5.768   -13.863 1.00 42.91 ? 143 GLN A CD  1 
ATOM   941  O OE1 . GLN A 1 147 ? 3.635   6.097   -13.900 1.00 44.39 ? 143 GLN A OE1 1 
ATOM   942  N NE2 . GLN A 1 147 ? 1.484   6.436   -14.493 1.00 47.85 ? 143 GLN A NE2 1 
ATOM   943  N N   . LYS A 1 148 ? 3.954   0.744   -11.631 1.00 18.73 ? 144 LYS A N   1 
ATOM   944  C CA  . LYS A 1 148 ? 4.811   -0.420  -11.679 1.00 17.97 ? 144 LYS A CA  1 
ATOM   945  C C   . LYS A 1 148 ? 3.987   -1.655  -11.509 1.00 15.02 ? 144 LYS A C   1 
ATOM   946  O O   . LYS A 1 148 ? 4.123   -2.636  -12.264 1.00 15.42 ? 144 LYS A O   1 
ATOM   947  C CB  . LYS A 1 148 ? 5.896   -0.329  -10.574 1.00 21.00 ? 144 LYS A CB  1 
ATOM   948  C CG  . LYS A 1 148 ? 6.872   -1.499  -10.627 1.00 23.83 ? 144 LYS A CG  1 
ATOM   949  C CD  . LYS A 1 148 ? 7.981   -1.330  -9.561  1.00 27.82 ? 144 LYS A CD  1 
ATOM   950  C CE  . LYS A 1 148 ? 8.848   -2.581  -9.412  1.00 36.00 ? 144 LYS A CE  1 
ATOM   951  N NZ  . LYS A 1 148 ? 9.936   -2.133  -8.481  1.00 37.71 ? 144 LYS A NZ  1 
ATOM   952  N N   . TRP A 1 149 ? 3.090   -1.686  -10.489 1.00 15.32 ? 145 TRP A N   1 
ATOM   953  C CA  . TRP A 1 149 ? 2.353   -2.930  -10.252 1.00 16.07 ? 145 TRP A CA  1 
ATOM   954  C C   . TRP A 1 149 ? 1.280   -3.206  -11.292 1.00 15.72 ? 145 TRP A C   1 
ATOM   955  O O   . TRP A 1 149 ? 0.976   -4.330  -11.563 1.00 15.94 ? 145 TRP A O   1 
ATOM   956  C CB  . TRP A 1 149 ? 1.600   -2.725  -8.933  1.00 21.83 ? 145 TRP A CB  1 
ATOM   957  C CG  . TRP A 1 149 ? 2.528   -2.456  -7.821  1.00 20.17 ? 145 TRP A CG  1 
ATOM   958  C CD1 . TRP A 1 149 ? 3.846   -2.980  -7.662  1.00 19.71 ? 145 TRP A CD1 1 
ATOM   959  C CD2 . TRP A 1 149 ? 2.269   -1.612  -6.609  1.00 21.82 ? 145 TRP A CD2 1 
ATOM   960  N NE1 . TRP A 1 149 ? 4.413   -2.457  -6.499  1.00 21.56 ? 145 TRP A NE1 1 
ATOM   961  C CE2 . TRP A 1 149 ? 3.492   -1.704  -5.771  1.00 22.58 ? 145 TRP A CE2 1 
ATOM   962  C CE3 . TRP A 1 149 ? 1.188   -0.825  -6.152  1.00 22.43 ? 145 TRP A CE3 1 
ATOM   963  C CZ2 . TRP A 1 149 ? 3.600   -1.044  -4.514  1.00 23.92 ? 145 TRP A CZ2 1 
ATOM   964  C CZ3 . TRP A 1 149 ? 1.365   -0.131  -4.933  1.00 23.59 ? 145 TRP A CZ3 1 
ATOM   965  C CH2 . TRP A 1 149 ? 2.522   -0.251  -4.129  1.00 24.25 ? 145 TRP A CH2 1 
ATOM   966  N N   . ILE A 1 150 ? 0.712   -2.135  -11.862 1.00 16.29 ? 146 ILE A N   1 
ATOM   967  C CA  . ILE A 1 150 ? -0.204  -2.257  -12.973 1.00 14.94 ? 146 ILE A CA  1 
ATOM   968  C C   . ILE A 1 150 ? 0.528   -2.864  -14.167 1.00 16.45 ? 146 ILE A C   1 
ATOM   969  O O   . ILE A 1 150 ? 0.036   -3.794  -14.823 1.00 14.02 ? 146 ILE A O   1 
ATOM   970  C CB  . ILE A 1 150 ? -0.889  -0.892  -13.302 1.00 14.00 ? 146 ILE A CB  1 
ATOM   971  C CG1 . ILE A 1 150 ? -1.970  -0.640  -12.228 1.00 13.81 ? 146 ILE A CG1 1 
ATOM   972  C CG2 . ILE A 1 150 ? -1.609  -1.021  -14.694 1.00 15.27 ? 146 ILE A CG2 1 
ATOM   973  C CD1 . ILE A 1 150 ? -2.350  0.844   -12.235 1.00 14.48 ? 146 ILE A CD1 1 
ATOM   974  N N   . ALA A 1 151 ? 1.711   -2.333  -14.463 1.00 17.40 ? 147 ALA A N   1 
ATOM   975  C CA  . ALA A 1 151 ? 2.464   -2.887  -15.600 1.00 18.18 ? 147 ALA A CA  1 
ATOM   976  C C   . ALA A 1 151 ? 2.785   -4.388  -15.425 1.00 18.36 ? 147 ALA A C   1 
ATOM   977  O O   . ALA A 1 151 ? 2.722   -5.159  -16.340 1.00 16.66 ? 147 ALA A O   1 
ATOM   978  C CB  . ALA A 1 151 ? 3.756   -2.085  -15.815 1.00 18.31 ? 147 ALA A CB  1 
ATOM   979  N N   . TYR A 1 152 ? 3.200   -4.759  -14.211 1.00 18.00 ? 148 TYR A N   1 
ATOM   980  C CA  . TYR A 1 152 ? 3.476   -6.159  -13.873 1.00 18.34 ? 148 TYR A CA  1 
ATOM   981  C C   . TYR A 1 152 ? 2.219   -6.976  -14.049 1.00 17.18 ? 148 TYR A C   1 
ATOM   982  O O   . TYR A 1 152 ? 2.225   -8.015  -14.696 1.00 16.47 ? 148 TYR A O   1 
ATOM   983  C CB  . TYR A 1 152 ? 4.008   -6.243  -12.408 1.00 19.46 ? 148 TYR A CB  1 
ATOM   984  C CG  . TYR A 1 152 ? 4.297   -7.690  -12.103 1.00 23.38 ? 148 TYR A CG  1 
ATOM   985  C CD1 . TYR A 1 152 ? 5.441   -8.262  -12.596 1.00 27.60 ? 148 TYR A CD1 1 
ATOM   986  C CD2 . TYR A 1 152 ? 3.357   -8.495  -11.422 1.00 24.75 ? 148 TYR A CD2 1 
ATOM   987  C CE1 . TYR A 1 152 ? 5.693   -9.612  -12.350 1.00 26.88 ? 148 TYR A CE1 1 
ATOM   988  C CE2 . TYR A 1 152 ? 3.563   -9.828  -11.199 1.00 26.45 ? 148 TYR A CE2 1 
ATOM   989  C CZ  . TYR A 1 152 ? 4.757   -10.376 -11.655 1.00 29.38 ? 148 TYR A CZ  1 
ATOM   990  O OH  . TYR A 1 152 ? 5.023   -11.703 -11.401 1.00 31.67 ? 148 TYR A OH  1 
ATOM   991  N N   . THR A 1 153 ? 1.086   -6.513  -13.458 1.00 16.95 ? 149 THR A N   1 
ATOM   992  C CA  . THR A 1 153 ? -0.179  -7.224  -13.657 1.00 15.04 ? 149 THR A CA  1 
ATOM   993  C C   . THR A 1 153 ? -0.551  -7.428  -15.167 1.00 14.92 ? 149 THR A C   1 
ATOM   994  O O   . THR A 1 153 ? -0.900  -8.533  -15.608 1.00 15.58 ? 149 THR A O   1 
ATOM   995  C CB  . THR A 1 153 ? -1.327  -6.453  -12.967 1.00 15.58 ? 149 THR A CB  1 
ATOM   996  O OG1 . THR A 1 153 ? -1.022  -6.292  -11.546 1.00 16.53 ? 149 THR A OG1 1 
ATOM   997  C CG2 . THR A 1 153 ? -2.648  -7.202  -13.154 1.00 17.63 ? 149 THR A CG2 1 
ATOM   998  N N   . ALA A 1 154 ? -0.406  -6.340  -15.903 1.00 15.29 ? 150 ALA A N   1 
ATOM   999  C CA  . ALA A 1 154 ? -0.715  -6.460  -17.323 1.00 16.31 ? 150 ALA A CA  1 
ATOM   1000 C C   . ALA A 1 154 ? 0.221   -7.502  -18.068 1.00 16.36 ? 150 ALA A C   1 
ATOM   1001 O O   . ALA A 1 154 ? -0.250  -8.203  -18.975 1.00 18.22 ? 150 ALA A O   1 
ATOM   1002 C CB  . ALA A 1 154 ? -0.621  -5.103  -17.910 1.00 17.06 ? 150 ALA A CB  1 
ATOM   1003 N N   . ALA A 1 155 ? 1.515   -7.481  -17.722 1.00 21.25 ? 151 ALA A N   1 
ATOM   1004 C CA  . ALA A 1 155 ? 2.523   -8.390  -18.317 1.00 21.02 ? 151 ALA A CA  1 
ATOM   1005 C C   . ALA A 1 155 ? 2.143   -9.831  -18.021 1.00 22.45 ? 151 ALA A C   1 
ATOM   1006 O O   . ALA A 1 155 ? 2.170   -10.686 -18.905 1.00 21.80 ? 151 ALA A O   1 
ATOM   1007 C CB  . ALA A 1 155 ? 3.904   -8.068  -17.735 1.00 22.33 ? 151 ALA A CB  1 
ATOM   1008 N N   . VAL A 1 156 ? 1.691   -10.101 -16.784 1.00 20.21 ? 152 VAL A N   1 
ATOM   1009 C CA  . VAL A 1 156 ? 1.183   -11.440 -16.468 1.00 19.37 ? 152 VAL A CA  1 
ATOM   1010 C C   . VAL A 1 156 ? -0.038  -11.833 -17.229 1.00 19.31 ? 152 VAL A C   1 
ATOM   1011 O O   . VAL A 1 156 ? -0.152  -12.975 -17.772 1.00 21.58 ? 152 VAL A O   1 
ATOM   1012 C CB  . VAL A 1 156 ? 1.002   -11.612 -14.897 1.00 21.06 ? 152 VAL A CB  1 
ATOM   1013 C CG1 . VAL A 1 156 ? 0.433   -13.004 -14.542 1.00 21.14 ? 152 VAL A CG1 1 
ATOM   1014 C CG2 . VAL A 1 156 ? 2.310   -11.322 -14.181 1.00 23.76 ? 152 VAL A CG2 1 
ATOM   1015 N N   . ILE A 1 157 ? -1.041  -10.937 -17.297 1.00 19.83 ? 153 ILE A N   1 
ATOM   1016 C CA  . ILE A 1 157 ? -2.238  -11.240 -18.032 1.00 17.57 ? 153 ILE A CA  1 
ATOM   1017 C C   . ILE A 1 157 ? -1.782  -11.554 -19.526 1.00 19.49 ? 153 ILE A C   1 
ATOM   1018 O O   . ILE A 1 157 ? -2.251  -12.490 -20.136 1.00 20.49 ? 153 ILE A O   1 
ATOM   1019 C CB  . ILE A 1 157 ? -3.214  -10.042 -17.971 1.00 15.97 ? 153 ILE A CB  1 
ATOM   1020 C CG1 . ILE A 1 157 ? -3.882  -10.045 -16.493 1.00 15.02 ? 153 ILE A CG1 1 
ATOM   1021 C CG2 . ILE A 1 157 ? -4.380  -10.191 -18.993 1.00 17.90 ? 153 ILE A CG2 1 
ATOM   1022 C CD1 . ILE A 1 157 ? -4.453  -8.641  -16.197 1.00 19.04 ? 153 ILE A CD1 1 
ATOM   1023 N N   . ASP A 1 158 ? -0.900  -10.723 -20.054 1.00 21.11 ? 154 ASP A N   1 
ATOM   1024 C CA  . ASP A 1 158 ? -0.503  -10.907 -21.482 1.00 25.46 ? 154 ASP A CA  1 
ATOM   1025 C C   . ASP A 1 158 ? 0.200   -12.266 -21.623 1.00 28.29 ? 154 ASP A C   1 
ATOM   1026 O O   . ASP A 1 158 ? -0.039  -12.993 -22.593 1.00 29.47 ? 154 ASP A O   1 
ATOM   1027 C CB  . ASP A 1 158 ? 0.472   -9.845  -21.925 1.00 26.97 ? 154 ASP A CB  1 
ATOM   1028 C CG  . ASP A 1 158 ? -0.220  -8.570  -22.338 1.00 31.63 ? 154 ASP A CG  1 
ATOM   1029 O OD1 . ASP A 1 158 ? -1.415  -8.628  -22.740 1.00 40.07 ? 154 ASP A OD1 1 
ATOM   1030 O OD2 . ASP A 1 158 ? 0.392   -7.488  -22.203 1.00 40.58 ? 154 ASP A OD2 1 
ATOM   1031 N N   . ALA A 1 159 ? 0.995   -12.616 -20.616 1.00 26.04 ? 155 ALA A N   1 
ATOM   1032 C CA  . ALA A 1 159 ? 1.688   -13.958 -20.646 1.00 29.37 ? 155 ALA A CA  1 
ATOM   1033 C C   . ALA A 1 159 ? 0.671   -15.079 -20.589 1.00 28.78 ? 155 ALA A C   1 
ATOM   1034 O O   . ALA A 1 159 ? 0.773   -16.103 -21.352 1.00 29.87 ? 155 ALA A O   1 
ATOM   1035 C CB  . ALA A 1 159 ? 2.704   -14.059 -19.521 1.00 30.03 ? 155 ALA A CB  1 
ATOM   1036 N N   . GLU A 1 160 ? -0.377  -14.910 -19.758 1.00 27.50 ? 156 GLU A N   1 
ATOM   1037 C CA  . GLU A 1 160 ? -1.427  -15.919 -19.692 1.00 24.19 ? 156 GLU A CA  1 
ATOM   1038 C C   . GLU A 1 160 ? -2.229  -16.090 -21.010 1.00 26.36 ? 156 GLU A C   1 
ATOM   1039 O O   . GLU A 1 160 ? -2.609  -17.233 -21.436 1.00 29.70 ? 156 GLU A O   1 
ATOM   1040 C CB  . GLU A 1 160 ? -2.399  -15.662 -18.500 1.00 24.45 ? 156 GLU A CB  1 
ATOM   1041 C CG  . GLU A 1 160 ? -1.782  -15.693 -17.096 1.00 26.59 ? 156 GLU A CG  1 
ATOM   1042 C CD  . GLU A 1 160 ? -1.585  -17.113 -16.640 1.00 33.47 ? 156 GLU A CD  1 
ATOM   1043 O OE1 . GLU A 1 160 ? -2.280  -17.582 -15.711 1.00 27.86 ? 156 GLU A OE1 1 
ATOM   1044 O OE2 . GLU A 1 160 ? -0.699  -17.772 -17.227 1.00 32.02 ? 156 GLU A OE2 1 
ATOM   1045 N N   . ARG A 1 161 ? -2.555  -14.975 -21.654 1.00 23.24 ? 157 ARG A N   1 
ATOM   1046 C CA  . ARG A 1 161 ? -3.169  -15.053 -22.943 1.00 22.13 ? 157 ARG A CA  1 
ATOM   1047 C C   . ARG A 1 161 ? -2.203  -15.744 -23.931 1.00 27.29 ? 157 ARG A C   1 
ATOM   1048 O O   . ARG A 1 161 ? -2.638  -16.569 -24.715 1.00 33.82 ? 157 ARG A O   1 
ATOM   1049 C CB  . ARG A 1 161 ? -3.451  -13.648 -23.407 1.00 22.38 ? 157 ARG A CB  1 
ATOM   1050 C CG  . ARG A 1 161 ? -4.605  -13.071 -22.540 1.00 22.35 ? 157 ARG A CG  1 
ATOM   1051 C CD  . ARG A 1 161 ? -4.691  -11.567 -22.791 1.00 21.86 ? 157 ARG A CD  1 
ATOM   1052 N NE  . ARG A 1 161 ? -5.880  -11.121 -22.025 1.00 22.01 ? 157 ARG A NE  1 
ATOM   1053 C CZ  . ARG A 1 161 ? -6.435  -9.925  -22.178 1.00 22.74 ? 157 ARG A CZ  1 
ATOM   1054 N NH1 . ARG A 1 161 ? -5.892  -9.038  -23.069 1.00 22.09 ? 157 ARG A NH1 1 
ATOM   1055 N NH2 . ARG A 1 161 ? -7.540  -9.608  -21.435 1.00 20.51 ? 157 ARG A NH2 1 
ATOM   1056 N N   . ASP A 1 162 ? -0.929  -15.404 -23.889 1.00 28.59 ? 158 ASP A N   1 
ATOM   1057 C CA  . ASP A 1 162 ? -0.021  -16.001 -24.934 1.00 35.50 ? 158 ASP A CA  1 
ATOM   1058 C C   . ASP A 1 162 ? 0.099   -17.513 -24.808 1.00 39.49 ? 158 ASP A C   1 
ATOM   1059 O O   . ASP A 1 162 ? 0.317   -18.227 -25.823 1.00 38.25 ? 158 ASP A O   1 
ATOM   1060 C CB  . ASP A 1 162 ? 1.352   -15.414 -24.877 1.00 34.71 ? 158 ASP A CB  1 
ATOM   1061 C CG  . ASP A 1 162 ? 1.393   -13.999 -25.403 1.00 44.71 ? 158 ASP A CG  1 
ATOM   1062 O OD1 . ASP A 1 162 ? 0.474   -13.586 -26.163 1.00 49.93 ? 158 ASP A OD1 1 
ATOM   1063 O OD2 . ASP A 1 162 ? 2.367   -13.308 -25.054 1.00 45.18 ? 158 ASP A OD2 1 
ATOM   1064 N N   . ARG A 1 163 ? -0.053  -18.014 -23.585 1.00 35.38 ? 159 ARG A N   1 
ATOM   1065 C CA  . ARG A 1 163 ? 0.072   -19.439 -23.342 1.00 43.05 ? 159 ARG A CA  1 
ATOM   1066 C C   . ARG A 1 163 ? -1.271  -20.119 -23.459 1.00 39.01 ? 159 ARG A C   1 
ATOM   1067 O O   . ARG A 1 163 ? -1.410  -21.309 -23.196 1.00 39.60 ? 159 ARG A O   1 
ATOM   1068 C CB  . ARG A 1 163 ? 0.825   -19.725 -22.020 1.00 43.85 ? 159 ARG A CB  1 
ATOM   1069 C CG  . ARG A 1 163 ? -0.029  -19.752 -20.793 1.00 44.00 ? 159 ARG A CG  1 
ATOM   1070 C CD  . ARG A 1 163 ? 0.783   -20.065 -19.529 1.00 48.58 ? 159 ARG A CD  1 
ATOM   1071 N NE  . ARG A 1 163 ? 2.156   -19.525 -19.535 1.00 56.41 ? 159 ARG A NE  1 
ATOM   1072 C CZ  . ARG A 1 163 ? 2.616   -18.479 -18.814 1.00 62.55 ? 159 ARG A CZ  1 
ATOM   1073 N NH1 . ARG A 1 163 ? 1.825   -17.778 -17.986 1.00 57.35 ? 159 ARG A NH1 1 
ATOM   1074 N NH2 . ARG A 1 163 ? 3.900   -18.118 -18.908 1.00 59.02 ? 159 ARG A NH2 1 
ATOM   1075 N N   . GLY A 1 164 ? -2.285  -19.354 -23.853 1.00 30.90 ? 160 GLY A N   1 
ATOM   1076 C CA  . GLY A 1 164 ? -3.611  -19.930 -24.021 1.00 30.83 ? 160 GLY A CA  1 
ATOM   1077 C C   . GLY A 1 164 ? -4.384  -20.220 -22.752 1.00 33.93 ? 160 GLY A C   1 
ATOM   1078 O O   . GLY A 1 164 ? -5.409  -20.869 -22.825 1.00 35.95 ? 160 GLY A O   1 
ATOM   1079 N N   . ALA A 1 165 ? -3.930  -19.694 -21.596 1.00 30.09 ? 161 ALA A N   1 
ATOM   1080 C CA  . ALA A 1 165 ? -4.620  -19.879 -20.290 1.00 34.87 ? 161 ALA A CA  1 
ATOM   1081 C C   . ALA A 1 165 ? -5.765  -18.864 -20.017 1.00 28.59 ? 161 ALA A C   1 
ATOM   1082 O O   . ALA A 1 165 ? -6.714  -19.125 -19.278 1.00 30.07 ? 161 ALA A O   1 
ATOM   1083 C CB  . ALA A 1 165 ? -3.579  -19.798 -19.187 1.00 31.89 ? 161 ALA A CB  1 
ATOM   1084 N N   . ALA A 1 166 ? -5.707  -17.730 -20.694 1.00 27.25 ? 162 ALA A N   1 
ATOM   1085 C CA  . ALA A 1 166 ? -6.730  -16.690 -20.520 1.00 24.52 ? 162 ALA A CA  1 
ATOM   1086 C C   . ALA A 1 166 ? -7.183  -16.197 -21.896 1.00 23.21 ? 162 ALA A C   1 
ATOM   1087 O O   . ALA A 1 166 ? -6.325  -16.121 -22.799 1.00 22.53 ? 162 ALA A O   1 
ATOM   1088 C CB  . ALA A 1 166 ? -6.075  -15.550 -19.736 1.00 21.54 ? 162 ALA A CB  1 
ATOM   1089 N N   . PRO A 1 167 ? -8.449  -15.797 -22.036 1.00 23.88 ? 163 PRO A N   1 
ATOM   1090 C CA  . PRO A 1 167 ? -9.027  -15.313 -23.312 1.00 23.87 ? 163 PRO A CA  1 
ATOM   1091 C C   . PRO A 1 167 ? -8.628  -13.887 -23.602 1.00 27.11 ? 163 PRO A C   1 
ATOM   1092 O O   . PRO A 1 167 ? -8.414  -13.068 -22.673 1.00 22.68 ? 163 PRO A O   1 
ATOM   1093 C CB  . PRO A 1 167 ? -10.516 -15.422 -23.088 1.00 23.69 ? 163 PRO A CB  1 
ATOM   1094 C CG  . PRO A 1 167 ? -10.689 -15.272 -21.579 1.00 23.74 ? 163 PRO A CG  1 
ATOM   1095 C CD  . PRO A 1 167 ? -9.454  -15.868 -20.957 1.00 24.02 ? 163 PRO A CD  1 
ATOM   1096 N N   . ARG A 1 168 ? -8.499  -13.529 -24.884 1.00 23.14 ? 164 ARG A N   1 
ATOM   1097 C CA  . ARG A 1 168 ? -8.177  -12.122 -25.163 1.00 25.89 ? 164 ARG A CA  1 
ATOM   1098 C C   . ARG A 1 168 ? -9.467  -11.314 -25.129 1.00 29.82 ? 164 ARG A C   1 
ATOM   1099 O O   . ARG A 1 168 ? -10.206 -11.212 -26.115 1.00 26.09 ? 164 ARG A O   1 
ATOM   1100 C CB  . ARG A 1 168 ? -7.424  -12.046 -26.544 1.00 30.24 ? 164 ARG A CB  1 
ATOM   1101 C CG  . ARG A 1 168 ? -7.239  -10.638 -26.983 1.00 39.34 ? 164 ARG A CG  1 
ATOM   1102 C CD  . ARG A 1 168 ? -6.106  -10.449 -27.953 1.00 48.44 ? 164 ARG A CD  1 
ATOM   1103 N NE  . ARG A 1 168 ? -6.142  -9.035  -28.303 1.00 58.63 ? 164 ARG A NE  1 
ATOM   1104 C CZ  . ARG A 1 168 ? -5.597  -8.532  -29.397 1.00 61.83 ? 164 ARG A CZ  1 
ATOM   1105 N NH1 . ARG A 1 168 ? -4.965  -9.329  -30.247 1.00 63.61 ? 164 ARG A NH1 1 
ATOM   1106 N NH2 . ARG A 1 168 ? -5.710  -7.237  -29.632 1.00 66.49 ? 164 ARG A NH2 1 
ATOM   1107 N N   . THR A 1 169 ? -9.771  -10.679 -23.995 1.00 23.30 ? 165 THR A N   1 
ATOM   1108 C CA  . THR A 1 169 ? -11.025 -9.938  -23.876 1.00 23.22 ? 165 THR A CA  1 
ATOM   1109 C C   . THR A 1 169 ? -10.667 -8.416  -23.888 1.00 28.12 ? 165 THR A C   1 
ATOM   1110 O O   . THR A 1 169 ? -10.291 -7.865  -24.903 1.00 28.25 ? 165 THR A O   1 
ATOM   1111 C CB  . THR A 1 169 ? -11.731 -10.317 -22.541 1.00 23.82 ? 165 THR A CB  1 
ATOM   1112 O OG1 . THR A 1 169 ? -10.746 -10.245 -21.505 1.00 19.33 ? 165 THR A OG1 1 
ATOM   1113 C CG2 . THR A 1 169 ? -12.228 -11.773 -22.575 1.00 25.65 ? 165 THR A CG2 1 
ATOM   1114 N N   . LEU A 1 170 ? -10.652 -7.746  -22.747 1.00 20.33 ? 166 LEU A N   1 
ATOM   1115 C CA  . LEU A 1 170 ? -10.221 -6.341  -22.674 1.00 19.44 ? 166 LEU A CA  1 
ATOM   1116 C C   . LEU A 1 170 ? -8.738  -6.175  -22.882 1.00 20.44 ? 166 LEU A C   1 
ATOM   1117 O O   . LEU A 1 170 ? -8.005  -7.097  -22.528 1.00 20.74 ? 166 LEU A O   1 
ATOM   1118 C CB  . LEU A 1 170 ? -10.479 -5.836  -21.229 1.00 18.92 ? 166 LEU A CB  1 
ATOM   1119 C CG  . LEU A 1 170 ? -11.870 -5.728  -20.669 1.00 20.32 ? 166 LEU A CG  1 
ATOM   1120 C CD1 . LEU A 1 170 ? -11.711 -5.182  -19.255 1.00 21.81 ? 166 LEU A CD1 1 
ATOM   1121 C CD2 . LEU A 1 170 ? -12.666 -4.698  -21.510 1.00 23.62 ? 166 LEU A CD2 1 
ATOM   1122 N N   . PRO A 1 171 ? -8.267  -4.983  -23.296 1.00 21.21 ? 167 PRO A N   1 
ATOM   1123 C CA  . PRO A 1 171 ? -6.826  -4.680  -23.277 1.00 20.63 ? 167 PRO A CA  1 
ATOM   1124 C C   . PRO A 1 171 ? -6.292  -4.931  -21.867 1.00 18.75 ? 167 PRO A C   1 
ATOM   1125 O O   . PRO A 1 171 ? -6.882  -4.386  -20.876 1.00 17.19 ? 167 PRO A O   1 
ATOM   1126 C CB  . PRO A 1 171 ? -6.771  -3.182  -23.578 1.00 21.83 ? 167 PRO A CB  1 
ATOM   1127 C CG  . PRO A 1 171 ? -8.019  -2.940  -24.402 1.00 21.11 ? 167 PRO A CG  1 
ATOM   1128 C CD  . PRO A 1 171 ? -9.071  -3.844  -23.851 1.00 21.78 ? 167 PRO A CD  1 
ATOM   1129 N N   . ALA A 1 172 ? -5.211  -5.716  -21.776 1.00 18.99 ? 168 ALA A N   1 
ATOM   1130 C CA  . ALA A 1 172 ? -4.654  -6.117  -20.479 1.00 20.90 ? 168 ALA A CA  1 
ATOM   1131 C C   . ALA A 1 172 ? -4.347  -4.923  -19.581 1.00 18.38 ? 168 ALA A C   1 
ATOM   1132 O O   . ALA A 1 172 ? -4.533  -4.998  -18.354 1.00 17.49 ? 168 ALA A O   1 
ATOM   1133 C CB  . ALA A 1 172 ? -3.344  -6.957  -20.656 1.00 22.34 ? 168 ALA A CB  1 
ATOM   1134 N N   . HIS A 1 173 ? -3.759  -3.842  -20.107 1.00 16.38 ? 169 HIS A N   1 
ATOM   1135 C CA  . HIS A 1 173 ? -3.374  -2.748  -19.254 1.00 17.74 ? 169 HIS A CA  1 
ATOM   1136 C C   . HIS A 1 173 ? -4.566  -2.022  -18.624 1.00 17.38 ? 169 HIS A C   1 
ATOM   1137 O O   . HIS A 1 173 ? -4.486  -1.626  -17.448 1.00 17.97 ? 169 HIS A O   1 
ATOM   1138 C CB  . HIS A 1 173 ? -2.515  -1.698  -20.054 1.00 18.92 ? 169 HIS A CB  1 
ATOM   1139 C CG  . HIS A 1 173 ? -1.701  -0.804  -19.178 1.00 18.72 ? 169 HIS A CG  1 
ATOM   1140 N ND1 . HIS A 1 173 ? -2.135  0.374   -18.751 1.00 21.16 ? 169 HIS A ND1 1 
ATOM   1141 C CD2 . HIS A 1 173 ? -0.494  -1.039  -18.543 1.00 19.00 ? 169 HIS A CD2 1 
ATOM   1142 C CE1 . HIS A 1 173 ? -1.233  0.882   -17.911 1.00 18.97 ? 169 HIS A CE1 1 
ATOM   1143 N NE2 . HIS A 1 173 ? -0.232  0.012   -17.812 1.00 20.86 ? 169 HIS A NE2 1 
ATOM   1144 N N   . GLU A 1 174 ? -5.681  -1.878  -19.376 1.00 14.46 ? 170 GLU A N   1 
ATOM   1145 C CA  . GLU A 1 174 ? -6.896  -1.317  -18.851 1.00 15.56 ? 170 GLU A CA  1 
ATOM   1146 C C   . GLU A 1 174 ? -7.527  -2.194  -17.715 1.00 13.32 ? 170 GLU A C   1 
ATOM   1147 O O   . GLU A 1 174 ? -7.956  -1.638  -16.640 1.00 13.09 ? 170 GLU A O   1 
ATOM   1148 C CB  . GLU A 1 174 ? -7.950  -1.051  -19.927 1.00 18.44 ? 170 GLU A CB  1 
ATOM   1149 C CG  . GLU A 1 174 ? -7.374  0.005   -20.883 1.00 23.88 ? 170 GLU A CG  1 
ATOM   1150 C CD  . GLU A 1 174 ? -8.188  0.305   -22.193 1.00 29.31 ? 170 GLU A CD  1 
ATOM   1151 O OE1 . GLU A 1 174 ? -9.231  -0.301  -22.460 1.00 23.41 ? 170 GLU A OE1 1 
ATOM   1152 O OE2 . GLU A 1 174 ? -7.654  1.123   -23.021 1.00 32.46 ? 170 GLU A OE2 1 
ATOM   1153 N N   . LEU A 1 175 ? -7.651  -3.464  -18.023 1.00 14.29 ? 171 LEU A N   1 
ATOM   1154 C CA  . LEU A 1 175 ? -8.077  -4.439  -17.019 1.00 15.26 ? 171 LEU A CA  1 
ATOM   1155 C C   . LEU A 1 175 ? -7.218  -4.378  -15.790 1.00 14.18 ? 171 LEU A C   1 
ATOM   1156 O O   . LEU A 1 175 ? -7.779  -4.304  -14.630 1.00 13.54 ? 171 LEU A O   1 
ATOM   1157 C CB  . LEU A 1 175 ? -8.097  -5.881  -17.625 1.00 15.81 ? 171 LEU A CB  1 
ATOM   1158 C CG  . LEU A 1 175 ? -8.393  -7.049  -16.729 1.00 14.37 ? 171 LEU A CG  1 
ATOM   1159 C CD1 . LEU A 1 175 ? -9.754  -6.717  -16.026 1.00 16.19 ? 171 LEU A CD1 1 
ATOM   1160 C CD2 . LEU A 1 175 ? -8.481  -8.379  -17.621 1.00 16.51 ? 171 LEU A CD2 1 
ATOM   1161 N N   . ALA A 1 176 ? -5.897  -4.395  -15.979 1.00 13.40 ? 172 ALA A N   1 
ATOM   1162 C CA  . ALA A 1 176 ? -4.985  -4.377  -14.796 1.00 13.67 ? 172 ALA A CA  1 
ATOM   1163 C C   . ALA A 1 176 ? -5.157  -3.066  -14.027 1.00 14.22 ? 172 ALA A C   1 
ATOM   1164 O O   . ALA A 1 176 ? -5.144  -3.076  -12.758 1.00 13.38 ? 172 ALA A O   1 
ATOM   1165 C CB  . ALA A 1 176 ? -3.513  -4.499  -15.271 1.00 13.69 ? 172 ALA A CB  1 
ATOM   1166 N N   . THR A 1 177 ? -5.416  -1.944  -14.702 1.00 12.06 ? 173 THR A N   1 
ATOM   1167 C CA  . THR A 1 177 ? -5.606  -0.605  -13.974 1.00 13.24 ? 173 THR A CA  1 
ATOM   1168 C C   . THR A 1 177 ? -6.881  -0.681  -13.055 1.00 12.75 ? 173 THR A C   1 
ATOM   1169 O O   . THR A 1 177 ? -6.815  -0.313  -11.865 1.00 13.86 ? 173 THR A O   1 
ATOM   1170 C CB  . THR A 1 177 ? -5.767  0.550   -14.999 1.00 15.75 ? 173 THR A CB  1 
ATOM   1171 O OG1 . THR A 1 177 ? -4.503  0.652   -15.739 1.00 13.19 ? 173 THR A OG1 1 
ATOM   1172 C CG2 . THR A 1 177 ? -5.986  1.855   -14.230 1.00 15.40 ? 173 THR A CG2 1 
ATOM   1173 N N   . ALA A 1 178 ? -7.994  -1.216  -13.631 1.00 11.34 ? 174 ALA A N   1 
ATOM   1174 C CA  . ALA A 1 178 ? -9.234  -1.220  -12.885 1.00 12.06 ? 174 ALA A CA  1 
ATOM   1175 C C   . ALA A 1 178 ? -9.090  -2.189  -11.711 1.00 11.99 ? 174 ALA A C   1 
ATOM   1176 O O   . ALA A 1 178 ? -9.626  -1.840  -10.593 1.00 11.09 ? 174 ALA A O   1 
ATOM   1177 C CB  . ALA A 1 178 ? -10.410 -1.664  -13.728 1.00 12.12 ? 174 ALA A CB  1 
ATOM   1178 N N   . LEU A 1 179 ? -8.507  -3.364  -11.969 1.00 12.54 ? 175 LEU A N   1 
ATOM   1179 C CA  . LEU A 1 179 ? -8.442  -4.373  -10.820 1.00 11.47 ? 175 LEU A CA  1 
ATOM   1180 C C   . LEU A 1 179 ? -7.504  -3.788  -9.703  1.00 13.27 ? 175 LEU A C   1 
ATOM   1181 O O   . LEU A 1 179 ? -7.760  -4.025  -8.510  1.00 12.18 ? 175 LEU A O   1 
ATOM   1182 C CB  . LEU A 1 179 ? -7.865  -5.697  -11.303 1.00 12.77 ? 175 LEU A CB  1 
ATOM   1183 C CG  . LEU A 1 179 ? -8.837  -6.409  -12.277 1.00 13.14 ? 175 LEU A CG  1 
ATOM   1184 C CD1 . LEU A 1 179 ? -8.125  -7.638  -12.805 1.00 14.47 ? 175 LEU A CD1 1 
ATOM   1185 C CD2 . LEU A 1 179 ? -10.077 -6.828  -11.468 1.00 14.47 ? 175 LEU A CD2 1 
ATOM   1186 N N   . ASN A 1 180 ? -6.347  -3.198  -10.056 1.00 11.98 ? 176 ASN A N   1 
ATOM   1187 C CA  . ASN A 1 180 ? -5.511  -2.566  -9.026  1.00 13.22 ? 176 ASN A CA  1 
ATOM   1188 C C   . ASN A 1 180 ? -6.180  -1.426  -8.290  1.00 14.75 ? 176 ASN A C   1 
ATOM   1189 O O   . ASN A 1 180 ? -6.006  -1.281  -7.075  1.00 12.93 ? 176 ASN A O   1 
ATOM   1190 C CB  . ASN A 1 180 ? -4.106  -2.156  -9.618  1.00 13.01 ? 176 ASN A CB  1 
ATOM   1191 C CG  . ASN A 1 180 ? -3.182  -3.343  -9.761  1.00 12.84 ? 176 ASN A CG  1 
ATOM   1192 O OD1 . ASN A 1 180 ? -2.483  -3.700  -8.751  1.00 16.16 ? 176 ASN A OD1 1 
ATOM   1193 N ND2 . ASN A 1 180 ? -3.118  -3.980  -10.988 1.00 13.65 ? 176 ASN A ND2 1 
ATOM   1194 N N   . LEU A 1 181 ? -6.902  -0.550  -9.000  1.00 12.61 ? 177 LEU A N   1 
ATOM   1195 C CA  . LEU A 1 181 ? -7.640  0.512   -8.302  1.00 11.38 ? 177 LEU A CA  1 
ATOM   1196 C C   . LEU A 1 181 ? -8.725  -0.102  -7.352  1.00 12.19 ? 177 LEU A C   1 
ATOM   1197 O O   . LEU A 1 181 ? -9.041  0.476   -6.305  1.00 13.21 ? 177 LEU A O   1 
ATOM   1198 C CB  . LEU A 1 181 ? -8.318  1.484   -9.343  1.00 11.68 ? 177 LEU A CB  1 
ATOM   1199 C CG  . LEU A 1 181 ? -7.174  2.371   -10.026 1.00 12.13 ? 177 LEU A CG  1 
ATOM   1200 C CD1 . LEU A 1 181 ? -7.858  3.173   -11.176 1.00 15.32 ? 177 LEU A CD1 1 
ATOM   1201 C CD2 . LEU A 1 181 ? -6.697  3.435   -9.020  1.00 16.30 ? 177 LEU A CD2 1 
ATOM   1202 N N   . MET A 1 182 ? -9.367  -1.192  -7.795  1.00 10.26 ? 178 MET A N   1 
ATOM   1203 C CA  . MET A 1 182 ? -10.418 -1.796  -6.961  1.00 11.09 ? 178 MET A CA  1 
ATOM   1204 C C   . MET A 1 182 ? -9.758  -2.205  -5.656  1.00 12.38 ? 178 MET A C   1 
ATOM   1205 O O   . MET A 1 182 ? -10.294 -1.956  -4.531  1.00 12.32 ? 178 MET A O   1 
ATOM   1206 C CB  . MET A 1 182 ? -10.988 -3.037  -7.645  1.00 11.83 ? 178 MET A CB  1 
ATOM   1207 C CG  . MET A 1 182 ? -11.916 -3.862  -6.663  1.00 13.73 ? 178 MET A CG  1 
ATOM   1208 S SD  . MET A 1 182 ? -12.642 -5.321  -7.409  1.00 16.86 ? 178 MET A SD  1 
ATOM   1209 C CE  . MET A 1 182 ? -11.142 -6.225  -7.865  1.00 14.39 ? 178 MET A CE  1 
ATOM   1210 N N   . ASN A 1 183 ? -8.584  -2.840  -5.781  1.00 11.02 ? 179 ASN A N   1 
ATOM   1211 C CA  . ASN A 1 183 ? -7.947  -3.323  -4.541  1.00 11.27 ? 179 ASN A CA  1 
ATOM   1212 C C   . ASN A 1 183 ? -7.562  -2.189  -3.643  1.00 12.75 ? 179 ASN A C   1 
ATOM   1213 O O   . ASN A 1 183 ? -7.752  -2.260  -2.407  1.00 12.18 ? 179 ASN A O   1 
ATOM   1214 C CB  . ASN A 1 183 ? -6.733  -4.226  -4.820  1.00 12.09 ? 179 ASN A CB  1 
ATOM   1215 C CG  . ASN A 1 183 ? -7.119  -5.576  -5.398  1.00 12.27 ? 179 ASN A CG  1 
ATOM   1216 O OD1 . ASN A 1 183 ? -8.215  -5.787  -5.853  1.00 13.28 ? 179 ASN A OD1 1 
ATOM   1217 N ND2 . ASN A 1 183 ? -6.145  -6.481  -5.413  1.00 11.55 ? 179 ASN A ND2 1 
ATOM   1218 N N   . GLU A 1 184 ? -7.012  -1.118  -4.237  1.00 12.11 ? 180 GLU A N   1 
ATOM   1219 C CA  . GLU A 1 184 ? -6.687  0.001   -3.378  1.00 12.09 ? 180 GLU A CA  1 
ATOM   1220 C C   . GLU A 1 184 ? -7.903  0.478   -2.600  1.00 13.70 ? 180 GLU A C   1 
ATOM   1221 O O   . GLU A 1 184 ? -7.793  0.706   -1.358  1.00 14.67 ? 180 GLU A O   1 
ATOM   1222 C CB  . GLU A 1 184 ? -6.178  1.164   -4.237  1.00 13.87 ? 180 GLU A CB  1 
ATOM   1223 C CG  . GLU A 1 184 ? -5.784  2.522   -3.565  1.00 16.50 ? 180 GLU A CG  1 
ATOM   1224 C CD  . GLU A 1 184 ? -5.672  3.593   -4.682  1.00 21.13 ? 180 GLU A CD  1 
ATOM   1225 O OE1 . GLU A 1 184 ? -4.890  3.466   -5.638  1.00 20.72 ? 180 GLU A OE1 1 
ATOM   1226 O OE2 . GLU A 1 184 ? -6.395  4.578   -4.624  1.00 23.29 ? 180 GLU A OE2 1 
ATOM   1227 N N   . ARG A 1 185 ? -8.989  0.759   -3.325  1.00 12.28 ? 181 ARG A N   1 
ATOM   1228 C CA  . ARG A 1 185 ? -10.119 1.327   -2.619  1.00 11.26 ? 181 ARG A CA  1 
ATOM   1229 C C   . ARG A 1 185 ? -10.737 0.362   -1.625  1.00 10.72 ? 181 ARG A C   1 
ATOM   1230 O O   . ARG A 1 185 ? -11.150 0.758   -0.474  1.00 12.55 ? 181 ARG A O   1 
ATOM   1231 C CB  . ARG A 1 185 ? -11.181 1.706   -3.664  1.00 11.23 ? 181 ARG A CB  1 
ATOM   1232 C CG  . ARG A 1 185 ? -12.435 2.382   -3.012  1.00 12.68 ? 181 ARG A CG  1 
ATOM   1233 C CD  . ARG A 1 185 ? -12.058 3.720   -2.370  1.00 15.73 ? 181 ARG A CD  1 
ATOM   1234 N NE  . ARG A 1 185 ? -13.213 4.247   -1.638  1.00 19.02 ? 181 ARG A NE  1 
ATOM   1235 C CZ  . ARG A 1 185 ? -13.426 4.122   -0.352  1.00 22.92 ? 181 ARG A CZ  1 
ATOM   1236 N NH1 . ARG A 1 185 ? -12.526 3.545   0.441   1.00 20.81 ? 181 ARG A NH1 1 
ATOM   1237 N NH2 . ARG A 1 185 ? -14.529 4.668   0.179   1.00 26.08 ? 181 ARG A NH2 1 
ATOM   1238 N N   . THR A 1 186 ? -10.872 -0.903  -2.034  1.00 11.83 ? 182 THR A N   1 
ATOM   1239 C CA  . THR A 1 186 ? -11.603 -1.914  -1.181  1.00 11.66 ? 182 THR A CA  1 
ATOM   1240 C C   . THR A 1 186 ? -10.789 -2.308  0.002   1.00 13.31 ? 182 THR A C   1 
ATOM   1241 O O   . THR A 1 186 ? -11.335 -2.422  1.105   1.00 12.85 ? 182 THR A O   1 
ATOM   1242 C CB  . THR A 1 186 ? -11.865 -3.166  -2.107  1.00 13.35 ? 182 THR A CB  1 
ATOM   1243 O OG1 . THR A 1 186 ? -12.691 -2.715  -3.208  1.00 15.21 ? 182 THR A OG1 1 
ATOM   1244 C CG2 . THR A 1 186 ? -12.841 -4.132  -1.379  1.00 13.86 ? 182 THR A CG2 1 
ATOM   1245 N N   . LEU A 1 187 ? -9.465  -2.471  -0.158  1.00 12.70 ? 183 LEU A N   1 
ATOM   1246 C CA  . LEU A 1 187 ? -8.663  -2.773  1.060   1.00 13.26 ? 183 LEU A CA  1 
ATOM   1247 C C   . LEU A 1 187 ? -8.684  -1.585  1.968   1.00 13.72 ? 183 LEU A C   1 
ATOM   1248 O O   . LEU A 1 187 ? -8.809  -1.772  3.219   1.00 15.44 ? 183 LEU A O   1 
ATOM   1249 C CB  . LEU A 1 187 ? -7.189  -3.124  0.694   1.00 13.48 ? 183 LEU A CB  1 
ATOM   1250 C CG  . LEU A 1 187 ? -7.040  -4.469  -0.058  1.00 13.49 ? 183 LEU A CG  1 
ATOM   1251 C CD1 . LEU A 1 187 ? -5.597  -4.549  -0.549  1.00 14.74 ? 183 LEU A CD1 1 
ATOM   1252 C CD2 . LEU A 1 187 ? -7.330  -5.646  0.940   1.00 19.62 ? 183 LEU A CD2 1 
ATOM   1253 N N   . PHE A 1 188 ? -8.567  -0.368  1.394   1.00 13.80 ? 184 PHE A N   1 
ATOM   1254 C CA  . PHE A 1 188 ? -8.624  0.807   2.302   1.00 15.03 ? 184 PHE A CA  1 
ATOM   1255 C C   . PHE A 1 188 ? -9.933  0.819   3.170   1.00 15.23 ? 184 PHE A C   1 
ATOM   1256 O O   . PHE A 1 188 ? -9.966  1.022   4.461   1.00 16.08 ? 184 PHE A O   1 
ATOM   1257 C CB  . PHE A 1 188 ? -8.534  2.122   1.479   1.00 16.86 ? 184 PHE A CB  1 
ATOM   1258 C CG  . PHE A 1 188 ? -8.421  3.350   2.392   1.00 19.81 ? 184 PHE A CG  1 
ATOM   1259 C CD1 . PHE A 1 188 ? -7.184  3.715   2.851   1.00 20.41 ? 184 PHE A CD1 1 
ATOM   1260 C CD2 . PHE A 1 188 ? -9.582  3.968   2.900   1.00 19.95 ? 184 PHE A CD2 1 
ATOM   1261 C CE1 . PHE A 1 188 ? -7.032  4.820   3.728   1.00 22.38 ? 184 PHE A CE1 1 
ATOM   1262 C CE2 . PHE A 1 188 ? -9.478  5.010   3.834   1.00 25.04 ? 184 PHE A CE2 1 
ATOM   1263 C CZ  . PHE A 1 188 ? -8.203  5.435   4.238   1.00 22.65 ? 184 PHE A CZ  1 
ATOM   1264 N N   . ALA A 1 189 ? -11.063 0.628   2.484   1.00 14.66 ? 185 ALA A N   1 
ATOM   1265 C CA  . ALA A 1 189 ? -12.337 0.678   3.203   1.00 16.79 ? 185 ALA A CA  1 
ATOM   1266 C C   . ALA A 1 189 ? -12.413 -0.453  4.261   1.00 16.76 ? 185 ALA A C   1 
ATOM   1267 O O   . ALA A 1 189 ? -12.936 -0.214  5.409   1.00 19.13 ? 185 ALA A O   1 
ATOM   1268 C CB  . ALA A 1 189 ? -13.452 0.470   2.240   1.00 16.27 ? 185 ALA A CB  1 
ATOM   1269 N N   . SER A 1 190 ? -11.847 -1.611  3.934   1.00 16.21 ? 186 SER A N   1 
ATOM   1270 C CA  . SER A 1 190 ? -11.893 -2.739  4.879   1.00 16.91 ? 186 SER A CA  1 
ATOM   1271 C C   . SER A 1 190 ? -11.091 -2.390  6.089   1.00 20.49 ? 186 SER A C   1 
ATOM   1272 O O   . SER A 1 190 ? -11.570 -2.648  7.288   1.00 22.86 ? 186 SER A O   1 
ATOM   1273 C CB  . SER A 1 190 ? -11.404 -4.083  4.192   1.00 16.75 ? 186 SER A CB  1 
ATOM   1274 O OG  . SER A 1 190 ? -12.400 -4.539  3.386   1.00 23.11 ? 186 SER A OG  1 
ATOM   1275 N N   . PHE A 1 191 ? -9.852  -1.890  5.869   1.00 18.66 ? 187 PHE A N   1 
ATOM   1276 C CA  . PHE A 1 191 ? -8.941  -1.631  6.957   1.00 22.46 ? 187 PHE A CA  1 
ATOM   1277 C C   . PHE A 1 191 ? -9.466  -0.545  7.834   1.00 28.46 ? 187 PHE A C   1 
ATOM   1278 O O   . PHE A 1 191 ? -9.249  -0.571  9.055   1.00 25.29 ? 187 PHE A O   1 
ATOM   1279 C CB  . PHE A 1 191 ? -7.525  -1.208  6.499   1.00 23.91 ? 187 PHE A CB  1 
ATOM   1280 C CG  . PHE A 1 191 ? -6.776  -2.329  5.838   1.00 24.02 ? 187 PHE A CG  1 
ATOM   1281 C CD1 . PHE A 1 191 ? -7.199  -3.638  6.018   1.00 26.57 ? 187 PHE A CD1 1 
ATOM   1282 C CD2 . PHE A 1 191 ? -5.675  -2.083  5.040   1.00 28.09 ? 187 PHE A CD2 1 
ATOM   1283 C CE1 . PHE A 1 191 ? -6.522  -4.689  5.437   1.00 32.55 ? 187 PHE A CE1 1 
ATOM   1284 C CE2 . PHE A 1 191 ? -4.964  -3.151  4.489   1.00 26.36 ? 187 PHE A CE2 1 
ATOM   1285 C CZ  . PHE A 1 191 ? -5.409  -4.419  4.649   1.00 29.97 ? 187 PHE A CZ  1 
ATOM   1286 N N   . ALA A 1 192 ? -10.105 0.427   7.208   1.00 23.28 ? 188 ALA A N   1 
ATOM   1287 C CA  . ALA A 1 192 ? -10.824 1.532   7.938   1.00 29.91 ? 188 ALA A CA  1 
ATOM   1288 C C   . ALA A 1 192 ? -12.100 1.155   8.661   1.00 27.05 ? 188 ALA A C   1 
ATOM   1289 O O   . ALA A 1 192 ? -12.562 1.890   9.532   1.00 33.37 ? 188 ALA A O   1 
ATOM   1290 C CB  . ALA A 1 192 ? -11.068 2.746   6.996   1.00 30.11 ? 188 ALA A CB  1 
ATOM   1291 N N   . GLY A 1 193 ? -12.713 0.050   8.318   1.00 24.08 ? 189 GLY A N   1 
ATOM   1292 C CA  . GLY A 1 193 ? -13.968 -0.311  8.908   1.00 27.12 ? 189 GLY A CA  1 
ATOM   1293 C C   . GLY A 1 193 ? -15.018 0.650   8.366   1.00 31.08 ? 189 GLY A C   1 
ATOM   1294 O O   . GLY A 1 193 ? -15.947 1.034   9.076   1.00 33.77 ? 189 GLY A O   1 
ATOM   1295 N N   . GLU A 1 194 ? -14.817 1.172   7.157   1.00 25.98 ? 190 GLU A N   1 
ATOM   1296 C CA  . GLU A 1 194 ? -15.849 2.089   6.563   1.00 23.69 ? 190 GLU A CA  1 
ATOM   1297 C C   . GLU A 1 194 ? -17.209 1.454   6.437   1.00 27.92 ? 190 GLU A C   1 
ATOM   1298 O O   . GLU A 1 194 ? -17.362 0.239   6.353   1.00 26.74 ? 190 GLU A O   1 
ATOM   1299 C CB  . GLU A 1 194 ? -15.331 2.547   5.178   1.00 24.52 ? 190 GLU A CB  1 
ATOM   1300 C CG  . GLU A 1 194 ? -14.302 3.600   5.187   1.00 28.57 ? 190 GLU A CG  1 
ATOM   1301 C CD  . GLU A 1 194 ? -13.954 4.015   3.759   1.00 34.64 ? 190 GLU A CD  1 
ATOM   1302 O OE1 . GLU A 1 194 ? -14.800 3.926   2.862   1.00 42.51 ? 190 GLU A OE1 1 
ATOM   1303 O OE2 . GLU A 1 194 ? -12.866 4.474   3.549   1.00 39.62 ? 190 GLU A OE2 1 
ATOM   1304 N N   . GLN A 1 195 ? -18.258 2.270   6.388   1.00 28.94 ? 191 GLN A N   1 
ATOM   1305 C CA  . GLN A 1 195 ? -19.567 1.729   6.041   1.00 29.41 ? 191 GLN A CA  1 
ATOM   1306 C C   . GLN A 1 195 ? -19.940 2.421   4.717   1.00 27.23 ? 191 GLN A C   1 
ATOM   1307 O O   . GLN A 1 195 ? -20.013 3.657   4.643   1.00 35.30 ? 191 GLN A O   1 
ATOM   1308 C CB  . GLN A 1 195 ? -20.581 2.045   7.116   1.00 39.52 ? 191 GLN A CB  1 
ATOM   1309 C CG  . GLN A 1 195 ? -21.450 0.832   7.404   1.00 55.64 ? 191 GLN A CG  1 
ATOM   1310 C CD  . GLN A 1 195 ? -20.864 -0.031  8.499   1.00 70.08 ? 191 GLN A CD  1 
ATOM   1311 O OE1 . GLN A 1 195 ? -20.421 -1.170  8.278   1.00 73.17 ? 191 GLN A OE1 1 
ATOM   1312 N NE2 . GLN A 1 195 ? -20.851 0.519   9.706   1.00 83.00 ? 191 GLN A NE2 1 
ATOM   1313 N N   . PRO A 1 196 ? -20.055 1.655   3.616   1.00 24.87 ? 192 PRO A N   1 
ATOM   1314 C CA  . PRO A 1 196 ? -19.918 0.216   3.432   1.00 25.22 ? 192 PRO A CA  1 
ATOM   1315 C C   . PRO A 1 196 ? -18.435 -0.260  3.272   1.00 20.78 ? 192 PRO A C   1 
ATOM   1316 O O   . PRO A 1 196 ? -17.495 0.509   2.799   1.00 19.84 ? 192 PRO A O   1 
ATOM   1317 C CB  . PRO A 1 196 ? -20.612 -0.016  2.094   1.00 24.14 ? 192 PRO A CB  1 
ATOM   1318 C CG  . PRO A 1 196 ? -20.213 1.190   1.329   1.00 25.60 ? 192 PRO A CG  1 
ATOM   1319 C CD  . PRO A 1 196 ? -20.144 2.349   2.311   1.00 27.22 ? 192 PRO A CD  1 
ATOM   1320 N N   . SER A 1 197 ? -18.243 -1.566  3.529   1.00 19.64 ? 193 SER A N   1 
ATOM   1321 C CA  . SER A 1 197 ? -16.885 -2.150  3.380   1.00 17.50 ? 193 SER A CA  1 
ATOM   1322 C C   . SER A 1 197 ? -17.063 -3.669  3.451   1.00 20.70 ? 193 SER A C   1 
ATOM   1323 O O   . SER A 1 197 ? -18.046 -4.147  4.078   1.00 21.38 ? 193 SER A O   1 
ATOM   1324 C CB  . SER A 1 197 ? -15.831 -1.631  4.380   1.00 19.84 ? 193 SER A CB  1 
ATOM   1325 O OG  . SER A 1 197 ? -16.065 -2.053  5.746   1.00 20.95 ? 193 SER A OG  1 
ATOM   1326 N N   . VAL A 1 198 ? -16.178 -4.433  2.802   1.00 16.26 ? 194 VAL A N   1 
ATOM   1327 C CA  . VAL A 1 198 ? -16.141 -5.891  2.947   1.00 16.44 ? 194 VAL A CA  1 
ATOM   1328 C C   . VAL A 1 198 ? -15.370 -6.150  4.273   1.00 17.68 ? 194 VAL A C   1 
ATOM   1329 O O   . VAL A 1 198 ? -14.334 -5.490  4.517   1.00 16.76 ? 194 VAL A O   1 
ATOM   1330 C CB  . VAL A 1 198 ? -15.308 -6.460  1.757   1.00 17.79 ? 194 VAL A CB  1 
ATOM   1331 C CG1 . VAL A 1 198 ? -15.272 -7.990  1.832   1.00 16.21 ? 194 VAL A CG1 1 
ATOM   1332 C CG2 . VAL A 1 198 ? -16.113 -6.168  0.456   1.00 18.43 ? 194 VAL A CG2 1 
ATOM   1333 N N   . PRO A 1 199 ? -15.866 -7.054  5.152   1.00 17.76 ? 195 PRO A N   1 
ATOM   1334 C CA  . PRO A 1 199 ? -15.138 -7.291  6.394   1.00 19.75 ? 195 PRO A CA  1 
ATOM   1335 C C   . PRO A 1 199 ? -13.702 -7.712  6.055   1.00 17.07 ? 195 PRO A C   1 
ATOM   1336 O O   . PRO A 1 199 ? -13.447 -8.440  5.118   1.00 15.82 ? 195 PRO A O   1 
ATOM   1337 C CB  . PRO A 1 199 ? -15.874 -8.540  7.016   1.00 22.20 ? 195 PRO A CB  1 
ATOM   1338 C CG  . PRO A 1 199 ? -17.215 -8.524  6.382   1.00 24.61 ? 195 PRO A CG  1 
ATOM   1339 C CD  . PRO A 1 199 ? -17.099 -7.866  5.025   1.00 23.81 ? 195 PRO A CD  1 
ATOM   1340 N N   . GLU A 1 200 ? -12.764 -7.340  6.887   1.00 15.91 ? 196 GLU A N   1 
ATOM   1341 C CA  . GLU A 1 200 ? -11.379 -7.680  6.654   1.00 19.84 ? 196 GLU A CA  1 
ATOM   1342 C C   . GLU A 1 200 ? -11.141 -9.151  6.515   1.00 18.37 ? 196 GLU A C   1 
ATOM   1343 O O   . GLU A 1 200 ? -10.325 -9.582  5.681   1.00 17.38 ? 196 GLU A O   1 
ATOM   1344 C CB  . GLU A 1 200 ? -10.598 -7.006  7.779   1.00 25.38 ? 196 GLU A CB  1 
ATOM   1345 C CG  . GLU A 1 200 ? -9.146  -7.254  7.754   1.00 33.12 ? 196 GLU A CG  1 
ATOM   1346 C CD  . GLU A 1 200 ? -8.481  -6.436  8.847   1.00 43.18 ? 196 GLU A CD  1 
ATOM   1347 O OE1 . GLU A 1 200 ? -8.881  -5.262  9.020   1.00 43.55 ? 196 GLU A OE1 1 
ATOM   1348 O OE2 . GLU A 1 200 ? -7.579  -6.992  9.507   1.00 50.09 ? 196 GLU A OE2 1 
ATOM   1349 N N   . ALA A 1 201 ? -11.917 -9.994  7.274   1.00 17.74 ? 197 ALA A N   1 
ATOM   1350 C CA  . ALA A 1 201 ? -11.792 -11.450 7.121   1.00 18.41 ? 197 ALA A CA  1 
ATOM   1351 C C   . ALA A 1 201 ? -12.258 -12.046 5.790   1.00 17.54 ? 197 ALA A C   1 
ATOM   1352 O O   . ALA A 1 201 ? -12.068 -13.239 5.534   1.00 19.65 ? 197 ALA A O   1 
ATOM   1353 C CB  . ALA A 1 201 ? -12.535 -12.199 8.285   1.00 21.52 ? 197 ALA A CB  1 
ATOM   1354 N N   . ARG A 1 202 ? -12.953 -11.249 4.953   1.00 14.97 ? 198 ARG A N   1 
ATOM   1355 C CA  . ARG A 1 202 ? -13.555 -11.729 3.740   1.00 14.87 ? 198 ARG A CA  1 
ATOM   1356 C C   . ARG A 1 202 ? -12.981 -10.997 2.519   1.00 14.14 ? 198 ARG A C   1 
ATOM   1357 O O   . ARG A 1 202 ? -13.267 -11.438 1.397   1.00 16.58 ? 198 ARG A O   1 
ATOM   1358 C CB  . ARG A 1 202 ? -15.077 -11.429 3.749   1.00 18.31 ? 198 ARG A CB  1 
ATOM   1359 C CG  . ARG A 1 202 ? -15.842 -12.349 4.797   1.00 20.56 ? 198 ARG A CG  1 
ATOM   1360 C CD  . ARG A 1 202 ? -15.828 -13.852 4.359   1.00 22.86 ? 198 ARG A CD  1 
ATOM   1361 N NE  . ARG A 1 202 ? -16.235 -13.993 2.904   1.00 25.91 ? 198 ARG A NE  1 
ATOM   1362 C CZ  . ARG A 1 202 ? -15.747 -14.933 2.088   1.00 28.01 ? 198 ARG A CZ  1 
ATOM   1363 N NH1 . ARG A 1 202 ? -14.889 -15.844 2.587   1.00 30.57 ? 198 ARG A NH1 1 
ATOM   1364 N NH2 . ARG A 1 202 ? -16.053 -14.972 0.797   1.00 28.86 ? 198 ARG A NH2 1 
ATOM   1365 N N   . VAL A 1 203 ? -12.167 -9.998  2.783   1.00 12.59 ? 199 VAL A N   1 
ATOM   1366 C CA  . VAL A 1 203 ? -11.788 -9.091  1.589   1.00 13.38 ? 199 VAL A CA  1 
ATOM   1367 C C   . VAL A 1 203 ? -10.850 -9.821  0.600   1.00 14.17 ? 199 VAL A C   1 
ATOM   1368 O O   . VAL A 1 203 ? -10.940 -9.654  -0.619  1.00 12.79 ? 199 VAL A O   1 
ATOM   1369 C CB  . VAL A 1 203 ? -11.325 -7.704  2.070   1.00 15.47 ? 199 VAL A CB  1 
ATOM   1370 C CG1 . VAL A 1 203 ? -9.958  -7.726  2.691   1.00 16.12 ? 199 VAL A CG1 1 
ATOM   1371 C CG2 . VAL A 1 203 ? -11.402 -6.690  0.846   1.00 16.90 ? 199 VAL A CG2 1 
ATOM   1372 N N   . LEU A 1 204 ? -9.935  -10.640 1.122   1.00 15.21 ? 200 LEU A N   1 
ATOM   1373 C CA  . LEU A 1 204 ? -9.018  -11.267 0.190   1.00 17.22 ? 200 LEU A CA  1 
ATOM   1374 C C   . LEU A 1 204 ? -9.734  -12.267 -0.723  1.00 17.23 ? 200 LEU A C   1 
ATOM   1375 O O   . LEU A 1 204 ? -9.513  -12.263 -1.950  1.00 16.91 ? 200 LEU A O   1 
ATOM   1376 C CB  . LEU A 1 204 ? -7.853  -11.910 1.013   1.00 18.31 ? 200 LEU A CB  1 
ATOM   1377 C CG  . LEU A 1 204 ? -6.724  -12.532 0.231   1.00 22.48 ? 200 LEU A CG  1 
ATOM   1378 C CD1 . LEU A 1 204 ? -6.017  -11.528 -0.746  1.00 24.16 ? 200 LEU A CD1 1 
ATOM   1379 C CD2 . LEU A 1 204 ? -5.770  -13.157 1.332   1.00 25.13 ? 200 LEU A CD2 1 
ATOM   1380 N N   . ASP A 1 205 ? -10.656 -13.078 -0.195  1.00 14.97 ? 201 ASP A N   1 
ATOM   1381 C CA  . ASP A 1 205 ? -11.370 -14.028 -1.035  1.00 17.47 ? 201 ASP A CA  1 
ATOM   1382 C C   . ASP A 1 205 ? -12.260 -13.263 -2.079  1.00 15.96 ? 201 ASP A C   1 
ATOM   1383 O O   . ASP A 1 205 ? -12.451 -13.731 -3.231  1.00 15.20 ? 201 ASP A O   1 
ATOM   1384 C CB  . ASP A 1 205 ? -12.392 -14.839 -0.213  1.00 21.15 ? 201 ASP A CB  1 
ATOM   1385 C CG  . ASP A 1 205 ? -11.841 -16.072 0.445   1.00 31.20 ? 201 ASP A CG  1 
ATOM   1386 O OD1 . ASP A 1 205 ? -10.655 -16.441 0.291   1.00 29.12 ? 201 ASP A OD1 1 
ATOM   1387 O OD2 . ASP A 1 205 ? -12.681 -16.709 1.157   1.00 33.52 ? 201 ASP A OD2 1 
ATOM   1388 N N   . THR A 1 206 ? -12.794 -12.133 -1.620  1.00 13.67 ? 202 THR A N   1 
ATOM   1389 C CA  . THR A 1 206 ? -13.711 -11.305 -2.499  1.00 12.90 ? 202 THR A CA  1 
ATOM   1390 C C   . THR A 1 206 ? -12.869 -10.789 -3.694  1.00 13.05 ? 202 THR A C   1 
ATOM   1391 O O   . THR A 1 206 ? -13.278 -10.932 -4.858  1.00 13.03 ? 202 THR A O   1 
ATOM   1392 C CB  . THR A 1 206 ? -14.222 -10.148 -1.710  1.00 14.47 ? 202 THR A CB  1 
ATOM   1393 O OG1 . THR A 1 206 ? -15.066 -10.697 -0.626  1.00 16.36 ? 202 THR A OG1 1 
ATOM   1394 C CG2 . THR A 1 206 ? -15.197 -9.251  -2.598  1.00 15.89 ? 202 THR A CG2 1 
ATOM   1395 N N   . LEU A 1 207 ? -11.743 -10.137 -3.348  1.00 13.37 ? 203 LEU A N   1 
ATOM   1396 C CA  . LEU A 1 207 ? -10.826 -9.605  -4.449  1.00 13.20 ? 203 LEU A CA  1 
ATOM   1397 C C   . LEU A 1 207 ? -10.329 -10.706 -5.374  1.00 15.08 ? 203 LEU A C   1 
ATOM   1398 O O   . LEU A 1 207 ? -10.310 -10.572 -6.612  1.00 12.89 ? 203 LEU A O   1 
ATOM   1399 C CB  . LEU A 1 207 ? -9.723  -8.768  -3.873  1.00 11.69 ? 203 LEU A CB  1 
ATOM   1400 C CG  . LEU A 1 207 ? -10.271 -7.552  -3.009  1.00 11.63 ? 203 LEU A CG  1 
ATOM   1401 C CD1 . LEU A 1 207 ? -9.054  -6.861  -2.324  1.00 11.94 ? 203 LEU A CD1 1 
ATOM   1402 C CD2 . LEU A 1 207 ? -11.118 -6.476  -3.853  1.00 12.13 ? 203 LEU A CD2 1 
ATOM   1403 N N   . VAL A 1 208 ? -9.871  -11.796 -4.802  1.00 14.95 ? 204 VAL A N   1 
ATOM   1404 C CA  . VAL A 1 208 ? -9.377  -12.871 -5.640  1.00 15.56 ? 204 VAL A CA  1 
ATOM   1405 C C   . VAL A 1 208 ? -10.417 -13.377 -6.627  1.00 15.65 ? 204 VAL A C   1 
ATOM   1406 O O   . VAL A 1 208 ? -10.110 -13.644 -7.818  1.00 16.87 ? 204 VAL A O   1 
ATOM   1407 C CB  . VAL A 1 208 ? -8.809  -14.025 -4.777  1.00 14.89 ? 204 VAL A CB  1 
ATOM   1408 C CG1 . VAL A 1 208 ? -8.497  -15.207 -5.653  1.00 19.36 ? 204 VAL A CG1 1 
ATOM   1409 C CG2 . VAL A 1 208 ? -7.535  -13.515 -4.026  1.00 16.25 ? 204 VAL A CG2 1 
ATOM   1410 N N   . HIS A 1 209 ? -11.666 -13.550 -6.143  1.00 14.04 ? 205 HIS A N   1 
ATOM   1411 C CA  . HIS A 1 209 ? -12.746 -14.010 -7.062  1.00 14.14 ? 205 HIS A CA  1 
ATOM   1412 C C   . HIS A 1 209 ? -12.910 -13.050 -8.254  1.00 12.36 ? 205 HIS A C   1 
ATOM   1413 O O   . HIS A 1 209 ? -12.985 -13.514 -9.423  1.00 14.51 ? 205 HIS A O   1 
ATOM   1414 C CB  . HIS A 1 209 ? -14.062 -14.047 -6.317  1.00 13.75 ? 205 HIS A CB  1 
ATOM   1415 C CG  . HIS A 1 209 ? -15.237 -14.258 -7.231  1.00 15.01 ? 205 HIS A CG  1 
ATOM   1416 N ND1 . HIS A 1 209 ? -15.606 -15.522 -7.643  1.00 15.69 ? 205 HIS A ND1 1 
ATOM   1417 C CD2 . HIS A 1 209 ? -16.113 -13.355 -7.834  1.00 15.91 ? 205 HIS A CD2 1 
ATOM   1418 C CE1 . HIS A 1 209 ? -16.696 -15.396 -8.513  1.00 17.40 ? 205 HIS A CE1 1 
ATOM   1419 N NE2 . HIS A 1 209 ? -16.977 -14.084 -8.638  1.00 14.80 ? 205 HIS A NE2 1 
ATOM   1420 N N   . ILE A 1 210 ? -12.905 -11.749 -7.997  1.00 12.78 ? 206 ILE A N   1 
ATOM   1421 C CA  . ILE A 1 210 ? -13.159 -10.761 -9.077  1.00 11.70 ? 206 ILE A CA  1 
ATOM   1422 C C   . ILE A 1 210 ? -11.931 -10.779 -9.974  1.00 12.44 ? 206 ILE A C   1 
ATOM   1423 O O   . ILE A 1 210 ? -12.103 -10.680 -11.201 1.00 13.56 ? 206 ILE A O   1 
ATOM   1424 C CB  . ILE A 1 210 ? -13.415 -9.372  -8.475  1.00 14.21 ? 206 ILE A CB  1 
ATOM   1425 C CG1 . ILE A 1 210 ? -14.729 -9.522  -7.699  1.00 13.56 ? 206 ILE A CG1 1 
ATOM   1426 C CG2 . ILE A 1 210 ? -13.585 -8.284  -9.597  1.00 12.94 ? 206 ILE A CG2 1 
ATOM   1427 C CD1 . ILE A 1 210 ? -14.955 -8.345  -6.743  1.00 13.85 ? 206 ILE A CD1 1 
ATOM   1428 N N   . TRP A 1 211 ? -10.709 -10.844 -9.421  1.00 12.55 ? 207 TRP A N   1 
ATOM   1429 C CA  . TRP A 1 211 ? -9.501  -10.908 -10.326 1.00 13.28 ? 207 TRP A CA  1 
ATOM   1430 C C   . TRP A 1 211 ? -9.544  -12.191 -11.219 1.00 15.27 ? 207 TRP A C   1 
ATOM   1431 O O   . TRP A 1 211 ? -9.356  -12.094 -12.454 1.00 13.43 ? 207 TRP A O   1 
ATOM   1432 C CB  . TRP A 1 211 ? -8.224  -11.000 -9.513  1.00 12.17 ? 207 TRP A CB  1 
ATOM   1433 C CG  . TRP A 1 211 ? -7.826  -9.642  -8.998  1.00 11.76 ? 207 TRP A CG  1 
ATOM   1434 C CD1 . TRP A 1 211 ? -8.549  -8.760  -8.167  1.00 12.31 ? 207 TRP A CD1 1 
ATOM   1435 C CD2 . TRP A 1 211 ? -6.578  -8.973  -9.288  1.00 14.64 ? 207 TRP A CD2 1 
ATOM   1436 N NE1 . TRP A 1 211 ? -7.837  -7.601  -7.967  1.00 12.81 ? 207 TRP A NE1 1 
ATOM   1437 C CE2 . TRP A 1 211 ? -6.610  -7.692  -8.605  1.00 12.28 ? 207 TRP A CE2 1 
ATOM   1438 C CE3 . TRP A 1 211 ? -5.473  -9.289  -10.087 1.00 12.94 ? 207 TRP A CE3 1 
ATOM   1439 C CZ2 . TRP A 1 211 ? -5.523  -6.717  -8.665  1.00 12.96 ? 207 TRP A CZ2 1 
ATOM   1440 C CZ3 . TRP A 1 211 ? -4.383  -8.340  -10.111 1.00 13.86 ? 207 TRP A CZ3 1 
ATOM   1441 C CH2 . TRP A 1 211 ? -4.411  -7.074  -9.486  1.00 13.94 ? 207 TRP A CH2 1 
ATOM   1442 N N   . VAL A 1 212 ? -9.836  -13.365 -10.659 1.00 14.72 ? 208 VAL A N   1 
ATOM   1443 C CA  . VAL A 1 212 ? -9.772  -14.574 -11.452 1.00 14.85 ? 208 VAL A CA  1 
ATOM   1444 C C   . VAL A 1 212 ? -10.859 -14.654 -12.460 1.00 16.03 ? 208 VAL A C   1 
ATOM   1445 O O   . VAL A 1 212 ? -10.643 -15.035 -13.636 1.00 18.14 ? 208 VAL A O   1 
ATOM   1446 C CB  . VAL A 1 212 ? -9.717  -15.834 -10.485 1.00 18.14 ? 208 VAL A CB  1 
ATOM   1447 C CG1 . VAL A 1 212 ? -9.909  -17.132 -11.277 1.00 27.17 ? 208 VAL A CG1 1 
ATOM   1448 C CG2 . VAL A 1 212 ? -8.350  -15.783 -9.788  1.00 20.54 ? 208 VAL A CG2 1 
ATOM   1449 N N   . THR A 1 213 ? -12.056 -14.251 -12.070 1.00 14.94 ? 209 THR A N   1 
ATOM   1450 C CA  . THR A 1 213 ? -13.069 -14.323 -13.081 1.00 16.91 ? 209 THR A CA  1 
ATOM   1451 C C   . THR A 1 213 ? -12.880 -13.346 -14.196 1.00 16.96 ? 209 THR A C   1 
ATOM   1452 O O   . THR A 1 213 ? -13.195 -13.683 -15.375 1.00 16.08 ? 209 THR A O   1 
ATOM   1453 C CB  . THR A 1 213 ? -14.469 -14.130 -12.516 1.00 15.62 ? 209 THR A CB  1 
ATOM   1454 O OG1 . THR A 1 213 ? -14.483 -12.952 -11.695 1.00 16.49 ? 209 THR A OG1 1 
ATOM   1455 C CG2 . THR A 1 213 ? -14.914 -15.324 -11.620 1.00 19.12 ? 209 THR A CG2 1 
ATOM   1456 N N   . SER A 1 214 ? -12.491 -12.115 -13.862 1.00 15.23 ? 210 SER A N   1 
ATOM   1457 C CA  . SER A 1 214 ? -12.310 -11.131 -14.924 1.00 13.76 ? 210 SER A CA  1 
ATOM   1458 C C   . SER A 1 214 ? -11.061 -11.386 -15.819 1.00 16.97 ? 210 SER A C   1 
ATOM   1459 O O   . SER A 1 214 ? -11.056 -10.999 -17.041 1.00 16.84 ? 210 SER A O   1 
ATOM   1460 C CB  . SER A 1 214 ? -12.362 -9.704  -14.333 1.00 15.42 ? 210 SER A CB  1 
ATOM   1461 O OG  . SER A 1 214 ? -11.157 -9.470  -13.653 1.00 16.44 ? 210 SER A OG  1 
ATOM   1462 N N   . ILE A 1 215 ? -10.052 -12.081 -15.299 1.00 13.54 ? 211 ILE A N   1 
ATOM   1463 C CA  . ILE A 1 215 ? -8.830  -12.293 -16.096 1.00 14.98 ? 211 ILE A CA  1 
ATOM   1464 C C   . ILE A 1 215 ? -9.105  -13.575 -16.960 1.00 17.85 ? 211 ILE A C   1 
ATOM   1465 O O   . ILE A 1 215 ? -8.743  -13.621 -18.130 1.00 19.80 ? 211 ILE A O   1 
ATOM   1466 C CB  . ILE A 1 215 ? -7.632  -12.475 -15.165 1.00 14.69 ? 211 ILE A CB  1 
ATOM   1467 C CG1 . ILE A 1 215 ? -7.237  -11.072 -14.583 1.00 15.26 ? 211 ILE A CG1 1 
ATOM   1468 C CG2 . ILE A 1 215 ? -6.408  -13.042 -15.995 1.00 15.89 ? 211 ILE A CG2 1 
ATOM   1469 C CD1 . ILE A 1 215 ? -6.198  -11.165 -13.421 1.00 16.63 ? 211 ILE A CD1 1 
ATOM   1470 N N   . TYR A 1 216 ? -9.685  -14.590 -16.337 1.00 16.78 ? 212 TYR A N   1 
ATOM   1471 C CA  . TYR A 1 216 ? -9.823  -15.917 -17.062 1.00 19.24 ? 212 TYR A CA  1 
ATOM   1472 C C   . TYR A 1 216 ? -11.168 -16.152 -17.707 1.00 22.55 ? 212 TYR A C   1 
ATOM   1473 O O   . TYR A 1 216 ? -11.303 -17.092 -18.496 1.00 24.53 ? 212 TYR A O   1 
ATOM   1474 C CB  . TYR A 1 216 ? -9.453  -17.092 -16.124 1.00 17.89 ? 212 TYR A CB  1 
ATOM   1475 C CG  . TYR A 1 216 ? -8.044  -16.963 -15.655 1.00 18.53 ? 212 TYR A CG  1 
ATOM   1476 C CD1 . TYR A 1 216 ? -6.946  -17.310 -16.474 1.00 18.20 ? 212 TYR A CD1 1 
ATOM   1477 C CD2 . TYR A 1 216 ? -7.786  -16.368 -14.394 1.00 21.18 ? 212 TYR A CD2 1 
ATOM   1478 C CE1 . TYR A 1 216 ? -5.643  -17.127 -16.071 1.00 18.22 ? 212 TYR A CE1 1 
ATOM   1479 C CE2 . TYR A 1 216 ? -6.490  -16.186 -13.970 1.00 19.66 ? 212 TYR A CE2 1 
ATOM   1480 C CZ  . TYR A 1 216 ? -5.426  -16.575 -14.761 1.00 19.18 ? 212 TYR A CZ  1 
ATOM   1481 O OH  . TYR A 1 216 ? -4.155  -16.379 -14.367 1.00 22.87 ? 212 TYR A OH  1 
ATOM   1482 N N   . GLY A 1 217 ? -12.161 -15.329 -17.383 1.00 22.75 ? 213 GLY A N   1 
ATOM   1483 C CA  . GLY A 1 217 ? -13.570 -15.431 -17.804 1.00 24.12 ? 213 GLY A CA  1 
ATOM   1484 C C   . GLY A 1 217 ? -13.792 -14.926 -19.267 1.00 28.82 ? 213 GLY A C   1 
ATOM   1485 O O   . GLY A 1 217 ? -13.264 -13.875 -19.669 1.00 26.88 ? 213 GLY A O   1 
ATOM   1486 N N   . GLU A 1 218 ? -14.570 -15.685 -20.062 1.00 36.21 ? 214 GLU A N   1 
ATOM   1487 C CA  . GLU A 1 218 ? -14.780 -15.399 -21.509 1.00 43.43 ? 214 GLU A CA  1 
ATOM   1488 C C   . GLU A 1 218 ? -15.795 -14.267 -21.625 1.00 39.97 ? 214 GLU A C   1 
ATOM   1489 O O   . GLU A 1 218 ? -16.788 -14.285 -20.880 1.00 45.62 ? 214 GLU A O   1 
ATOM   1490 C CB  . GLU A 1 218 ? -15.266 -16.655 -22.267 1.00 46.25 ? 214 GLU A CB  1 
ATOM   1491 C CG  . GLU A 1 218 ? -14.223 -17.775 -22.458 1.00 52.31 ? 214 GLU A CG  1 
HETATM 1492 C C1  . 5T4 B 2 .   ? 4.083   -10.814 -7.648  1.00 27.31 ? 301 5T4 A C1  1 
HETATM 1493 C C2  . 5T4 B 2 .   ? 2.810   -11.345 -7.848  1.00 29.65 ? 301 5T4 A C2  1 
HETATM 1494 C C3  . 5T4 B 2 .   ? 2.072   -9.146  -8.221  1.00 24.45 ? 301 5T4 A C3  1 
HETATM 1495 C C4  . 5T4 B 2 .   ? -0.346  -8.957  -8.897  1.00 20.55 ? 301 5T4 A C4  1 
HETATM 1496 C C5  . 5T4 B 2 .   ? -1.384  -8.497  -7.855  1.00 20.54 ? 301 5T4 A C5  1 
HETATM 1497 C C6  . 5T4 B 2 .   ? -1.276  -6.953  -7.587  1.00 18.06 ? 301 5T4 A C6  1 
HETATM 1498 C C8  . 5T4 B 2 .   ? 1.125   -6.848  -8.423  1.00 22.13 ? 301 5T4 A C8  1 
HETATM 1499 C C9  . 5T4 B 2 .   ? -2.303  -6.635  -6.508  1.00 17.49 ? 301 5T4 A C9  1 
HETATM 1500 C C10 . 5T4 B 2 .   ? -3.119  -4.785  -5.117  1.00 16.82 ? 301 5T4 A C10 1 
HETATM 1501 C C13 . 5T4 B 2 .   ? -2.957  -1.464  -3.519  1.00 16.50 ? 301 5T4 A C13 1 
HETATM 1502 C C14 . 5T4 B 2 .   ? -3.582  -2.833  -3.599  1.00 15.04 ? 301 5T4 A C14 1 
HETATM 1503 O O   . 5T4 B 2 .   ? -3.664  -5.635  -4.365  1.00 16.18 ? 301 5T4 A O   1 
HETATM 1504 N N4  . 5T4 B 2 .   ? -3.056  -3.463  -4.821  1.00 17.40 ? 301 5T4 A N4  1 
HETATM 1505 C C12 . 5T4 B 2 .   ? -2.623  -1.137  -4.973  1.00 18.15 ? 301 5T4 A C12 1 
HETATM 1506 C C11 . 5T4 B 2 .   ? -2.331  -2.496  -5.585  1.00 17.41 ? 301 5T4 A C11 1 
HETATM 1507 N N3  . 5T4 B 2 .   ? -2.447  -5.213  -6.195  1.00 15.27 ? 301 5T4 A N3  1 
HETATM 1508 C C7  . 5T4 B 2 .   ? 0.185   -6.470  -7.257  1.00 18.57 ? 301 5T4 A C7  1 
HETATM 1509 N N2  . 5T4 B 2 .   ? 0.927   -8.292  -8.551  1.00 21.16 ? 301 5T4 A N2  1 
HETATM 1510 N N1  . 5T4 B 2 .   ? 3.311   -8.592  -8.080  1.00 31.56 ? 301 5T4 A N1  1 
HETATM 1511 C C   . 5T4 B 2 .   ? 4.367   -9.428  -7.769  1.00 34.41 ? 301 5T4 A C   1 
HETATM 1512 N N   . 5T4 B 2 .   ? 1.817   -10.466 -8.133  1.00 24.86 ? 301 5T4 A N   1 
HETATM 1513 C C1  . 5T4 C 2 .   ? 3.175   5.754   -0.434  1.00 26.78 ? 302 5T4 A C1  1 
HETATM 1514 C C2  . 5T4 C 2 .   ? 2.605   4.898   0.544   1.00 26.86 ? 302 5T4 A C2  1 
HETATM 1515 C C3  . 5T4 C 2 .   ? 0.594   6.140   0.411   1.00 27.31 ? 302 5T4 A C3  1 
HETATM 1516 C C4  . 5T4 C 2 .   ? -1.357  5.296   1.695   1.00 24.31 ? 302 5T4 A C4  1 
HETATM 1517 C C5  . 5T4 C 2 .   ? -1.968  4.401   0.604   1.00 24.03 ? 302 5T4 A C5  1 
HETATM 1518 C C6  . 5T4 C 2 .   ? -2.950  5.183   -0.288  1.00 23.36 ? 302 5T4 A C6  1 
HETATM 1519 C C8  . 5T4 C 2 .   ? -1.639  7.228   0.097   1.00 23.52 ? 302 5T4 A C8  1 
HETATM 1520 C C9  . 5T4 C 2 .   ? -3.551  4.267   -1.358  1.00 23.66 ? 302 5T4 A C9  1 
HETATM 1521 C C10 . 5T4 C 2 .   ? -4.398  2.259   -0.169  1.00 23.36 ? 302 5T4 A C10 1 
HETATM 1522 C C13 . 5T4 C 2 .   ? -3.537  -1.164  0.472   1.00 23.61 ? 302 5T4 A C13 1 
HETATM 1523 C C14 . 5T4 C 2 .   ? -3.038  0.196   -0.075  1.00 23.56 ? 302 5T4 A C14 1 
HETATM 1524 O O   . 5T4 C 2 .   ? -5.373  2.866   0.302   1.00 24.62 ? 302 5T4 A O   1 
HETATM 1525 N N4  . 5T4 C 2 .   ? -4.186  1.016   0.274   1.00 22.21 ? 302 5T4 A N4  1 
HETATM 1526 C C12 . 5T4 C 2 .   ? -4.313  -0.770  1.730   1.00 22.94 ? 302 5T4 A C12 1 
HETATM 1527 C C11 . 5T4 C 2 .   ? -5.134  0.436   1.293   1.00 23.52 ? 302 5T4 A C11 1 
HETATM 1528 N N3  . 5T4 C 2 .   ? -3.551  2.809   -1.057  1.00 22.36 ? 302 5T4 A N3  1 
HETATM 1529 C C7  . 5T4 C 2 .   ? -2.209  6.350   -1.011  1.00 20.82 ? 302 5T4 A C7  1 
HETATM 1530 N N2  . 5T4 C 2 .   ? -0.744  6.288   0.799   1.00 25.72 ? 302 5T4 A N2  1 
HETATM 1531 N N1  . 5T4 C 2 .   ? 1.092   6.945   -0.588  1.00 24.71 ? 302 5T4 A N1  1 
HETATM 1532 C C   . 5T4 C 2 .   ? 2.380   6.797   -0.980  1.00 25.91 ? 302 5T4 A C   1 
HETATM 1533 N N   . 5T4 C 2 .   ? 1.328   5.114   0.948   1.00 26.34 ? 302 5T4 A N   1 
HETATM 1534 S S   . SO4 D 3 .   ? -4.966  -23.686 -12.666 1.00 66.55 ? 303 SO4 A S   1 
HETATM 1535 O O1  . SO4 D 3 .   ? -3.799  -22.998 -12.080 1.00 67.77 ? 303 SO4 A O1  1 
HETATM 1536 O O2  . SO4 D 3 .   ? -4.708  -23.612 -14.137 1.00 73.29 ? 303 SO4 A O2  1 
HETATM 1537 O O3  . SO4 D 3 .   ? -5.015  -25.083 -12.155 1.00 73.11 ? 303 SO4 A O3  1 
HETATM 1538 O O4  . SO4 D 3 .   ? -6.287  -23.091 -12.307 1.00 62.36 ? 303 SO4 A O4  1 
HETATM 1539 O O   . HOH E 4 .   ? -6.554  -5.489  -28.591 1.00 38.82 ? 401 HOH A O   1 
HETATM 1540 O O   . HOH E 4 .   ? -11.467 -5.695  5.228   1.00 45.31 ? 402 HOH A O   1 
HETATM 1541 O O   . HOH E 4 .   ? 0.106   -5.019  -21.831 1.00 37.14 ? 403 HOH A O   1 
HETATM 1542 O O   . HOH E 4 .   ? -10.809 -1.977  -21.443 1.00 29.71 ? 404 HOH A O   1 
HETATM 1543 O O   . HOH E 4 .   ? -17.003 3.107   1.939   1.00 30.65 ? 405 HOH A O   1 
HETATM 1544 O O   . HOH E 4 .   ? 0.735   -18.743 -4.401  1.00 79.19 ? 406 HOH A O   1 
HETATM 1545 O O   . HOH E 4 .   ? -2.845  -13.152 5.191   1.00 23.28 ? 407 HOH A O   1 
HETATM 1546 O O   . HOH E 4 .   ? 4.593   13.025  22.355  1.00 39.03 ? 408 HOH A O   1 
HETATM 1547 O O   . HOH E 4 .   ? 6.866   2.043   8.760   1.00 53.06 ? 409 HOH A O   1 
HETATM 1548 O O   . HOH E 4 .   ? -4.266  5.554   -7.117  1.00 26.19 ? 410 HOH A O   1 
HETATM 1549 O O   . HOH E 4 .   ? 10.969  0.037   3.948   1.00 46.00 ? 411 HOH A O   1 
HETATM 1550 O O   . HOH E 4 .   ? 3.938   -10.409 -20.852 1.00 37.57 ? 412 HOH A O   1 
HETATM 1551 O O   . HOH E 4 .   ? 1.645   -25.791 -3.113  1.00 41.52 ? 413 HOH A O   1 
HETATM 1552 O O   . HOH E 4 .   ? -7.771  8.857   5.711   1.00 35.57 ? 414 HOH A O   1 
HETATM 1553 O O   . HOH E 4 .   ? 3.116   -4.346  -18.886 1.00 23.48 ? 415 HOH A O   1 
HETATM 1554 O O   . HOH E 4 .   ? -7.767  -12.079 -20.234 1.00 21.36 ? 416 HOH A O   1 
HETATM 1555 O O   . HOH E 4 .   ? -1.556  8.848   -6.431  1.00 30.16 ? 417 HOH A O   1 
HETATM 1556 O O   . HOH E 4 .   ? -11.808 -16.332 -3.697  1.00 27.23 ? 418 HOH A O   1 
HETATM 1557 O O   . HOH E 4 .   ? -9.489  -11.463 3.903   1.00 19.50 ? 419 HOH A O   1 
HETATM 1558 O O   . HOH E 4 .   ? 1.566   1.211   -15.807 1.00 19.70 ? 420 HOH A O   1 
HETATM 1559 O O   . HOH E 4 .   ? -8.773  -15.373 -26.876 1.00 37.77 ? 421 HOH A O   1 
HETATM 1560 O O   . HOH E 4 .   ? -1.792  1.609   12.835  1.00 37.05 ? 422 HOH A O   1 
HETATM 1561 O O   . HOH E 4 .   ? 15.720  19.881  8.024   1.00 38.63 ? 423 HOH A O   1 
HETATM 1562 O O   . HOH E 4 .   ? 10.690  5.118   -2.945  1.00 37.37 ? 424 HOH A O   1 
HETATM 1563 O O   . HOH E 4 .   ? 0.431   2.542   11.155  1.00 26.34 ? 425 HOH A O   1 
HETATM 1564 O O   . HOH E 4 .   ? -14.128 -3.079  1.550   1.00 22.44 ? 426 HOH A O   1 
HETATM 1565 O O   . HOH E 4 .   ? -4.205  -9.237  -25.244 1.00 45.31 ? 427 HOH A O   1 
HETATM 1566 O O   . HOH E 4 .   ? -4.318  15.516  9.552   1.00 44.73 ? 428 HOH A O   1 
HETATM 1567 O O   . HOH E 4 .   ? 6.733   3.495   -12.143 1.00 31.83 ? 429 HOH A O   1 
HETATM 1568 O O   . HOH E 4 .   ? -14.253 -3.249  7.633   1.00 39.45 ? 430 HOH A O   1 
HETATM 1569 O O   . HOH E 4 .   ? -2.203  12.925  6.992   1.00 28.34 ? 431 HOH A O   1 
HETATM 1570 O O   . HOH E 4 .   ? 6.441   -3.518  -13.543 1.00 35.95 ? 432 HOH A O   1 
HETATM 1571 O O   . HOH E 4 .   ? -8.546  4.759   -2.851  1.00 25.94 ? 433 HOH A O   1 
HETATM 1572 O O   . HOH E 4 .   ? -17.935 4.996   6.907   1.00 46.69 ? 434 HOH A O   1 
HETATM 1573 O O   . HOH E 4 .   ? -13.086 -9.192  9.694   1.00 23.57 ? 435 HOH A O   1 
HETATM 1574 O O   . HOH E 4 .   ? -2.043  -1.495  11.758  1.00 27.65 ? 436 HOH A O   1 
HETATM 1575 O O   . HOH E 4 .   ? 8.677   19.445  4.258   1.00 50.63 ? 437 HOH A O   1 
HETATM 1576 O O   . HOH E 4 .   ? 18.684  16.727  7.508   1.00 52.83 ? 438 HOH A O   1 
HETATM 1577 O O   . HOH E 4 .   ? 11.231  -1.189  -3.572  1.00 44.25 ? 439 HOH A O   1 
HETATM 1578 O O   . HOH E 4 .   ? 7.022   7.349   21.058  1.00 51.48 ? 440 HOH A O   1 
HETATM 1579 O O   . HOH E 4 .   ? -5.084  2.227   -22.556 0.50 30.03 ? 441 HOH A O   1 
HETATM 1580 O O   . HOH E 4 .   ? -3.853  8.003   11.141  1.00 32.34 ? 442 HOH A O   1 
HETATM 1581 O O   . HOH E 4 .   ? 2.488   19.324  -2.539  1.00 49.39 ? 443 HOH A O   1 
HETATM 1582 O O   . HOH E 4 .   ? 19.480  21.627  15.495  1.00 21.99 ? 444 HOH A O   1 
HETATM 1583 O O   . HOH E 4 .   ? -13.874 -17.790 -7.937  1.00 52.01 ? 445 HOH A O   1 
HETATM 1584 O O   . HOH E 4 .   ? -3.978  -6.459  -24.265 1.00 32.29 ? 446 HOH A O   1 
HETATM 1585 O O   . HOH E 4 .   ? -15.421 -18.339 -19.330 1.00 50.02 ? 447 HOH A O   1 
HETATM 1586 O O   . HOH E 4 .   ? 12.287  22.133  22.375  1.00 34.87 ? 448 HOH A O   1 
HETATM 1587 O O   . HOH E 4 .   ? -7.409  4.738   -0.637  1.00 33.12 ? 449 HOH A O   1 
HETATM 1588 O O   . HOH E 4 .   ? -10.836 -13.641 2.683   1.00 18.99 ? 450 HOH A O   1 
HETATM 1589 O O   . HOH E 4 .   ? 5.763   20.717  10.689  1.00 30.38 ? 451 HOH A O   1 
HETATM 1590 O O   . HOH E 4 .   ? -2.822  -4.111  -22.917 1.00 32.94 ? 452 HOH A O   1 
HETATM 1591 O O   . HOH E 4 .   ? -8.445  15.740  -2.034  1.00 65.90 ? 453 HOH A O   1 
HETATM 1592 O O   . HOH E 4 .   ? -3.742  12.612  9.005   1.00 34.23 ? 454 HOH A O   1 
HETATM 1593 O O   . HOH E 4 .   ? 17.905  17.113  21.746  1.00 27.21 ? 455 HOH A O   1 
HETATM 1594 O O   . HOH E 4 .   ? -20.851 -3.367  4.874   1.00 42.30 ? 456 HOH A O   1 
HETATM 1595 O O   . HOH E 4 .   ? -6.001  16.793  2.383   1.00 66.97 ? 457 HOH A O   1 
HETATM 1596 O O   . HOH E 4 .   ? -17.674 -4.441  7.078   1.00 41.97 ? 458 HOH A O   1 
HETATM 1597 O O   . HOH E 4 .   ? 3.990   15.640  2.058   1.00 55.05 ? 459 HOH A O   1 
HETATM 1598 O O   . HOH E 4 .   ? -7.390  2.210   5.600   1.00 40.53 ? 460 HOH A O   1 
HETATM 1599 O O   . HOH E 4 .   ? -3.571  -2.494  -22.853 1.00 27.39 ? 461 HOH A O   1 
HETATM 1600 O O   . HOH E 4 .   ? -13.795 -5.317  8.960   1.00 41.66 ? 462 HOH A O   1 
HETATM 1601 O O   . HOH E 4 .   ? 18.514  19.276  8.363   1.00 59.09 ? 463 HOH A O   1 
HETATM 1602 O O   . HOH E 4 .   ? 11.302  -9.333  0.680   1.00 57.95 ? 464 HOH A O   1 
HETATM 1603 O O   . HOH E 4 .   ? 1.855   4.846   20.239  1.00 51.09 ? 465 HOH A O   1 
HETATM 1604 O O   . HOH E 4 .   ? 21.599  6.368   10.594  1.00 64.51 ? 466 HOH A O   1 
HETATM 1605 O O   . HOH E 4 .   ? 4.276   -14.890 -8.291  1.00 43.29 ? 467 HOH A O   1 
HETATM 1606 O O   . HOH E 4 .   ? -1.210  21.544  10.375  1.00 54.96 ? 468 HOH A O   1 
HETATM 1607 O O   . HOH E 4 .   ? -10.048 5.599   0.003   1.00 39.16 ? 469 HOH A O   1 
HETATM 1608 O O   . HOH E 4 .   ? -8.228  3.208   7.408   1.00 63.44 ? 470 HOH A O   1 
HETATM 1609 O O   . HOH E 4 .   ? -4.197  -7.310  8.148   1.00 49.89 ? 471 HOH A O   1 
HETATM 1610 O O   . HOH E 4 .   ? 4.872   -20.376 -10.882 1.00 62.19 ? 472 HOH A O   1 
HETATM 1611 O O   . HOH E 4 .   ? -8.242  9.134   -3.996  1.00 54.31 ? 473 HOH A O   1 
HETATM 1612 O O   . HOH E 4 .   ? -5.222  -6.449  -26.113 1.00 41.68 ? 474 HOH A O   1 
HETATM 1613 O O   . HOH E 4 .   ? -10.933 6.847   -2.309  0.50 24.54 ? 475 HOH A O   1 
HETATM 1614 O O   . HOH E 4 .   ? -11.751 -17.172 -6.173  1.00 39.40 ? 476 HOH A O   1 
HETATM 1615 O O   . HOH E 4 .   ? 5.774   -6.141  -8.798  1.00 46.69 ? 477 HOH A O   1 
HETATM 1616 O O   . HOH E 4 .   ? -5.073  10.502  9.555   1.00 36.13 ? 478 HOH A O   1 
HETATM 1617 O O   . HOH E 4 .   ? 6.498   -5.382  -15.855 1.00 55.11 ? 479 HOH A O   1 
HETATM 1618 O O   . HOH E 4 .   ? 16.303  17.578  7.225   1.00 49.50 ? 480 HOH A O   1 
HETATM 1619 O O   . HOH E 4 .   ? 16.952  22.251  23.786  1.00 31.39 ? 481 HOH A O   1 
HETATM 1620 O O   . HOH E 4 .   ? 3.248   -11.527 2.978   1.00 44.89 ? 482 HOH A O   1 
HETATM 1621 O O   . HOH E 4 .   ? -0.233  3.037   -15.292 1.00 37.73 ? 483 HOH A O   1 
HETATM 1622 O O   . HOH E 4 .   ? 4.265   8.096   21.146  1.00 47.83 ? 484 HOH A O   1 
HETATM 1623 O O   . HOH E 4 .   ? 0.927   -19.227 -10.294 1.00 37.24 ? 485 HOH A O   1 
HETATM 1624 O O   . HOH E 4 .   ? -7.766  -12.955 5.340   1.00 34.23 ? 486 HOH A O   1 
HETATM 1625 O O   . HOH E 4 .   ? -10.133 -9.882  11.339  1.00 49.46 ? 487 HOH A O   1 
HETATM 1626 O O   . HOH E 4 .   ? 6.123   -10.844 -16.114 1.00 50.26 ? 488 HOH A O   1 
HETATM 1627 O O   . HOH E 4 .   ? -8.750  19.473  -5.073  1.00 50.09 ? 489 HOH A O   1 
HETATM 1628 O O   . HOH E 4 .   ? 22.752  17.189  16.171  1.00 56.27 ? 490 HOH A O   1 
# 
